data_8YGH
#
_entry.id   8YGH
#
_cell.length_a   1.00
_cell.length_b   1.00
_cell.length_c   1.00
_cell.angle_alpha   90.00
_cell.angle_beta   90.00
_cell.angle_gamma   90.00
#
_symmetry.space_group_name_H-M   'P 1'
#
_entity_poly.entity_id   1
_entity_poly.type   'polypeptide(L)'
_entity_poly.pdbx_seq_one_letter_code
;METFEISDFKEHAKKKSMWAGALNKVTISGLMGVFTEDEDLMALPIHRDHCPALLKIFDELIVNATDHERACHNKTKKVT
YIKISFDKGVFSCENDGPGIPIVKHEQASLIAKRDVYVPEVASCYFLAGTNINKAKDCIKGGTNGVGLKLAMVHSQWAIL
TTADGSQKYVQHINQRLDNIEPPTITPSREMFTRIELMPVYQELGYAQPLSETEQADLSAWIYLRACQCAAYVGKGTTIY
YNDKPCSTSSVMALAKMYTLVTAPNSTIYTATIKADAKPYSLHPLQVAAVVSPKFKKFEHVSIINGVNCVKGEHVTFLKK
AINEMVVKKFQQTIKDKNRKTTLRDSCSNIFVVIVGSIPGIEWTGQRKDELSIAENVFKTHYSIPSSFLTSMTRSIVDIL
LQSISKKDNHKQIDVDKYTRARNAGGKKAQDCMLLAAEGDSALSLLRAGLTLGKSNPSGPSFDFCGMISLGGVIMNACKK
VTNITTDSGETIMVRNEQLTNNKVLQGIVQVLGLDFNCHYKTQEERAKLRYGCIVACVDQDLDGCGKILGLLLAYFHLFW
PQLIVHGFVKRLLTPLIRVYEKGNTVPVEFYYEQEFDAWAKKQTSLANHTVKYYKGLAAHDTHEVKSMFKHFDKMVYTFT
LDDSAKELFHIYFGGESELRKRELCTGVVPLTETQTQSIHSVRRIPCSLHLQVDTKAYKLDAIERQIPNFLDGMTRARRK
ILAGGLKCFASNNRERKVFQFGGYVADHMFYHHGDMSLNTSIIKAAQYYPGSSHLYPVFIGIGSFGSRHLGGKDAGSPRY
ISVQLASEFIKTMFPTEDSWLLPYVFEDGQRAEPEYYVPVLPLAIMEYGANPSEGWKYTTWARQLEDILALVRAYVDKNN
PKHELLHYAIDHKITVLPLRPSNYNFKGHLKRFGQYYYSYGTYVVSEQRNMITITELPLRVPTVAYIESIKKSSNRMAFI
EEIVDYSSSETIEILVKLKPNSLSRIMEEFKETEEQNSIENFLRLRNCLHSHLNFVKPKGGIIEFNSYYEILYAWLPYRR
DLYQKRLMRERAVLKLRLIMETAIVRYINESADLNLSHYEDEKEAGRILSEHGFPPLNQSLITSPEFATIEELNQKALQG
CYTYILSLQARELLIAAKTRRVEKIKKMQARLDKVEQLLQESPFPGASVWLEEIDAVEKAIIKGRNTQWKFH
;
_entity_poly.pdbx_strand_id   A,B
#
# COMPACT_ATOMS: atom_id res chain seq x y z
N ASP A 414 17.43 -10.82 34.48
CA ASP A 414 16.71 -9.67 35.00
C ASP A 414 16.08 -8.85 33.88
N VAL A 415 16.66 -7.68 33.61
CA VAL A 415 16.15 -6.81 32.56
C VAL A 415 16.38 -7.45 31.20
N ASP A 416 15.35 -7.42 30.35
CA ASP A 416 15.42 -8.14 29.08
C ASP A 416 16.42 -7.53 28.13
N LYS A 417 16.38 -6.20 27.95
CA LYS A 417 17.18 -5.55 26.92
C LYS A 417 18.12 -4.52 27.51
N TYR A 418 18.82 -4.87 28.59
CA TYR A 418 19.74 -3.97 29.26
C TYR A 418 21.16 -4.46 29.01
N THR A 419 21.99 -3.57 28.45
CA THR A 419 23.41 -3.85 28.23
C THR A 419 24.21 -2.97 29.19
N ARG A 420 24.71 -3.59 30.26
CA ARG A 420 25.38 -2.84 31.31
C ARG A 420 26.71 -2.28 30.81
N ALA A 421 27.04 -1.07 31.27
CA ALA A 421 28.35 -0.50 31.01
C ALA A 421 29.40 -1.18 31.88
N ARG A 422 30.64 -1.15 31.40
CA ARG A 422 31.73 -1.80 32.14
C ARG A 422 31.95 -1.15 33.50
N ASN A 423 31.91 0.18 33.55
CA ASN A 423 32.12 0.92 34.79
C ASN A 423 30.83 1.28 35.50
N ALA A 424 29.69 0.78 35.02
CA ALA A 424 28.41 1.08 35.64
C ALA A 424 28.32 0.50 37.04
N GLY A 425 27.83 1.29 37.98
CA GLY A 425 27.67 0.83 39.34
C GLY A 425 28.95 0.74 40.15
N GLY A 426 30.04 1.28 39.63
CA GLY A 426 31.31 1.22 40.33
C GLY A 426 31.82 2.59 40.76
N LYS A 427 33.14 2.74 40.78
CA LYS A 427 33.75 4.01 41.18
C LYS A 427 33.57 5.11 40.15
N LYS A 428 33.19 4.76 38.92
CA LYS A 428 32.98 5.73 37.85
C LYS A 428 31.53 5.75 37.40
N ALA A 429 30.61 5.52 38.34
CA ALA A 429 29.19 5.51 37.99
C ALA A 429 28.72 6.88 37.54
N GLN A 430 29.21 7.94 38.18
CA GLN A 430 28.79 9.29 37.80
C GLN A 430 29.21 9.63 36.38
N ASP A 431 30.31 9.06 35.90
CA ASP A 431 30.71 9.25 34.51
C ASP A 431 29.97 8.35 33.55
N CYS A 432 29.26 7.33 34.05
CA CYS A 432 28.52 6.41 33.20
C CYS A 432 27.12 6.97 32.91
N MET A 433 26.72 6.88 31.66
CA MET A 433 25.42 7.35 31.21
C MET A 433 24.63 6.19 30.60
N LEU A 434 23.31 6.26 30.72
CA LEU A 434 22.41 5.23 30.22
C LEU A 434 21.62 5.78 29.05
N LEU A 435 21.64 5.06 27.93
CA LEU A 435 20.91 5.45 26.74
C LEU A 435 19.64 4.62 26.64
N ALA A 436 18.50 5.30 26.66
CA ALA A 436 17.19 4.64 26.58
C ALA A 436 16.66 4.78 25.16
N ALA A 437 16.31 3.64 24.56
CA ALA A 437 15.78 3.60 23.20
C ALA A 437 14.37 3.07 23.20
N GLU A 438 13.56 3.56 22.27
CA GLU A 438 12.16 3.12 22.19
C GLU A 438 12.05 1.72 21.61
N GLY A 439 12.51 1.54 20.37
CA GLY A 439 12.43 0.28 19.67
C GLY A 439 13.78 -0.39 19.48
N ASP A 440 13.75 -1.50 18.75
CA ASP A 440 14.97 -2.24 18.48
C ASP A 440 15.85 -1.54 17.45
N SER A 441 15.24 -0.74 16.57
CA SER A 441 16.03 0.00 15.58
C SER A 441 16.95 1.01 16.24
N ALA A 442 16.42 1.77 17.21
CA ALA A 442 17.25 2.72 17.94
C ALA A 442 18.32 2.01 18.75
N LEU A 443 17.99 0.85 19.32
CA LEU A 443 18.98 0.07 20.04
C LEU A 443 20.11 -0.38 19.12
N SER A 444 19.76 -0.83 17.91
CA SER A 444 20.78 -1.24 16.95
C SER A 444 21.64 -0.07 16.54
N LEU A 445 21.02 1.10 16.31
CA LEU A 445 21.80 2.29 15.98
C LEU A 445 22.77 2.66 17.10
N LEU A 446 22.30 2.61 18.35
CA LEU A 446 23.16 2.92 19.48
C LEU A 446 24.30 1.92 19.59
N ARG A 447 24.00 0.63 19.39
CA ARG A 447 25.05 -0.38 19.45
C ARG A 447 26.08 -0.17 18.35
N ALA A 448 25.64 0.18 17.14
CA ALA A 448 26.57 0.46 16.07
C ALA A 448 27.45 1.67 16.38
N GLY A 449 26.84 2.72 16.94
CA GLY A 449 27.61 3.92 17.27
C GLY A 449 28.60 3.69 18.40
N LEU A 450 28.21 2.93 19.41
CA LEU A 450 29.03 2.72 20.60
C LEU A 450 30.21 1.80 20.37
N THR A 451 30.22 1.03 19.27
CA THR A 451 31.22 0.00 19.05
C THR A 451 32.24 0.38 17.98
N LEU A 452 32.52 1.67 17.82
CA LEU A 452 33.55 2.11 16.89
C LEU A 452 34.91 2.02 17.56
N GLY A 453 35.57 0.87 17.43
CA GLY A 453 36.87 0.64 18.04
C GLY A 453 37.98 1.07 17.08
N LYS A 454 38.88 1.90 17.60
CA LYS A 454 40.00 2.50 16.88
C LYS A 454 39.55 3.50 15.82
N SER A 455 38.24 3.66 15.61
CA SER A 455 37.69 4.70 14.76
C SER A 455 36.84 5.61 15.63
N ASN A 456 36.95 6.91 15.43
CA ASN A 456 36.35 7.90 16.31
C ASN A 456 36.84 7.65 17.74
N PRO A 457 38.12 7.90 18.01
CA PRO A 457 38.65 7.62 19.36
C PRO A 457 38.13 8.62 20.38
N SER A 458 38.23 8.22 21.64
CA SER A 458 37.79 9.00 22.80
C SER A 458 36.31 9.33 22.77
N GLY A 459 35.54 8.67 21.91
CA GLY A 459 34.12 8.87 21.85
C GLY A 459 33.39 7.96 22.82
N PRO A 460 32.06 7.93 22.73
CA PRO A 460 31.29 7.05 23.61
C PRO A 460 31.55 5.59 23.29
N SER A 461 31.47 4.77 24.33
CA SER A 461 31.69 3.33 24.21
C SER A 461 31.03 2.64 25.39
N PHE A 462 31.11 1.31 25.41
CA PHE A 462 30.50 0.53 26.48
C PHE A 462 31.22 0.70 27.81
N ASP A 463 32.39 1.33 27.82
CA ASP A 463 33.09 1.58 29.08
C ASP A 463 32.28 2.50 29.99
N PHE A 464 31.62 3.52 29.43
CA PHE A 464 30.88 4.49 30.21
C PHE A 464 29.48 4.74 29.67
N CYS A 465 28.96 3.86 28.82
CA CYS A 465 27.63 4.03 28.26
C CYS A 465 26.91 2.69 28.26
N GLY A 466 25.83 2.60 29.05
CA GLY A 466 24.96 1.45 29.03
C GLY A 466 23.76 1.68 28.14
N MET A 467 23.07 0.61 27.80
CA MET A 467 21.91 0.66 26.92
C MET A 467 20.70 0.03 27.59
N ILE A 468 19.52 0.57 27.28
CA ILE A 468 18.25 0.02 27.75
C ILE A 468 17.17 0.36 26.74
N SER A 469 16.10 -0.43 26.74
CA SER A 469 15.02 -0.29 25.78
C SER A 469 13.73 0.11 26.48
N LEU A 470 12.98 1.01 25.84
CA LEU A 470 11.68 1.45 26.34
C LEU A 470 10.60 0.64 25.62
N GLY A 471 10.41 -0.59 26.08
CA GLY A 471 9.43 -1.48 25.47
C GLY A 471 7.99 -1.02 25.65
N ASN A 496 -2.54 7.08 38.71
CA ASN A 496 -1.21 6.80 38.19
C ASN A 496 -0.59 5.59 38.89
N GLU A 497 -1.45 4.73 39.46
CA GLU A 497 -0.98 3.53 40.12
C GLU A 497 -0.41 2.53 39.12
N GLN A 498 -0.90 2.55 37.88
CA GLN A 498 -0.40 1.64 36.86
C GLN A 498 1.08 1.88 36.56
N LEU A 499 1.54 3.13 36.68
CA LEU A 499 2.94 3.44 36.44
C LEU A 499 3.87 2.75 37.43
N THR A 500 3.36 2.38 38.61
CA THR A 500 4.21 1.72 39.60
C THR A 500 4.59 0.30 39.17
N ASN A 501 3.65 -0.42 38.55
CA ASN A 501 3.86 -1.81 38.20
C ASN A 501 4.24 -2.00 36.73
N ASN A 502 4.60 -0.92 36.03
CA ASN A 502 5.03 -1.04 34.65
C ASN A 502 6.35 -1.79 34.59
N LYS A 503 6.42 -2.82 33.74
CA LYS A 503 7.61 -3.66 33.68
C LYS A 503 8.83 -2.88 33.17
N VAL A 504 8.63 -2.05 32.14
CA VAL A 504 9.74 -1.30 31.59
C VAL A 504 10.30 -0.32 32.62
N LEU A 505 9.40 0.41 33.30
CA LEU A 505 9.84 1.35 34.32
C LEU A 505 10.45 0.64 35.52
N GLN A 506 9.92 -0.54 35.88
CA GLN A 506 10.54 -1.31 36.95
C GLN A 506 11.96 -1.74 36.58
N GLY A 507 12.15 -2.18 35.33
CA GLY A 507 13.49 -2.50 34.89
C GLY A 507 14.41 -1.28 34.90
N ILE A 508 13.88 -0.12 34.52
CA ILE A 508 14.68 1.09 34.50
C ILE A 508 15.12 1.47 35.90
N VAL A 509 14.19 1.45 36.86
CA VAL A 509 14.54 1.83 38.22
C VAL A 509 15.49 0.81 38.83
N GLN A 510 15.31 -0.48 38.51
CA GLN A 510 16.25 -1.48 38.98
C GLN A 510 17.65 -1.26 38.41
N VAL A 511 17.74 -0.89 37.13
CA VAL A 511 19.04 -0.65 36.52
C VAL A 511 19.71 0.57 37.14
N LEU A 512 18.97 1.66 37.29
CA LEU A 512 19.52 2.89 37.83
C LEU A 512 19.66 2.87 39.35
N GLY A 513 19.04 1.91 40.03
CA GLY A 513 19.10 1.88 41.47
C GLY A 513 18.32 2.98 42.16
N LEU A 514 17.33 3.55 41.48
CA LEU A 514 16.55 4.63 42.07
C LEU A 514 15.69 4.13 43.22
N ASP A 515 15.41 5.04 44.15
CA ASP A 515 14.57 4.73 45.31
C ASP A 515 13.37 5.66 45.28
N PHE A 516 12.17 5.08 45.32
CA PHE A 516 10.94 5.88 45.21
C PHE A 516 10.77 6.81 46.40
N ASN A 517 11.01 6.31 47.61
CA ASN A 517 10.78 7.11 48.81
C ASN A 517 11.80 8.26 48.92
N CYS A 518 13.05 8.00 48.57
CA CYS A 518 14.10 9.00 48.70
C CYS A 518 14.00 10.05 47.61
N HIS A 519 14.16 11.31 48.00
CA HIS A 519 14.19 12.43 47.07
C HIS A 519 15.65 12.83 46.88
N TYR A 520 16.14 12.72 45.64
CA TYR A 520 17.54 12.99 45.33
C TYR A 520 17.77 14.50 45.23
N LYS A 521 17.71 15.14 46.40
CA LYS A 521 17.91 16.58 46.48
C LYS A 521 19.35 16.97 46.79
N THR A 522 20.13 16.08 47.40
CA THR A 522 21.51 16.36 47.76
C THR A 522 22.46 15.60 46.84
N GLN A 523 23.64 16.18 46.63
CA GLN A 523 24.63 15.55 45.76
C GLN A 523 25.11 14.22 46.32
N GLU A 524 25.29 14.14 47.63
CA GLU A 524 25.79 12.92 48.24
C GLU A 524 24.83 11.75 48.02
N GLU A 525 23.52 11.99 48.13
CA GLU A 525 22.55 10.94 47.87
C GLU A 525 22.32 10.72 46.38
N ARG A 526 22.71 11.68 45.53
CA ARG A 526 22.60 11.51 44.09
C ARG A 526 23.70 10.62 43.52
N ALA A 527 24.81 10.46 44.25
CA ALA A 527 25.91 9.63 43.78
C ALA A 527 25.65 8.14 43.96
N LYS A 528 24.63 7.76 44.72
CA LYS A 528 24.31 6.35 44.91
C LYS A 528 23.74 5.71 43.65
N LEU A 529 23.33 6.50 42.67
CA LEU A 529 22.78 5.94 41.44
C LEU A 529 23.87 5.24 40.64
N ARG A 530 23.49 4.13 39.99
CA ARG A 530 24.45 3.35 39.23
C ARG A 530 24.90 4.05 37.95
N TYR A 531 24.18 5.08 37.51
CA TYR A 531 24.53 5.82 36.31
C TYR A 531 24.49 7.31 36.62
N GLY A 532 25.40 8.05 35.98
CA GLY A 532 25.44 9.49 36.16
C GLY A 532 24.22 10.20 35.61
N CYS A 533 23.71 9.74 34.47
CA CYS A 533 22.53 10.34 33.86
C CYS A 533 21.89 9.32 32.95
N ILE A 534 20.63 9.57 32.61
CA ILE A 534 19.88 8.74 31.66
C ILE A 534 19.58 9.58 30.44
N VAL A 535 19.92 9.06 29.26
CA VAL A 535 19.77 9.77 28.00
C VAL A 535 18.73 9.04 27.16
N ALA A 536 17.75 9.78 26.66
CA ALA A 536 16.72 9.23 25.79
C ALA A 536 17.10 9.48 24.34
N CYS A 537 17.27 8.40 23.58
CA CYS A 537 17.57 8.45 22.16
C CYS A 537 16.29 8.06 21.44
N VAL A 538 15.53 9.07 21.02
CA VAL A 538 14.18 8.88 20.51
C VAL A 538 14.03 9.55 19.16
N ASP A 539 12.98 9.16 18.44
CA ASP A 539 12.67 9.76 17.16
C ASP A 539 12.12 11.17 17.34
N GLN A 540 11.98 11.87 16.21
CA GLN A 540 11.47 13.24 16.23
C GLN A 540 10.26 13.39 15.32
N ASP A 541 9.33 12.45 15.39
CA ASP A 541 8.15 12.42 14.53
C ASP A 541 6.89 12.23 15.37
N LEU A 542 6.77 13.00 16.45
CA LEU A 542 5.62 13.05 17.35
C LEU A 542 5.41 11.75 18.12
N ASP A 543 6.23 10.73 17.90
CA ASP A 543 6.15 9.48 18.65
C ASP A 543 7.34 9.30 19.58
N GLY A 544 8.55 9.41 19.06
CA GLY A 544 9.72 9.43 19.93
C GLY A 544 9.74 10.66 20.83
N CYS A 545 9.40 11.81 20.27
CA CYS A 545 9.31 13.05 21.02
C CYS A 545 7.85 13.32 21.39
N GLY A 546 7.61 13.63 22.67
CA GLY A 546 6.28 13.96 23.11
C GLY A 546 5.49 12.79 23.65
N LYS A 547 5.38 11.72 22.87
CA LYS A 547 4.58 10.58 23.28
C LYS A 547 5.24 9.82 24.43
N ILE A 548 6.43 9.27 24.18
CA ILE A 548 7.13 8.48 25.18
C ILE A 548 8.25 9.26 25.84
N LEU A 549 8.84 10.24 25.15
CA LEU A 549 9.76 11.14 25.82
C LEU A 549 9.03 12.02 26.83
N GLY A 550 7.88 12.54 26.45
CA GLY A 550 7.05 13.25 27.41
C GLY A 550 6.59 12.37 28.55
N LEU A 551 6.30 11.10 28.24
CA LEU A 551 5.93 10.15 29.30
C LEU A 551 7.07 9.93 30.28
N LEU A 552 8.29 9.78 29.77
CA LEU A 552 9.45 9.62 30.65
C LEU A 552 9.67 10.87 31.49
N LEU A 553 9.54 12.05 30.87
CA LEU A 553 9.72 13.30 31.61
C LEU A 553 8.66 13.44 32.70
N ALA A 554 7.40 13.10 32.39
CA ALA A 554 6.35 13.17 33.38
C ALA A 554 6.58 12.18 34.51
N TYR A 555 7.03 10.97 34.18
CA TYR A 555 7.33 9.97 35.21
C TYR A 555 8.42 10.48 36.15
N PHE A 556 9.50 11.01 35.58
CA PHE A 556 10.59 11.52 36.41
C PHE A 556 10.13 12.70 37.26
N HIS A 557 9.35 13.61 36.67
CA HIS A 557 8.85 14.76 37.42
C HIS A 557 7.94 14.35 38.56
N LEU A 558 7.08 13.35 38.31
CA LEU A 558 6.13 12.92 39.33
C LEU A 558 6.83 12.19 40.47
N PHE A 559 7.82 11.34 40.15
CA PHE A 559 8.41 10.52 41.19
C PHE A 559 9.66 11.15 41.80
N TRP A 560 10.56 11.68 40.98
CA TRP A 560 11.79 12.33 41.45
C TRP A 560 11.94 13.67 40.76
N PRO A 561 11.15 14.67 41.16
CA PRO A 561 11.28 15.99 40.53
C PRO A 561 12.64 16.63 40.72
N GLN A 562 13.36 16.29 41.79
CA GLN A 562 14.69 16.83 42.02
C GLN A 562 15.73 16.27 41.07
N LEU A 563 15.41 15.20 40.33
CA LEU A 563 16.36 14.66 39.38
C LEU A 563 16.49 15.53 38.13
N ILE A 564 15.36 16.03 37.62
CA ILE A 564 15.41 16.86 36.41
C ILE A 564 16.22 18.12 36.67
N VAL A 565 16.03 18.75 37.82
CA VAL A 565 16.87 19.86 38.22
C VAL A 565 18.25 19.31 38.62
N HIS A 566 19.28 20.14 38.38
CA HIS A 566 20.70 19.81 38.52
C HIS A 566 21.15 18.88 37.41
N GLY A 567 20.21 18.35 36.63
CA GLY A 567 20.53 17.61 35.42
C GLY A 567 20.63 16.12 35.63
N PHE A 568 19.61 15.37 35.24
CA PHE A 568 19.71 13.91 35.18
C PHE A 568 19.09 13.30 33.94
N VAL A 569 18.03 13.91 33.43
CA VAL A 569 17.35 13.40 32.26
C VAL A 569 17.85 14.21 31.10
N LYS A 570 18.41 13.53 30.12
CA LYS A 570 18.97 14.21 28.97
C LYS A 570 18.39 13.60 27.74
N ARG A 571 18.46 14.29 26.62
CA ARG A 571 17.99 13.72 25.38
C ARG A 571 19.03 13.77 24.27
N LEU A 572 18.83 12.97 23.23
CA LEU A 572 19.74 12.95 22.09
C LEU A 572 19.08 13.70 20.94
N LEU A 573 19.53 14.93 20.71
CA LEU A 573 18.98 15.78 19.66
C LEU A 573 19.79 15.53 18.38
N THR A 574 19.39 14.51 17.63
CA THR A 574 20.04 14.20 16.37
C THR A 574 19.64 15.22 15.32
N PRO A 575 20.50 15.45 14.32
CA PRO A 575 20.16 16.40 13.25
C PRO A 575 18.89 15.99 12.52
N LEU A 576 17.87 16.85 12.60
CA LEU A 576 16.59 16.55 11.98
C LEU A 576 16.67 16.68 10.46
N ILE A 577 17.34 17.71 9.97
CA ILE A 577 17.42 18.00 8.54
C ILE A 577 18.88 18.12 8.15
N ARG A 578 19.25 17.49 7.03
CA ARG A 578 20.61 17.58 6.52
C ARG A 578 20.58 18.02 5.07
N VAL A 579 21.40 19.02 4.74
CA VAL A 579 21.50 19.55 3.39
C VAL A 579 22.86 19.13 2.83
N TYR A 580 22.85 18.40 1.72
CA TYR A 580 24.05 17.90 1.09
C TYR A 580 24.30 18.64 -0.22
N GLU A 581 25.52 19.11 -0.40
CA GLU A 581 25.93 19.69 -1.67
C GLU A 581 26.80 18.69 -2.42
N LYS A 582 26.47 18.44 -3.68
CA LYS A 582 27.13 17.39 -4.44
C LYS A 582 28.62 17.66 -4.63
N GLY A 583 29.05 18.92 -4.55
CA GLY A 583 30.44 19.29 -4.63
C GLY A 583 31.09 19.61 -3.31
N ASN A 584 30.47 19.26 -2.18
CA ASN A 584 31.02 19.60 -0.87
C ASN A 584 31.12 18.37 0.02
N THR A 585 30.26 17.37 -0.25
CA THR A 585 30.20 16.08 0.43
C THR A 585 30.28 16.17 1.96
N VAL A 586 29.87 17.32 2.51
CA VAL A 586 29.70 17.48 3.95
C VAL A 586 28.39 18.24 4.17
N PRO A 587 27.46 17.70 4.93
CA PRO A 587 26.13 18.32 5.03
C PRO A 587 26.09 19.43 6.07
N VAL A 588 25.07 20.28 5.92
CA VAL A 588 24.71 21.27 6.92
C VAL A 588 23.52 20.72 7.69
N GLU A 589 23.63 20.68 9.02
CA GLU A 589 22.65 20.03 9.87
C GLU A 589 21.84 21.05 10.64
N PHE A 590 20.52 20.90 10.59
CA PHE A 590 19.58 21.72 11.36
C PHE A 590 18.77 20.82 12.26
N TYR A 591 18.73 21.16 13.54
CA TYR A 591 17.99 20.38 14.52
C TYR A 591 16.53 20.80 14.64
N TYR A 592 16.13 21.89 13.99
CA TYR A 592 14.75 22.34 14.01
C TYR A 592 14.36 22.80 12.61
N GLU A 593 13.07 22.68 12.30
CA GLU A 593 12.58 23.09 10.99
C GLU A 593 12.66 24.60 10.80
N GLN A 594 12.51 25.37 11.89
CA GLN A 594 12.60 26.82 11.78
C GLN A 594 13.99 27.25 11.33
N GLU A 595 15.03 26.61 11.85
CA GLU A 595 16.38 26.93 11.43
C GLU A 595 16.58 26.64 9.95
N PHE A 596 16.06 25.51 9.47
CA PHE A 596 16.16 25.19 8.05
C PHE A 596 15.41 26.19 7.20
N ASP A 597 14.23 26.62 7.65
CA ASP A 597 13.48 27.62 6.91
C ASP A 597 14.23 28.95 6.85
N ALA A 598 14.83 29.36 7.97
CA ALA A 598 15.61 30.59 7.98
C ALA A 598 16.81 30.48 7.05
N TRP A 599 17.46 29.32 7.03
CA TRP A 599 18.57 29.10 6.09
C TRP A 599 18.08 29.16 4.65
N ALA A 600 16.90 28.60 4.38
CA ALA A 600 16.35 28.59 3.03
C ALA A 600 15.82 29.96 2.60
N LYS A 601 15.63 30.88 3.55
CA LYS A 601 15.29 32.25 3.16
C LYS A 601 16.42 32.87 2.35
N LYS A 602 17.66 32.70 2.79
CA LYS A 602 18.83 32.97 1.97
C LYS A 602 19.13 31.71 1.15
N GLN A 603 20.32 31.60 0.57
CA GLN A 603 20.69 30.39 -0.19
C GLN A 603 19.51 29.94 -1.01
N THR A 604 18.92 30.85 -1.76
CA THR A 604 17.70 30.56 -2.49
C THR A 604 17.71 29.48 -3.58
N SER A 605 18.79 29.37 -4.33
CA SER A 605 18.78 28.45 -5.47
C SER A 605 18.55 26.95 -5.27
N LEU A 606 19.16 26.32 -4.26
CA LEU A 606 19.08 24.84 -4.10
C LEU A 606 19.48 24.25 -5.43
N ALA A 607 20.20 25.04 -6.23
CA ALA A 607 20.68 24.66 -7.55
C ALA A 607 21.40 23.31 -7.50
N ASN A 608 22.20 23.09 -6.46
CA ASN A 608 22.94 21.84 -6.29
C ASN A 608 22.87 21.33 -4.86
N HIS A 609 21.71 21.39 -4.22
CA HIS A 609 21.53 20.96 -2.84
C HIS A 609 20.42 19.93 -2.75
N THR A 610 20.62 18.93 -1.89
CA THR A 610 19.63 17.90 -1.61
C THR A 610 19.28 17.94 -0.13
N VAL A 611 17.99 17.99 0.18
CA VAL A 611 17.51 18.09 1.54
C VAL A 611 16.99 16.73 1.98
N LYS A 612 17.45 16.25 3.14
CA LYS A 612 17.05 14.97 3.68
C LYS A 612 16.49 15.18 5.09
N TYR A 613 15.32 14.61 5.35
CA TYR A 613 14.67 14.71 6.65
C TYR A 613 14.84 13.40 7.40
N TYR A 614 15.29 13.49 8.65
CA TYR A 614 15.49 12.33 9.50
C TYR A 614 14.55 12.44 10.69
N LYS A 615 13.31 11.99 10.49
CA LYS A 615 12.32 12.02 11.56
C LYS A 615 12.56 10.93 12.59
N GLY A 616 13.02 9.76 12.15
CA GLY A 616 13.32 8.67 13.06
C GLY A 616 14.79 8.37 13.13
N LEU A 617 15.22 7.71 14.21
CA LEU A 617 16.62 7.36 14.34
C LEU A 617 17.08 6.39 13.26
N ALA A 618 16.16 5.57 12.75
CA ALA A 618 16.50 4.58 11.74
C ALA A 618 16.81 5.19 10.38
N ALA A 619 16.55 6.48 10.19
CA ALA A 619 16.77 7.11 8.89
C ALA A 619 18.22 7.48 8.64
N HIS A 620 19.09 7.40 9.65
CA HIS A 620 20.48 7.79 9.49
C HIS A 620 21.29 6.67 8.87
N ASP A 621 22.16 7.03 7.91
CA ASP A 621 23.05 6.07 7.30
C ASP A 621 24.28 5.83 8.18
N THR A 622 25.07 4.84 7.79
CA THR A 622 26.23 4.45 8.61
C THR A 622 27.23 5.58 8.74
N HIS A 623 27.55 6.25 7.63
CA HIS A 623 28.47 7.38 7.70
C HIS A 623 27.87 8.51 8.53
N GLU A 624 26.57 8.75 8.38
CA GLU A 624 25.90 9.73 9.22
C GLU A 624 25.94 9.31 10.69
N VAL A 625 25.78 8.01 10.95
CA VAL A 625 25.80 7.54 12.34
C VAL A 625 27.17 7.78 12.96
N LYS A 626 28.25 7.47 12.22
CA LYS A 626 29.58 7.66 12.79
C LYS A 626 29.91 9.14 12.92
N SER A 627 29.45 9.97 11.97
CA SER A 627 29.66 11.41 12.10
C SER A 627 28.93 11.96 13.32
N MET A 628 27.72 11.47 13.58
CA MET A 628 26.99 11.90 14.77
C MET A 628 27.69 11.44 16.04
N PHE A 629 28.18 10.20 16.06
CA PHE A 629 28.83 9.70 17.26
C PHE A 629 30.21 10.30 17.46
N LYS A 630 30.77 10.95 16.44
CA LYS A 630 31.99 11.73 16.64
C LYS A 630 31.75 12.93 17.55
N HIS A 631 30.54 13.49 17.53
CA HIS A 631 30.19 14.64 18.37
C HIS A 631 29.07 14.31 19.35
N PHE A 632 28.83 13.02 19.58
CA PHE A 632 27.91 12.53 20.60
C PHE A 632 28.03 13.31 21.92
N ASP A 633 29.24 13.73 22.27
CA ASP A 633 29.42 14.51 23.48
C ASP A 633 28.63 15.82 23.44
N LYS A 634 28.58 16.48 22.28
CA LYS A 634 27.84 17.72 22.13
C LYS A 634 26.43 17.51 21.61
N MET A 635 26.04 16.29 21.27
CA MET A 635 24.70 16.02 20.79
C MET A 635 23.67 15.93 21.91
N VAL A 636 24.10 15.79 23.16
CA VAL A 636 23.19 15.58 24.28
C VAL A 636 22.69 16.94 24.78
N TYR A 637 21.42 16.97 25.21
CA TYR A 637 20.80 18.17 25.73
C TYR A 637 20.14 17.86 27.06
N THR A 638 20.38 18.69 28.06
CA THR A 638 19.91 18.44 29.42
C THR A 638 18.63 19.23 29.69
N PHE A 639 17.62 18.56 30.22
CA PHE A 639 16.39 19.22 30.61
C PHE A 639 16.60 19.98 31.92
N THR A 640 15.83 21.05 32.09
CA THR A 640 16.00 21.96 33.23
C THR A 640 14.84 21.98 34.19
N LEU A 641 13.61 21.72 33.73
CA LEU A 641 12.41 21.79 34.56
C LEU A 641 12.26 23.18 35.19
N ASP A 642 12.06 24.17 34.32
CA ASP A 642 11.87 25.54 34.77
C ASP A 642 10.50 25.70 35.41
N ASP A 643 10.19 26.93 35.81
CA ASP A 643 8.90 27.21 36.41
C ASP A 643 7.79 27.10 35.35
N SER A 644 6.56 26.98 35.84
CA SER A 644 5.36 26.80 35.02
C SER A 644 5.38 25.50 34.21
N ALA A 645 6.24 24.55 34.59
CA ALA A 645 6.29 23.25 33.93
C ALA A 645 5.52 22.18 34.68
N LYS A 646 5.42 22.29 36.00
CA LYS A 646 4.64 21.34 36.77
C LYS A 646 3.16 21.39 36.38
N GLU A 647 2.63 22.61 36.21
CA GLU A 647 1.25 22.77 35.76
C GLU A 647 1.06 22.18 34.37
N LEU A 648 2.03 22.40 33.47
CA LEU A 648 1.95 21.80 32.13
C LEU A 648 1.99 20.28 32.20
N PHE A 649 2.85 19.74 33.07
CA PHE A 649 2.89 18.28 33.23
C PHE A 649 1.56 17.74 33.73
N HIS A 650 0.96 18.41 34.71
CA HIS A 650 -0.33 17.97 35.23
C HIS A 650 -1.41 18.06 34.17
N ILE A 651 -1.37 19.12 33.35
CA ILE A 651 -2.37 19.29 32.31
C ILE A 651 -2.25 18.20 31.26
N TYR A 652 -1.02 17.96 30.77
CA TYR A 652 -0.83 17.05 29.65
C TYR A 652 -0.92 15.58 30.05
N PHE A 653 -0.48 15.22 31.25
CA PHE A 653 -0.40 13.82 31.64
C PHE A 653 -1.22 13.47 32.87
N GLY A 654 -1.83 14.44 33.55
CA GLY A 654 -2.65 14.13 34.70
C GLY A 654 -4.02 13.61 34.31
N GLY A 655 -4.76 13.15 35.33
CA GLY A 655 -6.10 12.65 35.10
C GLY A 655 -7.11 13.70 34.74
N GLU A 656 -6.83 14.96 35.08
CA GLU A 656 -7.72 16.05 34.71
C GLU A 656 -7.75 16.23 33.20
N SER A 657 -8.94 16.50 32.66
CA SER A 657 -9.13 16.60 31.22
C SER A 657 -9.68 17.94 30.76
N GLU A 658 -10.39 18.68 31.62
CA GLU A 658 -10.97 19.94 31.19
C GLU A 658 -9.90 20.95 30.78
N LEU A 659 -8.91 21.15 31.64
CA LEU A 659 -7.81 22.05 31.29
C LEU A 659 -6.97 21.49 30.16
N ARG A 660 -6.83 20.16 30.09
CA ARG A 660 -6.14 19.54 28.96
C ARG A 660 -6.84 19.85 27.66
N LYS A 661 -8.18 19.79 27.66
CA LYS A 661 -8.94 20.15 26.47
C LYS A 661 -8.81 21.64 26.16
N ARG A 662 -8.82 22.48 27.19
CA ARG A 662 -8.73 23.92 26.99
C ARG A 662 -7.39 24.29 26.36
N GLU A 663 -6.33 23.58 26.76
CA GLU A 663 -5.00 23.78 26.16
C GLU A 663 -4.99 23.51 24.66
N LEU A 664 -5.85 22.62 24.18
CA LEU A 664 -5.80 22.15 22.81
C LEU A 664 -6.64 22.99 21.85
N CYS A 665 -7.23 24.09 22.31
CA CYS A 665 -8.05 24.92 21.44
C CYS A 665 -7.25 26.01 20.74
N THR A 666 -5.93 26.05 20.90
CA THR A 666 -5.13 27.12 20.32
C THR A 666 -4.09 26.64 19.32
N GLY A 667 -3.84 25.33 19.22
CA GLY A 667 -2.86 24.81 18.31
C GLY A 667 -1.44 24.91 18.85
N VAL A 668 -0.52 24.29 18.14
CA VAL A 668 0.88 24.25 18.54
C VAL A 668 1.62 25.39 17.87
N VAL A 669 2.35 26.16 18.67
CA VAL A 669 3.15 27.29 18.19
C VAL A 669 4.61 26.84 18.17
N PRO A 670 5.28 26.86 17.02
CA PRO A 670 6.68 26.43 16.97
C PRO A 670 7.59 27.39 17.71
N LEU A 671 8.74 26.87 18.12
CA LEU A 671 9.73 27.67 18.83
C LEU A 671 10.24 28.79 17.94
N THR A 672 10.47 29.95 18.54
CA THR A 672 11.02 31.08 17.80
C THR A 672 12.53 30.94 17.65
N GLU A 673 13.11 31.85 16.88
CA GLU A 673 14.56 31.79 16.63
C GLU A 673 15.35 32.01 17.90
N THR A 674 14.89 32.91 18.76
CA THR A 674 15.63 33.21 19.99
C THR A 674 15.68 32.00 20.92
N GLN A 675 14.55 31.29 21.06
CA GLN A 675 14.54 30.12 21.94
C GLN A 675 15.45 29.02 21.42
N THR A 676 15.40 28.76 20.10
CA THR A 676 16.28 27.74 19.53
C THR A 676 17.74 28.14 19.66
N GLN A 677 18.06 29.42 19.44
CA GLN A 677 19.44 29.87 19.59
C GLN A 677 19.92 29.71 21.03
N SER A 678 19.07 30.06 22.01
CA SER A 678 19.44 29.88 23.40
C SER A 678 19.65 28.41 23.74
N ILE A 679 18.76 27.55 23.24
CA ILE A 679 18.88 26.12 23.50
C ILE A 679 20.19 25.58 22.93
N HIS A 680 20.51 25.97 21.70
CA HIS A 680 21.74 25.49 21.07
C HIS A 680 22.98 26.06 21.74
N SER A 681 22.91 27.29 22.24
CA SER A 681 24.08 27.90 22.88
C SER A 681 24.34 27.30 24.25
N VAL A 682 23.29 27.05 25.03
CA VAL A 682 23.45 26.52 26.38
C VAL A 682 23.31 25.01 26.45
N ARG A 683 22.79 24.37 25.40
CA ARG A 683 22.59 22.91 25.36
C ARG A 683 21.69 22.45 26.50
N ARG A 684 20.67 23.25 26.81
CA ARG A 684 19.68 22.90 27.81
C ARG A 684 18.30 23.18 27.25
N ILE A 685 17.39 22.23 27.39
CA ILE A 685 16.03 22.32 26.85
C ILE A 685 15.07 22.46 28.03
N PRO A 686 14.30 23.59 28.12
CA PRO A 686 13.34 23.59 29.24
C PRO A 686 12.22 22.61 29.04
N CYS A 687 11.76 22.00 30.12
CA CYS A 687 10.71 20.99 30.00
C CYS A 687 9.44 21.58 29.44
N SER A 688 9.08 22.78 29.88
CA SER A 688 7.83 23.40 29.44
C SER A 688 7.82 23.55 27.94
N LEU A 689 8.85 24.14 27.38
CA LEU A 689 8.94 24.35 25.94
C LEU A 689 8.87 23.03 25.19
N HIS A 690 9.62 22.03 25.68
CA HIS A 690 9.60 20.71 25.05
C HIS A 690 8.19 20.14 25.02
N LEU A 691 7.50 20.19 26.17
CA LEU A 691 6.12 19.73 26.22
C LEU A 691 5.26 20.46 25.21
N GLN A 692 5.13 21.78 25.37
CA GLN A 692 4.23 22.57 24.54
C GLN A 692 4.55 22.48 23.06
N VAL A 693 5.78 22.10 22.71
CA VAL A 693 6.14 21.99 21.30
C VAL A 693 5.83 20.60 20.75
N ASP A 694 6.23 19.53 21.44
CA ASP A 694 6.09 18.22 20.82
C ASP A 694 4.92 17.40 21.35
N THR A 695 4.65 17.40 22.66
CA THR A 695 3.56 16.55 23.13
C THR A 695 2.20 17.14 22.79
N LYS A 696 2.09 18.47 22.76
CA LYS A 696 0.88 19.10 22.29
C LYS A 696 0.63 18.79 20.82
N ALA A 697 1.70 18.82 20.01
CA ALA A 697 1.57 18.46 18.60
C ALA A 697 1.16 17.01 18.43
N TYR A 698 1.74 16.11 19.24
CA TYR A 698 1.37 14.71 19.17
C TYR A 698 -0.10 14.49 19.54
N LYS A 699 -0.56 15.15 20.60
CA LYS A 699 -1.95 15.01 21.01
C LYS A 699 -2.89 15.60 19.94
N LEU A 700 -2.51 16.73 19.35
CA LEU A 700 -3.32 17.31 18.29
C LEU A 700 -3.39 16.40 17.07
N ASP A 701 -2.26 15.78 16.72
CA ASP A 701 -2.25 14.84 15.60
C ASP A 701 -3.13 13.63 15.89
N ALA A 702 -3.07 13.12 17.13
CA ALA A 702 -3.94 12.01 17.51
C ALA A 702 -5.41 12.40 17.43
N ILE A 703 -5.73 13.63 17.86
CA ILE A 703 -7.13 14.08 17.83
C ILE A 703 -7.62 14.23 16.39
N GLU A 704 -6.82 14.89 15.55
CA GLU A 704 -7.25 15.19 14.18
C GLU A 704 -7.34 13.95 13.31
N ARG A 705 -6.76 12.82 13.74
CA ARG A 705 -6.94 11.57 13.00
C ARG A 705 -8.35 11.03 13.15
N GLN A 706 -9.10 11.51 14.14
CA GLN A 706 -10.50 11.11 14.35
C GLN A 706 -11.47 12.26 14.16
N ILE A 707 -11.14 13.45 14.64
CA ILE A 707 -12.02 14.60 14.56
C ILE A 707 -11.69 15.36 13.27
N PRO A 708 -12.66 15.54 12.37
CA PRO A 708 -12.38 16.21 11.11
C PRO A 708 -12.45 17.72 11.22
N ASN A 709 -11.91 18.39 10.22
CA ASN A 709 -11.98 19.84 10.13
C ASN A 709 -13.40 20.27 9.79
N PHE A 710 -13.80 21.44 10.29
CA PHE A 710 -15.14 21.95 10.03
C PHE A 710 -15.25 22.64 8.68
N LEU A 711 -14.14 22.82 7.96
CA LEU A 711 -14.21 23.46 6.65
C LEU A 711 -14.59 22.47 5.56
N ASP A 712 -13.95 21.29 5.55
CA ASP A 712 -14.22 20.27 4.55
C ASP A 712 -14.88 19.02 5.11
N GLY A 713 -14.92 18.85 6.43
CA GLY A 713 -15.57 17.71 7.01
C GLY A 713 -14.82 16.40 6.89
N MET A 714 -13.51 16.46 6.65
CA MET A 714 -12.70 15.25 6.48
C MET A 714 -11.46 15.34 7.35
N THR A 715 -10.99 14.18 7.81
CA THR A 715 -9.79 14.10 8.61
C THR A 715 -8.55 14.14 7.69
N ARG A 716 -7.37 13.99 8.30
CA ARG A 716 -6.14 13.99 7.52
C ARG A 716 -6.10 12.82 6.55
N ALA A 717 -6.51 11.62 7.00
CA ALA A 717 -6.53 10.46 6.13
C ALA A 717 -7.51 10.64 4.98
N ARG A 718 -8.70 11.15 5.28
CA ARG A 718 -9.69 11.35 4.23
C ARG A 718 -9.26 12.43 3.25
N ARG A 719 -8.63 13.50 3.75
CA ARG A 719 -8.12 14.52 2.85
C ARG A 719 -7.02 13.98 1.96
N LYS A 720 -6.13 13.15 2.52
CA LYS A 720 -5.10 12.50 1.71
C LYS A 720 -5.74 11.61 0.64
N ILE A 721 -6.79 10.89 1.00
CA ILE A 721 -7.46 10.03 0.03
C ILE A 721 -8.08 10.85 -1.08
N LEU A 722 -8.73 11.97 -0.73
CA LEU A 722 -9.34 12.82 -1.76
C LEU A 722 -8.29 13.42 -2.68
N ALA A 723 -7.17 13.89 -2.12
CA ALA A 723 -6.11 14.46 -2.95
C ALA A 723 -5.51 13.39 -3.85
N GLY A 724 -5.29 12.19 -3.32
CA GLY A 724 -4.76 11.12 -4.14
C GLY A 724 -5.71 10.72 -5.25
N GLY A 725 -7.01 10.69 -4.96
CA GLY A 725 -7.99 10.40 -5.99
C GLY A 725 -7.99 11.45 -7.09
N LEU A 726 -7.92 12.73 -6.70
CA LEU A 726 -7.84 13.79 -7.69
C LEU A 726 -6.59 13.64 -8.55
N LYS A 727 -5.45 13.36 -7.92
CA LYS A 727 -4.22 13.19 -8.68
C LYS A 727 -4.29 11.99 -9.62
N CYS A 728 -4.88 10.89 -9.17
CA CYS A 728 -4.91 9.67 -9.97
C CYS A 728 -5.88 9.80 -11.14
N PHE A 729 -7.07 10.33 -10.90
CA PHE A 729 -8.11 10.40 -11.91
C PHE A 729 -8.27 11.79 -12.52
N ALA A 730 -7.24 12.63 -12.39
CA ALA A 730 -7.31 13.96 -13.00
C ALA A 730 -7.33 13.88 -14.53
N SER A 731 -6.88 12.77 -15.10
CA SER A 731 -6.79 12.63 -16.55
C SER A 731 -7.50 11.41 -17.11
N ASN A 732 -7.48 10.28 -16.42
CA ASN A 732 -8.02 9.03 -16.95
C ASN A 732 -9.41 8.71 -16.41
N ASN A 733 -9.61 8.77 -15.10
CA ASN A 733 -10.87 8.45 -14.44
C ASN A 733 -11.29 7.01 -14.67
N ARG A 734 -10.39 6.16 -15.15
CA ARG A 734 -10.69 4.74 -15.31
C ARG A 734 -10.76 4.06 -13.95
N GLU A 735 -11.71 3.14 -13.81
CA GLU A 735 -11.89 2.46 -12.53
C GLU A 735 -10.67 1.62 -12.19
N ARG A 736 -10.26 1.70 -10.93
CA ARG A 736 -9.10 0.96 -10.43
C ARG A 736 -9.49 0.22 -9.16
N LYS A 737 -8.78 -0.88 -8.90
CA LYS A 737 -9.05 -1.68 -7.72
C LYS A 737 -8.75 -0.88 -6.46
N VAL A 738 -9.44 -1.23 -5.37
CA VAL A 738 -9.30 -0.48 -4.13
C VAL A 738 -7.87 -0.58 -3.60
N PHE A 739 -7.28 -1.77 -3.64
CA PHE A 739 -5.92 -1.93 -3.14
C PHE A 739 -4.91 -1.21 -4.02
N GLN A 740 -5.12 -1.21 -5.34
CA GLN A 740 -4.24 -0.47 -6.23
C GLN A 740 -4.32 1.04 -5.95
N PHE A 741 -5.53 1.55 -5.76
CA PHE A 741 -5.68 2.97 -5.45
C PHE A 741 -5.07 3.32 -4.10
N GLY A 742 -5.21 2.42 -3.12
CA GLY A 742 -4.58 2.64 -1.83
C GLY A 742 -3.07 2.67 -1.94
N GLY A 743 -2.50 1.77 -2.75
CA GLY A 743 -1.08 1.81 -2.98
C GLY A 743 -0.64 3.10 -3.65
N TYR A 744 -1.41 3.58 -4.62
CA TYR A 744 -1.11 4.85 -5.26
C TYR A 744 -1.15 6.00 -4.25
N VAL A 745 -2.16 6.00 -3.38
CA VAL A 745 -2.29 7.05 -2.38
C VAL A 745 -1.10 7.03 -1.43
N ALA A 746 -0.72 5.83 -0.97
CA ALA A 746 0.42 5.72 -0.07
C ALA A 746 1.70 6.18 -0.75
N ASP A 747 1.88 5.82 -2.03
CA ASP A 747 3.09 6.22 -2.74
C ASP A 747 3.15 7.72 -2.96
N HIS A 748 2.03 8.35 -3.27
CA HIS A 748 2.02 9.75 -3.69
C HIS A 748 1.60 10.72 -2.59
N MET A 749 0.68 10.34 -1.71
CA MET A 749 0.18 11.24 -0.68
C MET A 749 0.82 11.00 0.68
N PHE A 750 1.90 10.22 0.73
CA PHE A 750 2.66 10.01 1.97
C PHE A 750 1.78 9.44 3.08
N TYR A 751 0.89 8.52 2.71
CA TYR A 751 0.05 7.83 3.69
C TYR A 751 0.84 6.66 4.25
N HIS A 752 1.55 6.93 5.35
CA HIS A 752 2.44 5.94 5.95
C HIS A 752 1.72 4.99 6.90
N HIS A 753 0.43 5.17 7.13
CA HIS A 753 -0.30 4.28 8.02
C HIS A 753 -0.58 2.95 7.32
N GLY A 754 -1.24 2.04 8.04
CA GLY A 754 -1.49 0.72 7.51
C GLY A 754 -2.43 0.75 6.31
N ASP A 755 -2.31 -0.28 5.47
CA ASP A 755 -3.12 -0.34 4.25
C ASP A 755 -4.55 -0.77 4.53
N MET A 756 -4.79 -1.54 5.59
CA MET A 756 -6.17 -1.91 5.90
C MET A 756 -7.01 -0.70 6.26
N SER A 757 -6.45 0.22 7.05
CA SER A 757 -7.16 1.45 7.37
C SER A 757 -7.41 2.29 6.11
N LEU A 758 -6.42 2.35 5.23
CA LEU A 758 -6.58 3.11 3.99
C LEU A 758 -7.69 2.51 3.13
N ASN A 759 -7.70 1.18 3.00
CA ASN A 759 -8.74 0.52 2.20
C ASN A 759 -10.12 0.71 2.81
N THR A 760 -10.21 0.62 4.14
CA THR A 760 -11.49 0.83 4.81
C THR A 760 -11.99 2.25 4.58
N SER A 761 -11.10 3.23 4.69
CA SER A 761 -11.50 4.62 4.47
C SER A 761 -11.89 4.86 3.02
N ILE A 762 -11.18 4.24 2.07
CA ILE A 762 -11.54 4.37 0.66
C ILE A 762 -12.94 3.79 0.43
N ILE A 763 -13.20 2.61 0.99
CA ILE A 763 -14.51 1.99 0.84
C ILE A 763 -15.59 2.88 1.44
N LYS A 764 -15.34 3.44 2.62
CA LYS A 764 -16.30 4.33 3.25
C LYS A 764 -16.57 5.55 2.38
N ALA A 765 -15.51 6.12 1.78
CA ALA A 765 -15.69 7.27 0.91
C ALA A 765 -16.45 6.90 -0.36
N ALA A 766 -16.36 5.65 -0.80
CA ALA A 766 -17.05 5.20 -2.00
C ALA A 766 -18.43 4.60 -1.72
N GLN A 767 -18.84 4.53 -0.45
CA GLN A 767 -20.12 3.93 -0.11
C GLN A 767 -21.26 4.89 -0.35
N TYR A 768 -22.36 4.38 -0.91
CA TYR A 768 -23.56 5.18 -1.14
C TYR A 768 -24.77 4.27 -0.95
N TYR A 769 -25.46 4.44 0.17
CA TYR A 769 -26.67 3.69 0.47
C TYR A 769 -27.44 4.46 1.53
N PRO A 770 -28.73 4.17 1.69
CA PRO A 770 -29.50 4.84 2.76
C PRO A 770 -28.88 4.61 4.12
N GLY A 771 -28.57 5.70 4.82
CA GLY A 771 -27.91 5.64 6.09
C GLY A 771 -26.39 5.68 6.04
N SER A 772 -25.80 5.74 4.85
CA SER A 772 -24.35 5.79 4.75
C SER A 772 -23.81 7.13 5.25
N SER A 773 -22.54 7.11 5.64
CA SER A 773 -21.93 8.32 6.18
C SER A 773 -21.87 9.43 5.15
N HIS A 774 -21.53 9.09 3.91
CA HIS A 774 -21.35 10.08 2.84
C HIS A 774 -22.66 10.20 2.05
N LEU A 775 -23.35 11.33 2.22
CA LEU A 775 -24.52 11.60 1.41
C LEU A 775 -24.14 11.95 -0.02
N TYR A 776 -22.96 12.54 -0.22
CA TYR A 776 -22.44 12.88 -1.53
C TYR A 776 -21.04 12.31 -1.64
N PRO A 777 -20.93 11.00 -1.89
CA PRO A 777 -19.61 10.36 -1.91
C PRO A 777 -18.72 10.96 -3.00
N VAL A 778 -17.43 11.07 -2.68
CA VAL A 778 -16.45 11.57 -3.64
C VAL A 778 -16.02 10.52 -4.65
N PHE A 779 -16.43 9.26 -4.46
CA PHE A 779 -16.00 8.16 -5.31
C PHE A 779 -17.19 7.37 -5.79
N ILE A 780 -17.15 6.97 -7.06
CA ILE A 780 -18.10 6.01 -7.62
C ILE A 780 -17.49 4.62 -7.45
N GLY A 781 -18.23 3.74 -6.78
CA GLY A 781 -17.72 2.41 -6.52
C GLY A 781 -18.36 1.34 -7.39
N ILE A 782 -17.58 0.75 -8.28
CA ILE A 782 -18.05 -0.33 -9.13
C ILE A 782 -17.83 -1.65 -8.40
N GLY A 783 -18.92 -2.33 -8.08
CA GLY A 783 -18.93 -3.55 -7.31
C GLY A 783 -19.91 -3.44 -6.15
N SER A 784 -19.72 -4.27 -5.15
CA SER A 784 -20.54 -4.26 -3.93
C SER A 784 -19.70 -3.66 -2.81
N PHE A 785 -20.01 -2.43 -2.43
CA PHE A 785 -19.26 -1.72 -1.41
C PHE A 785 -19.94 -1.75 -0.04
N GLY A 786 -20.96 -2.56 0.13
CA GLY A 786 -21.66 -2.68 1.39
C GLY A 786 -23.13 -2.34 1.28
N SER A 787 -23.83 -2.59 2.37
CA SER A 787 -25.27 -2.35 2.44
C SER A 787 -25.60 -1.76 3.80
N ARG A 788 -26.78 -1.15 3.88
CA ARG A 788 -27.24 -0.54 5.13
C ARG A 788 -27.42 -1.57 6.23
N HIS A 789 -27.59 -2.84 5.89
CA HIS A 789 -27.86 -3.86 6.90
C HIS A 789 -26.69 -4.02 7.85
N LEU A 790 -25.47 -4.09 7.33
CA LEU A 790 -24.28 -4.27 8.15
C LEU A 790 -23.56 -2.95 8.41
N GLY A 791 -24.15 -1.83 8.04
CA GLY A 791 -23.50 -0.54 8.24
C GLY A 791 -22.24 -0.36 7.43
N GLY A 792 -22.22 -0.91 6.21
CA GLY A 792 -21.04 -0.79 5.36
C GLY A 792 -19.93 -1.76 5.67
N LYS A 793 -20.11 -2.65 6.64
CA LYS A 793 -19.09 -3.62 7.01
C LYS A 793 -19.17 -4.90 6.20
N ASP A 794 -20.14 -5.00 5.28
CA ASP A 794 -20.29 -6.17 4.42
C ASP A 794 -19.67 -5.95 3.04
N ALA A 795 -18.81 -4.94 2.91
CA ALA A 795 -18.18 -4.66 1.63
C ALA A 795 -17.23 -5.79 1.24
N GLY A 796 -17.05 -5.93 -0.08
CA GLY A 796 -16.14 -6.94 -0.58
C GLY A 796 -14.69 -6.60 -0.32
N SER A 797 -13.83 -7.57 -0.60
CA SER A 797 -12.41 -7.37 -0.39
C SER A 797 -11.87 -6.30 -1.35
N PRO A 798 -10.85 -5.56 -0.94
CA PRO A 798 -10.30 -4.51 -1.83
C PRO A 798 -9.75 -5.04 -3.13
N ARG A 799 -9.44 -6.34 -3.21
CA ARG A 799 -8.92 -6.91 -4.44
C ARG A 799 -9.95 -6.88 -5.56
N TYR A 800 -11.22 -7.11 -5.22
CA TYR A 800 -12.25 -7.28 -6.25
C TYR A 800 -12.96 -5.98 -6.60
N ILE A 801 -13.52 -5.29 -5.60
CA ILE A 801 -14.28 -4.08 -5.86
C ILE A 801 -13.36 -2.99 -6.39
N SER A 802 -13.87 -2.20 -7.34
CA SER A 802 -13.08 -1.14 -7.96
C SER A 802 -13.69 0.22 -7.64
N VAL A 803 -12.85 1.25 -7.71
CA VAL A 803 -13.25 2.60 -7.36
C VAL A 803 -12.82 3.55 -8.47
N GLN A 804 -13.54 4.65 -8.60
CA GLN A 804 -13.17 5.69 -9.55
C GLN A 804 -13.67 7.03 -9.03
N LEU A 805 -13.13 8.10 -9.60
CA LEU A 805 -13.53 9.44 -9.18
C LEU A 805 -14.87 9.82 -9.80
N ALA A 806 -15.63 10.63 -9.08
CA ALA A 806 -16.90 11.13 -9.60
C ALA A 806 -16.67 11.99 -10.83
N SER A 807 -15.68 12.90 -10.77
CA SER A 807 -15.25 13.72 -11.90
C SER A 807 -16.35 14.66 -12.39
N GLU A 808 -17.50 14.64 -11.72
CA GLU A 808 -18.61 15.53 -12.03
C GLU A 808 -19.10 16.29 -10.81
N PHE A 809 -19.13 15.64 -9.65
CA PHE A 809 -19.49 16.29 -8.40
C PHE A 809 -18.26 16.92 -7.73
N ILE A 810 -17.12 16.26 -7.82
CA ILE A 810 -15.89 16.79 -7.20
C ILE A 810 -15.46 18.06 -7.90
N LYS A 811 -15.51 18.09 -9.24
CA LYS A 811 -15.09 19.27 -9.99
C LYS A 811 -15.94 20.50 -9.66
N THR A 812 -17.15 20.30 -9.17
CA THR A 812 -18.03 21.41 -8.80
C THR A 812 -17.93 21.78 -7.32
N MET A 813 -17.88 20.79 -6.42
CA MET A 813 -17.78 21.08 -5.00
C MET A 813 -16.36 21.50 -4.61
N PHE A 814 -15.33 20.90 -5.21
CA PHE A 814 -13.95 21.29 -5.00
C PHE A 814 -13.40 21.83 -6.31
N PRO A 815 -13.49 23.13 -6.56
CA PRO A 815 -12.98 23.68 -7.81
C PRO A 815 -11.47 23.49 -7.92
N THR A 816 -11.01 23.22 -9.14
CA THR A 816 -9.58 23.07 -9.38
C THR A 816 -8.85 24.40 -9.31
N GLU A 817 -9.54 25.52 -9.53
CA GLU A 817 -8.90 26.82 -9.44
C GLU A 817 -8.43 27.11 -8.01
N ASP A 818 -9.25 26.77 -7.02
CA ASP A 818 -8.91 27.07 -5.64
C ASP A 818 -7.94 26.07 -5.04
N SER A 819 -7.74 24.91 -5.67
CA SER A 819 -6.78 23.94 -5.16
C SER A 819 -5.37 24.49 -5.15
N TRP A 820 -5.07 25.49 -5.99
CA TRP A 820 -3.76 26.13 -5.98
C TRP A 820 -3.60 27.12 -4.83
N LEU A 821 -4.70 27.52 -4.19
CA LEU A 821 -4.67 28.56 -3.17
C LEU A 821 -4.69 28.03 -1.75
N LEU A 822 -5.09 26.78 -1.54
CA LEU A 822 -5.13 26.22 -0.20
C LEU A 822 -3.73 26.05 0.36
N PRO A 823 -3.56 26.18 1.68
CA PRO A 823 -2.29 25.77 2.29
C PRO A 823 -2.11 24.27 2.19
N TYR A 824 -0.85 23.85 2.05
CA TYR A 824 -0.53 22.46 1.82
C TYR A 824 0.34 21.92 2.94
N VAL A 825 0.17 20.62 3.22
CA VAL A 825 0.96 19.93 4.23
C VAL A 825 2.21 19.38 3.56
N PHE A 826 3.37 19.76 4.08
CA PHE A 826 4.66 19.30 3.56
C PHE A 826 5.22 18.26 4.51
N GLU A 827 5.35 17.03 4.04
CA GLU A 827 5.90 15.93 4.82
C GLU A 827 7.27 15.57 4.24
N ASP A 828 8.31 15.68 5.07
CA ASP A 828 9.69 15.40 4.67
C ASP A 828 10.11 16.25 3.48
N GLY A 829 9.62 17.49 3.41
CA GLY A 829 10.01 18.41 2.38
C GLY A 829 9.24 18.28 1.07
N GLN A 830 8.36 17.30 0.96
CA GLN A 830 7.58 17.09 -0.26
C GLN A 830 6.13 17.47 -0.03
N ARG A 831 5.50 18.00 -1.07
CA ARG A 831 4.11 18.40 -0.98
C ARG A 831 3.20 17.17 -0.83
N ALA A 832 2.05 17.39 -0.22
CA ALA A 832 1.09 16.33 0.09
C ALA A 832 -0.30 16.94 -0.01
N GLU A 833 -1.28 16.27 0.61
CA GLU A 833 -2.64 16.77 0.61
C GLU A 833 -2.69 18.16 1.26
N PRO A 834 -3.62 19.00 0.84
CA PRO A 834 -3.69 20.36 1.40
C PRO A 834 -3.98 20.35 2.90
N GLU A 835 -3.67 21.48 3.54
CA GLU A 835 -3.96 21.61 4.96
C GLU A 835 -5.44 21.45 5.24
N TYR A 836 -6.28 22.08 4.41
CA TYR A 836 -7.72 21.91 4.50
C TYR A 836 -8.33 22.27 3.15
N TYR A 837 -9.45 21.63 2.85
CA TYR A 837 -10.25 21.97 1.68
C TYR A 837 -11.39 22.90 2.09
N VAL A 838 -11.73 23.81 1.18
CA VAL A 838 -12.85 24.73 1.44
C VAL A 838 -13.85 24.57 0.31
N PRO A 839 -14.81 23.65 0.44
CA PRO A 839 -15.76 23.41 -0.65
C PRO A 839 -16.73 24.56 -0.81
N VAL A 840 -17.43 24.54 -1.96
CA VAL A 840 -18.39 25.60 -2.27
C VAL A 840 -19.52 25.61 -1.24
N LEU A 841 -19.96 24.43 -0.82
CA LEU A 841 -20.91 24.30 0.28
C LEU A 841 -20.25 23.59 1.45
N PRO A 842 -20.64 23.91 2.69
CA PRO A 842 -19.95 23.31 3.84
C PRO A 842 -20.25 21.83 3.98
N LEU A 843 -19.28 20.99 3.63
CA LEU A 843 -19.51 19.55 3.64
C LEU A 843 -19.54 18.98 5.05
N ALA A 844 -19.00 19.70 6.03
CA ALA A 844 -19.06 19.25 7.42
C ALA A 844 -20.46 19.35 8.01
N ILE A 845 -21.40 19.98 7.30
CA ILE A 845 -22.73 20.20 7.83
C ILE A 845 -23.80 19.42 7.08
N MET A 846 -23.51 18.88 5.89
CA MET A 846 -24.50 18.17 5.09
C MET A 846 -24.11 16.72 4.82
N GLU A 847 -23.40 16.10 5.77
CA GLU A 847 -23.04 14.70 5.65
C GLU A 847 -22.97 14.09 7.03
N TYR A 848 -23.41 12.83 7.15
CA TYR A 848 -23.38 12.14 8.42
C TYR A 848 -21.95 11.82 8.82
N GLY A 849 -21.61 12.10 10.07
CA GLY A 849 -20.28 11.85 10.57
C GLY A 849 -20.33 11.22 11.95
N ALA A 850 -19.35 10.36 12.21
CA ALA A 850 -19.25 9.68 13.49
C ALA A 850 -17.79 9.32 13.76
N ASN A 851 -17.48 9.08 15.02
CA ASN A 851 -16.12 8.73 15.42
C ASN A 851 -16.09 7.32 15.96
N PRO A 852 -15.71 6.32 15.17
CA PRO A 852 -15.66 4.94 15.69
C PRO A 852 -14.62 4.74 16.79
N SER A 853 -13.60 5.60 16.85
CA SER A 853 -12.56 5.48 17.87
C SER A 853 -12.98 6.30 19.09
N GLU A 854 -13.36 5.62 20.16
CA GLU A 854 -13.80 6.30 21.36
C GLU A 854 -12.64 7.05 22.01
N GLY A 855 -12.96 8.20 22.59
CA GLY A 855 -11.97 9.06 23.20
C GLY A 855 -12.23 10.52 22.91
N TRP A 856 -12.97 10.79 21.84
CA TRP A 856 -13.35 12.15 21.47
C TRP A 856 -14.69 12.06 20.73
N LYS A 857 -15.76 12.45 21.42
CA LYS A 857 -17.10 12.35 20.86
C LYS A 857 -17.24 13.27 19.66
N TYR A 858 -17.82 12.74 18.58
CA TYR A 858 -18.08 13.53 17.38
C TYR A 858 -19.20 12.85 16.60
N THR A 859 -20.32 13.54 16.42
CA THR A 859 -21.45 12.99 15.69
C THR A 859 -22.15 14.12 14.95
N THR A 860 -22.33 13.94 13.65
CA THR A 860 -22.98 14.94 12.81
C THR A 860 -24.13 14.31 12.05
N TRP A 861 -25.25 15.01 12.00
CA TRP A 861 -26.42 14.60 11.24
C TRP A 861 -26.62 15.57 10.09
N ALA A 862 -26.69 15.03 8.87
CA ALA A 862 -26.73 15.87 7.68
C ALA A 862 -27.96 16.76 7.67
N ARG A 863 -27.76 18.03 7.38
CA ARG A 863 -28.86 18.97 7.24
C ARG A 863 -29.45 18.89 5.83
N GLN A 864 -30.67 19.40 5.68
CA GLN A 864 -31.33 19.38 4.39
C GLN A 864 -30.57 20.24 3.39
N LEU A 865 -30.41 19.71 2.17
CA LEU A 865 -29.68 20.44 1.13
C LEU A 865 -30.39 21.73 0.75
N GLU A 866 -31.72 21.71 0.69
CA GLU A 866 -32.47 22.90 0.30
C GLU A 866 -32.27 24.03 1.30
N ASP A 867 -32.31 23.72 2.60
CA ASP A 867 -32.13 24.75 3.62
C ASP A 867 -30.74 25.37 3.53
N ILE A 868 -29.71 24.53 3.36
CA ILE A 868 -28.35 25.03 3.26
C ILE A 868 -28.19 25.90 2.01
N LEU A 869 -28.74 25.45 0.88
CA LEU A 869 -28.66 26.23 -0.34
C LEU A 869 -29.36 27.58 -0.18
N ALA A 870 -30.53 27.59 0.44
CA ALA A 870 -31.24 28.84 0.68
C ALA A 870 -30.44 29.77 1.57
N LEU A 871 -29.84 29.23 2.64
CA LEU A 871 -29.04 30.05 3.55
C LEU A 871 -27.86 30.66 2.83
N VAL A 872 -27.11 29.86 2.09
CA VAL A 872 -25.92 30.37 1.41
C VAL A 872 -26.30 31.38 0.34
N ARG A 873 -27.36 31.09 -0.43
CA ARG A 873 -27.80 32.03 -1.46
C ARG A 873 -28.24 33.35 -0.85
N ALA A 874 -28.97 33.30 0.27
CA ALA A 874 -29.36 34.53 0.95
C ALA A 874 -28.14 35.30 1.42
N TYR A 875 -27.12 34.59 1.92
CA TYR A 875 -25.91 35.26 2.35
C TYR A 875 -25.14 35.88 1.18
N VAL A 876 -25.25 35.30 0.00
CA VAL A 876 -24.37 35.66 -1.12
C VAL A 876 -25.08 36.51 -2.17
N ASP A 877 -26.30 36.11 -2.57
CA ASP A 877 -26.89 36.66 -3.79
C ASP A 877 -27.14 38.16 -3.69
N LYS A 878 -27.37 38.68 -2.48
CA LYS A 878 -27.58 40.10 -2.22
C LYS A 878 -28.95 40.55 -2.73
N ASN A 879 -29.62 39.68 -3.47
CA ASN A 879 -30.97 39.96 -3.97
C ASN A 879 -32.06 39.26 -3.17
N ASN A 880 -31.69 38.31 -2.33
CA ASN A 880 -32.66 37.65 -1.46
C ASN A 880 -33.26 38.67 -0.50
N PRO A 881 -34.57 38.67 -0.27
CA PRO A 881 -35.14 39.59 0.72
C PRO A 881 -34.61 39.40 2.11
N LYS A 882 -34.02 38.24 2.42
CA LYS A 882 -33.44 37.97 3.73
C LYS A 882 -31.92 38.16 3.74
N HIS A 883 -31.36 38.78 2.71
CA HIS A 883 -29.90 38.92 2.62
C HIS A 883 -29.36 39.79 3.75
N GLU A 884 -29.83 41.03 3.82
CA GLU A 884 -29.41 41.91 4.92
C GLU A 884 -29.90 41.38 6.26
N LEU A 885 -31.06 40.72 6.27
CA LEU A 885 -31.53 40.09 7.49
C LEU A 885 -30.58 38.99 7.93
N LEU A 886 -30.07 38.19 6.98
CA LEU A 886 -29.11 37.16 7.32
C LEU A 886 -27.77 37.74 7.77
N HIS A 887 -27.37 38.87 7.17
CA HIS A 887 -26.15 39.54 7.64
C HIS A 887 -26.32 40.01 9.08
N TYR A 888 -27.48 40.59 9.40
CA TYR A 888 -27.79 40.96 10.78
C TYR A 888 -27.73 39.72 11.68
N ALA A 889 -28.29 38.60 11.20
CA ALA A 889 -28.31 37.38 11.99
C ALA A 889 -26.91 36.89 12.29
N ILE A 890 -26.04 36.85 11.29
CA ILE A 890 -24.68 36.36 11.50
C ILE A 890 -23.90 37.34 12.37
N ASP A 891 -24.22 38.64 12.29
CA ASP A 891 -23.58 39.60 13.18
C ASP A 891 -24.00 39.39 14.62
N HIS A 892 -25.27 39.07 14.85
CA HIS A 892 -25.80 38.91 16.20
C HIS A 892 -25.98 37.44 16.59
N LYS A 893 -25.40 36.52 15.83
CA LYS A 893 -25.38 35.07 16.07
C LYS A 893 -26.75 34.45 16.33
N ILE A 894 -27.85 35.13 16.02
CA ILE A 894 -29.15 34.49 16.14
C ILE A 894 -29.57 33.87 14.81
N THR A 895 -30.55 32.97 14.86
CA THR A 895 -30.96 32.18 13.70
C THR A 895 -32.22 32.78 13.10
N VAL A 896 -32.23 32.91 11.77
CA VAL A 896 -33.39 33.43 11.06
C VAL A 896 -33.90 32.51 9.96
N LEU A 897 -33.12 31.53 9.51
CA LEU A 897 -33.56 30.59 8.50
C LEU A 897 -33.48 29.16 9.03
N PRO A 898 -34.45 28.31 8.71
CA PRO A 898 -34.45 26.95 9.26
C PRO A 898 -33.30 26.12 8.74
N LEU A 899 -32.80 25.23 9.61
CA LEU A 899 -31.77 24.25 9.27
C LEU A 899 -32.26 22.90 9.79
N ARG A 900 -33.05 22.22 8.98
CA ARG A 900 -33.63 20.96 9.41
C ARG A 900 -32.78 19.78 8.97
N PRO A 901 -32.81 18.68 9.71
CA PRO A 901 -32.04 17.49 9.32
C PRO A 901 -32.51 16.96 7.96
N SER A 902 -31.55 16.44 7.21
CA SER A 902 -31.86 15.87 5.90
C SER A 902 -32.63 14.57 6.05
N ASN A 903 -33.58 14.34 5.14
CA ASN A 903 -34.36 13.12 5.12
C ASN A 903 -34.48 12.61 3.68
N TYR A 904 -33.39 12.70 2.92
CA TYR A 904 -33.41 12.27 1.53
C TYR A 904 -33.66 10.77 1.43
N ASN A 905 -32.74 9.97 1.96
CA ASN A 905 -32.89 8.51 1.96
C ASN A 905 -33.46 8.03 3.29
N PHE A 906 -34.68 8.47 3.58
CA PHE A 906 -35.33 8.13 4.83
C PHE A 906 -36.84 8.17 4.61
N LYS A 907 -37.50 7.04 4.86
CA LYS A 907 -38.95 6.94 4.72
C LYS A 907 -39.69 7.14 6.04
N GLY A 908 -38.98 7.42 7.12
CA GLY A 908 -39.58 7.65 8.42
C GLY A 908 -40.00 9.09 8.60
N HIS A 909 -40.12 9.49 9.86
CA HIS A 909 -40.54 10.84 10.22
C HIS A 909 -39.49 11.49 11.12
N LEU A 910 -39.18 12.75 10.84
CA LEU A 910 -38.28 13.54 11.66
C LEU A 910 -39.11 14.52 12.48
N LYS A 911 -39.17 14.30 13.79
CA LYS A 911 -40.03 15.07 14.66
C LYS A 911 -39.22 15.78 15.73
N ARG A 912 -39.59 17.03 16.01
CA ARG A 912 -38.92 17.85 17.02
C ARG A 912 -39.79 17.90 18.27
N PHE A 913 -39.22 17.49 19.40
CA PHE A 913 -39.94 17.46 20.66
C PHE A 913 -39.32 18.44 21.67
N GLY A 914 -38.70 19.51 21.17
CA GLY A 914 -38.11 20.52 22.01
C GLY A 914 -36.61 20.36 22.16
N GLN A 915 -35.85 21.16 21.43
CA GLN A 915 -34.39 21.22 21.42
C GLN A 915 -33.72 19.86 21.19
N TYR A 916 -34.47 18.86 20.73
CA TYR A 916 -33.93 17.62 20.20
C TYR A 916 -34.77 17.16 19.02
N TYR A 917 -34.17 16.34 18.16
CA TYR A 917 -34.83 15.76 17.00
C TYR A 917 -34.82 14.25 17.12
N TYR A 918 -35.89 13.62 16.62
CA TYR A 918 -36.03 12.18 16.68
C TYR A 918 -36.44 11.64 15.32
N SER A 919 -35.87 10.50 14.96
CA SER A 919 -36.19 9.81 13.73
C SER A 919 -37.02 8.57 14.05
N TYR A 920 -38.14 8.42 13.34
CA TYR A 920 -39.09 7.34 13.55
C TYR A 920 -39.18 6.49 12.31
N GLY A 921 -39.03 5.17 12.48
CA GLY A 921 -39.28 4.26 11.39
C GLY A 921 -40.76 4.00 11.18
N THR A 922 -41.09 3.44 10.03
CA THR A 922 -42.47 3.17 9.66
C THR A 922 -42.72 1.67 9.70
N TYR A 923 -43.89 1.29 10.23
CA TYR A 923 -44.27 -0.11 10.36
C TYR A 923 -45.74 -0.24 9.98
N VAL A 924 -46.12 -1.45 9.58
CA VAL A 924 -47.50 -1.81 9.36
C VAL A 924 -47.78 -3.11 10.10
N VAL A 925 -48.86 -3.13 10.88
CA VAL A 925 -49.20 -4.26 11.73
C VAL A 925 -50.58 -4.77 11.34
N SER A 926 -50.67 -6.08 11.14
CA SER A 926 -51.94 -6.75 10.85
C SER A 926 -52.27 -7.65 12.02
N GLU A 927 -53.40 -7.39 12.69
CA GLU A 927 -53.82 -8.22 13.81
C GLU A 927 -54.12 -9.64 13.37
N GLN A 928 -54.74 -9.82 12.21
CA GLN A 928 -55.01 -11.17 11.72
C GLN A 928 -53.69 -11.85 11.34
N ARG A 929 -53.57 -13.12 11.75
CA ARG A 929 -52.41 -13.99 11.53
C ARG A 929 -51.18 -13.51 12.29
N ASN A 930 -51.26 -12.36 12.98
CA ASN A 930 -50.29 -11.94 13.99
C ASN A 930 -48.87 -11.82 13.42
N MET A 931 -48.72 -10.85 12.51
CA MET A 931 -47.40 -10.44 12.06
C MET A 931 -47.30 -8.91 12.08
N ILE A 932 -46.09 -8.43 12.35
CA ILE A 932 -45.76 -7.01 12.23
C ILE A 932 -44.59 -6.89 11.27
N THR A 933 -44.78 -6.14 10.18
CA THR A 933 -43.75 -5.97 9.16
C THR A 933 -43.19 -4.56 9.26
N ILE A 934 -41.95 -4.45 9.72
CA ILE A 934 -41.25 -3.18 9.79
C ILE A 934 -40.81 -2.79 8.39
N THR A 935 -41.19 -1.58 7.96
CA THR A 935 -40.89 -1.11 6.62
C THR A 935 -39.76 -0.09 6.57
N GLU A 936 -39.46 0.57 7.69
CA GLU A 936 -38.35 1.53 7.70
C GLU A 936 -37.82 1.67 9.11
N LEU A 937 -36.52 1.45 9.28
CA LEU A 937 -35.80 1.63 10.52
C LEU A 937 -35.38 3.08 10.70
N PRO A 938 -35.07 3.49 11.92
CA PRO A 938 -34.62 4.87 12.15
C PRO A 938 -33.31 5.16 11.41
N LEU A 939 -32.93 6.44 11.47
CA LEU A 939 -31.77 6.90 10.70
C LEU A 939 -30.49 6.24 11.18
N ARG A 940 -29.69 5.78 10.22
CA ARG A 940 -28.35 5.23 10.47
C ARG A 940 -28.38 4.08 11.48
N VAL A 941 -29.37 3.20 11.35
CA VAL A 941 -29.50 2.02 12.21
C VAL A 941 -29.26 0.80 11.33
N PRO A 942 -28.16 0.06 11.53
CA PRO A 942 -27.94 -1.17 10.75
C PRO A 942 -29.04 -2.18 11.02
N THR A 943 -29.40 -2.93 9.97
CA THR A 943 -30.50 -3.89 10.08
C THR A 943 -30.12 -5.05 10.99
N VAL A 944 -28.95 -5.64 10.78
CA VAL A 944 -28.55 -6.79 11.61
C VAL A 944 -28.31 -6.36 13.04
N ALA A 945 -27.71 -5.17 13.24
CA ALA A 945 -27.51 -4.67 14.59
C ALA A 945 -28.84 -4.42 15.28
N TYR A 946 -29.81 -3.85 14.56
CA TYR A 946 -31.13 -3.63 15.14
C TYR A 946 -31.81 -4.95 15.50
N ILE A 947 -31.70 -5.94 14.62
CA ILE A 947 -32.32 -7.24 14.88
C ILE A 947 -31.67 -7.88 16.11
N GLU A 948 -30.35 -7.81 16.22
CA GLU A 948 -29.68 -8.34 17.39
C GLU A 948 -30.09 -7.61 18.66
N SER A 949 -30.21 -6.28 18.58
CA SER A 949 -30.63 -5.50 19.75
C SER A 949 -32.03 -5.90 20.19
N ILE A 950 -32.94 -6.12 19.23
CA ILE A 950 -34.27 -6.59 19.57
C ILE A 950 -34.19 -7.98 20.21
N LYS A 951 -33.32 -8.85 19.66
CA LYS A 951 -33.24 -10.23 20.15
C LYS A 951 -32.70 -10.30 21.57
N LYS A 952 -31.73 -9.47 21.92
CA LYS A 952 -31.15 -9.54 23.26
C LYS A 952 -32.16 -9.16 24.34
N SER A 953 -33.14 -8.31 24.01
CA SER A 953 -34.16 -7.92 24.98
C SER A 953 -35.07 -9.10 25.25
N SER A 954 -34.89 -9.74 26.42
CA SER A 954 -35.64 -10.95 26.73
C SER A 954 -37.13 -10.67 26.83
N ASN A 955 -37.52 -9.53 27.42
CA ASN A 955 -38.93 -9.22 27.61
C ASN A 955 -39.64 -9.07 26.26
N ARG A 956 -38.95 -8.53 25.27
CA ARG A 956 -39.59 -8.30 23.97
C ARG A 956 -39.86 -9.60 23.23
N MET A 957 -39.01 -10.62 23.40
CA MET A 957 -39.23 -11.91 22.76
C MET A 957 -40.15 -12.82 23.56
N ALA A 958 -40.64 -12.37 24.72
CA ALA A 958 -41.71 -13.11 25.39
C ALA A 958 -42.97 -13.15 24.55
N PHE A 959 -43.11 -12.25 23.58
CA PHE A 959 -44.24 -12.23 22.66
C PHE A 959 -43.85 -12.56 21.23
N ILE A 960 -42.59 -12.39 20.86
CA ILE A 960 -42.14 -12.59 19.49
C ILE A 960 -41.89 -14.07 19.26
N GLU A 961 -42.65 -14.67 18.34
CA GLU A 961 -42.41 -16.06 17.99
C GLU A 961 -41.15 -16.21 17.15
N GLU A 962 -40.97 -15.35 16.16
CA GLU A 962 -39.79 -15.42 15.30
C GLU A 962 -39.61 -14.11 14.56
N ILE A 963 -38.39 -13.91 14.06
CA ILE A 963 -38.03 -12.72 13.29
C ILE A 963 -37.34 -13.17 12.01
N VAL A 964 -37.79 -12.65 10.88
CA VAL A 964 -37.24 -12.95 9.57
C VAL A 964 -36.82 -11.66 8.89
N ASP A 965 -35.65 -11.66 8.27
CA ASP A 965 -35.12 -10.48 7.57
C ASP A 965 -35.32 -10.68 6.08
N TYR A 966 -36.49 -10.26 5.59
CA TYR A 966 -36.80 -10.30 4.16
C TYR A 966 -36.61 -8.95 3.50
N SER A 967 -35.77 -8.08 4.06
CA SER A 967 -35.56 -6.75 3.53
C SER A 967 -34.84 -6.83 2.18
N SER A 968 -34.91 -5.73 1.44
CA SER A 968 -34.22 -5.63 0.16
C SER A 968 -32.85 -4.99 0.35
N SER A 969 -32.15 -4.74 -0.75
CA SER A 969 -30.81 -4.16 -0.66
C SER A 969 -30.84 -2.75 -0.08
N GLU A 970 -31.83 -1.95 -0.48
CA GLU A 970 -31.94 -0.57 -0.02
C GLU A 970 -33.15 -0.28 0.84
N THR A 971 -34.27 -0.97 0.62
CA THR A 971 -35.44 -0.81 1.48
C THR A 971 -35.52 -1.96 2.47
N ILE A 972 -36.18 -1.70 3.60
CA ILE A 972 -36.21 -2.60 4.74
C ILE A 972 -37.61 -3.20 4.86
N GLU A 973 -37.66 -4.53 5.01
CA GLU A 973 -38.93 -5.23 5.24
C GLU A 973 -38.61 -6.39 6.18
N ILE A 974 -38.81 -6.18 7.47
CA ILE A 974 -38.47 -7.17 8.49
C ILE A 974 -39.77 -7.73 9.05
N LEU A 975 -39.97 -9.04 8.93
CA LEU A 975 -41.17 -9.68 9.43
C LEU A 975 -40.95 -10.12 10.87
N VAL A 976 -41.91 -9.85 11.74
CA VAL A 976 -41.87 -10.27 13.13
C VAL A 976 -43.17 -10.99 13.40
N LYS A 977 -43.10 -12.31 13.52
CA LYS A 977 -44.27 -13.12 13.83
C LYS A 977 -44.35 -13.28 15.34
N LEU A 978 -45.49 -12.92 15.91
CA LEU A 978 -45.70 -12.91 17.35
C LEU A 978 -46.49 -14.14 17.78
N LYS A 979 -46.50 -14.37 19.10
CA LYS A 979 -47.29 -15.44 19.67
C LYS A 979 -48.78 -15.10 19.57
N PRO A 980 -49.65 -16.11 19.57
CA PRO A 980 -51.08 -15.83 19.47
C PRO A 980 -51.60 -15.02 20.64
N ASN A 981 -52.62 -14.20 20.36
CA ASN A 981 -53.26 -13.30 21.32
C ASN A 981 -52.24 -12.63 22.24
N SER A 982 -51.25 -12.00 21.62
CA SER A 982 -50.17 -11.33 22.35
C SER A 982 -50.14 -9.83 22.16
N LEU A 983 -50.85 -9.29 21.15
CA LEU A 983 -50.78 -7.87 20.88
C LEU A 983 -51.31 -7.04 22.05
N SER A 984 -52.38 -7.52 22.70
CA SER A 984 -52.90 -6.82 23.86
C SER A 984 -51.86 -6.76 24.98
N ARG A 985 -51.00 -7.78 25.07
CA ARG A 985 -49.94 -7.75 26.07
C ARG A 985 -48.95 -6.62 25.78
N ILE A 986 -48.61 -6.39 24.51
CA ILE A 986 -47.75 -5.27 24.16
C ILE A 986 -48.47 -3.95 24.42
N MET A 987 -49.79 -3.91 24.15
CA MET A 987 -50.57 -2.72 24.44
C MET A 987 -50.50 -2.34 25.92
N GLU A 988 -50.67 -3.34 26.80
CA GLU A 988 -50.69 -3.07 28.23
C GLU A 988 -49.30 -3.01 28.86
N GLU A 989 -48.26 -3.47 28.16
CA GLU A 989 -46.92 -3.50 28.71
C GLU A 989 -46.12 -2.24 28.34
N PHE A 990 -45.97 -1.98 27.05
CA PHE A 990 -45.28 -0.79 26.58
C PHE A 990 -46.27 0.36 26.49
N LYS A 991 -46.08 1.37 27.32
CA LYS A 991 -47.03 2.46 27.46
C LYS A 991 -46.69 3.61 26.53
N GLU A 992 -47.73 4.29 26.05
CA GLU A 992 -47.55 5.46 25.20
C GLU A 992 -46.91 6.59 25.99
N THR A 993 -45.96 7.28 25.37
CA THR A 993 -45.27 8.41 25.99
C THR A 993 -45.41 9.68 25.17
N GLU A 994 -46.49 9.79 24.37
CA GLU A 994 -46.86 10.97 23.57
C GLU A 994 -45.82 11.24 22.50
N GLU A 995 -44.74 10.47 22.49
CA GLU A 995 -43.71 10.54 21.46
C GLU A 995 -43.58 9.24 20.68
N GLN A 996 -43.57 8.10 21.37
CA GLN A 996 -43.51 6.80 20.74
C GLN A 996 -44.81 6.04 20.96
N ASN A 997 -45.30 5.40 19.91
CA ASN A 997 -46.41 4.49 20.07
C ASN A 997 -45.97 3.25 20.84
N SER A 998 -46.95 2.47 21.31
CA SER A 998 -46.62 1.25 22.03
C SER A 998 -45.85 0.28 21.14
N ILE A 999 -46.26 0.15 19.88
CA ILE A 999 -45.51 -0.70 18.95
C ILE A 999 -44.13 -0.12 18.69
N GLU A 1000 -44.04 1.21 18.56
CA GLU A 1000 -42.75 1.84 18.32
C GLU A 1000 -41.80 1.61 19.49
N ASN A 1001 -42.30 1.76 20.72
CA ASN A 1001 -41.46 1.50 21.90
C ASN A 1001 -41.10 0.02 22.00
N PHE A 1002 -42.03 -0.86 21.64
CA PHE A 1002 -41.77 -2.29 21.70
C PHE A 1002 -40.68 -2.69 20.70
N LEU A 1003 -40.69 -2.10 19.50
CA LEU A 1003 -39.74 -2.42 18.47
C LEU A 1003 -38.57 -1.46 18.40
N ARG A 1004 -38.48 -0.49 19.32
CA ARG A 1004 -37.38 0.48 19.36
C ARG A 1004 -37.24 1.21 18.03
N LEU A 1005 -38.34 1.79 17.56
CA LEU A 1005 -38.37 2.44 16.26
C LEU A 1005 -38.13 3.95 16.35
N ARG A 1006 -37.52 4.42 17.43
CA ARG A 1006 -37.18 5.83 17.58
C ARG A 1006 -35.69 5.98 17.87
N ASN A 1007 -35.07 6.95 17.21
CA ASN A 1007 -33.66 7.25 17.42
C ASN A 1007 -33.49 8.73 17.72
N CYS A 1008 -32.71 9.03 18.74
CA CYS A 1008 -32.42 10.41 19.12
C CYS A 1008 -31.21 10.91 18.34
N LEU A 1009 -31.38 12.06 17.67
CA LEU A 1009 -30.33 12.62 16.83
C LEU A 1009 -29.39 13.46 17.70
N HIS A 1010 -28.59 12.76 18.51
CA HIS A 1010 -27.59 13.43 19.32
C HIS A 1010 -26.48 13.97 18.44
N SER A 1011 -26.06 15.21 18.70
CA SER A 1011 -25.04 15.88 17.91
C SER A 1011 -23.88 16.27 18.81
N HIS A 1012 -22.66 16.05 18.32
CA HIS A 1012 -21.43 16.42 19.01
C HIS A 1012 -20.59 17.21 18.01
N LEU A 1013 -20.77 18.53 18.00
CA LEU A 1013 -20.15 19.40 17.01
C LEU A 1013 -18.75 19.81 17.47
N ASN A 1014 -17.85 18.82 17.45
CA ASN A 1014 -16.44 19.03 17.74
C ASN A 1014 -15.65 18.92 16.45
N PHE A 1015 -14.78 19.90 16.19
CA PHE A 1015 -13.99 19.92 14.97
C PHE A 1015 -12.59 20.44 15.32
N VAL A 1016 -11.70 20.42 14.32
CA VAL A 1016 -10.35 20.94 14.48
C VAL A 1016 -10.25 22.25 13.70
N LYS A 1017 -9.61 23.24 14.30
CA LYS A 1017 -9.42 24.52 13.64
C LYS A 1017 -8.47 24.37 12.46
N PRO A 1018 -8.62 25.20 11.43
CA PRO A 1018 -7.67 25.14 10.30
C PRO A 1018 -6.24 25.42 10.70
N LYS A 1019 -6.01 26.17 11.77
CA LYS A 1019 -4.66 26.45 12.25
C LYS A 1019 -4.11 25.37 13.17
N GLY A 1020 -4.95 24.45 13.64
CA GLY A 1020 -4.47 23.35 14.45
C GLY A 1020 -5.26 23.10 15.73
N GLY A 1021 -5.95 24.12 16.22
CA GLY A 1021 -6.67 24.01 17.47
C GLY A 1021 -7.94 23.19 17.36
N ILE A 1022 -8.59 23.01 18.50
CA ILE A 1022 -9.84 22.26 18.61
C ILE A 1022 -10.96 23.25 18.92
N ILE A 1023 -12.06 23.14 18.19
CA ILE A 1023 -13.21 24.03 18.33
C ILE A 1023 -14.45 23.19 18.61
N GLU A 1024 -15.35 23.74 19.43
CA GLU A 1024 -16.60 23.08 19.78
C GLU A 1024 -17.75 24.02 19.45
N PHE A 1025 -18.75 23.49 18.74
CA PHE A 1025 -19.91 24.27 18.32
C PHE A 1025 -21.16 23.78 19.04
N ASN A 1026 -22.04 24.72 19.35
CA ASN A 1026 -23.31 24.39 20.00
C ASN A 1026 -24.43 24.11 19.01
N SER A 1027 -24.26 24.51 17.75
CA SER A 1027 -25.30 24.30 16.74
C SER A 1027 -24.65 24.31 15.37
N TYR A 1028 -25.38 23.76 14.39
CA TYR A 1028 -24.90 23.76 13.01
C TYR A 1028 -24.85 25.17 12.44
N TYR A 1029 -25.66 26.08 12.97
CA TYR A 1029 -25.61 27.48 12.54
C TYR A 1029 -24.24 28.07 12.81
N GLU A 1030 -23.65 27.77 13.97
CA GLU A 1030 -22.31 28.25 14.27
C GLU A 1030 -21.29 27.71 13.28
N ILE A 1031 -21.42 26.43 12.90
CA ILE A 1031 -20.51 25.85 11.91
C ILE A 1031 -20.62 26.57 10.58
N LEU A 1032 -21.86 26.83 10.13
CA LEU A 1032 -22.04 27.52 8.86
C LEU A 1032 -21.49 28.95 8.92
N TYR A 1033 -21.74 29.65 10.03
CA TYR A 1033 -21.28 31.02 10.17
C TYR A 1033 -19.76 31.09 10.29
N ALA A 1034 -19.13 30.03 10.80
CA ALA A 1034 -17.67 29.98 10.83
C ALA A 1034 -17.09 29.63 9.47
N TRP A 1035 -17.78 28.78 8.71
CA TRP A 1035 -17.25 28.36 7.41
C TRP A 1035 -17.41 29.46 6.36
N LEU A 1036 -18.46 30.29 6.47
CA LEU A 1036 -18.71 31.30 5.44
C LEU A 1036 -17.55 32.26 5.22
N PRO A 1037 -16.96 32.89 6.25
CA PRO A 1037 -15.88 33.85 5.97
C PRO A 1037 -14.67 33.22 5.30
N TYR A 1038 -14.35 31.97 5.63
CA TYR A 1038 -13.21 31.33 4.98
C TYR A 1038 -13.44 31.17 3.48
N ARG A 1039 -14.65 30.75 3.10
CA ARG A 1039 -14.96 30.60 1.68
C ARG A 1039 -14.98 31.94 0.98
N ARG A 1040 -15.54 32.98 1.63
CA ARG A 1040 -15.57 34.31 1.02
C ARG A 1040 -14.15 34.83 0.80
N ASP A 1041 -13.28 34.67 1.80
CA ASP A 1041 -11.90 35.09 1.67
C ASP A 1041 -11.16 34.29 0.61
N LEU A 1042 -11.48 33.00 0.47
CA LEU A 1042 -10.84 32.21 -0.57
C LEU A 1042 -11.29 32.67 -1.96
N TYR A 1043 -12.57 33.00 -2.14
CA TYR A 1043 -12.98 33.60 -3.41
C TYR A 1043 -12.25 34.90 -3.68
N GLN A 1044 -12.13 35.77 -2.67
CA GLN A 1044 -11.43 37.04 -2.87
C GLN A 1044 -9.97 36.81 -3.24
N LYS A 1045 -9.29 35.90 -2.54
CA LYS A 1045 -7.89 35.62 -2.82
C LYS A 1045 -7.71 35.01 -4.21
N ARG A 1046 -8.61 34.09 -4.59
CA ARG A 1046 -8.52 33.48 -5.91
C ARG A 1046 -8.71 34.52 -7.00
N LEU A 1047 -9.68 35.43 -6.82
CA LEU A 1047 -9.88 36.48 -7.81
C LEU A 1047 -8.67 37.42 -7.87
N MET A 1048 -8.09 37.74 -6.72
CA MET A 1048 -6.91 38.60 -6.70
C MET A 1048 -5.74 37.96 -7.44
N ARG A 1049 -5.49 36.68 -7.17
CA ARG A 1049 -4.40 35.98 -7.85
C ARG A 1049 -4.68 35.86 -9.34
N GLU A 1050 -5.95 35.62 -9.71
CA GLU A 1050 -6.30 35.56 -11.12
C GLU A 1050 -6.04 36.89 -11.81
N ARG A 1051 -6.40 38.00 -11.15
CA ARG A 1051 -6.13 39.31 -11.71
C ARG A 1051 -4.63 39.56 -11.87
N ALA A 1052 -3.85 39.17 -10.86
CA ALA A 1052 -2.41 39.39 -10.92
C ALA A 1052 -1.77 38.58 -12.04
N VAL A 1053 -2.13 37.28 -12.14
CA VAL A 1053 -1.56 36.45 -13.19
C VAL A 1053 -2.05 36.89 -14.56
N LEU A 1054 -3.27 37.41 -14.65
CA LEU A 1054 -3.77 37.91 -15.92
C LEU A 1054 -3.02 39.17 -16.34
N LYS A 1055 -2.71 40.05 -15.39
CA LYS A 1055 -1.90 41.22 -15.70
C LYS A 1055 -0.51 40.81 -16.16
N LEU A 1056 0.09 39.83 -15.47
CA LEU A 1056 1.41 39.34 -15.86
C LEU A 1056 1.40 38.77 -17.28
N ARG A 1057 0.42 37.92 -17.56
CA ARG A 1057 0.28 37.35 -18.90
C ARG A 1057 0.03 38.45 -19.93
N LEU A 1058 -0.75 39.47 -19.56
CA LEU A 1058 -1.04 40.55 -20.49
C LEU A 1058 0.21 41.32 -20.86
N ILE A 1059 1.04 41.65 -19.86
CA ILE A 1059 2.25 42.40 -20.18
C ILE A 1059 3.21 41.54 -20.99
N MET A 1060 3.30 40.23 -20.69
CA MET A 1060 4.21 39.39 -21.46
C MET A 1060 3.72 39.23 -22.91
N GLU A 1061 2.39 39.08 -23.10
CA GLU A 1061 1.86 39.00 -24.45
C GLU A 1061 2.05 40.29 -25.22
N THR A 1062 1.86 41.45 -24.56
CA THR A 1062 2.09 42.71 -25.24
C THR A 1062 3.56 42.85 -25.63
N ALA A 1063 4.46 42.42 -24.75
CA ALA A 1063 5.89 42.46 -25.07
C ALA A 1063 6.21 41.60 -26.28
N ILE A 1064 5.70 40.37 -26.31
CA ILE A 1064 6.00 39.51 -27.45
C ILE A 1064 5.34 40.02 -28.73
N VAL A 1065 4.16 40.63 -28.62
CA VAL A 1065 3.49 41.19 -29.80
C VAL A 1065 4.30 42.36 -30.35
N ARG A 1066 4.78 43.25 -29.46
CA ARG A 1066 5.60 44.36 -29.92
C ARG A 1066 6.91 43.86 -30.53
N TYR A 1067 7.49 42.80 -29.94
CA TYR A 1067 8.70 42.22 -30.51
C TYR A 1067 8.45 41.68 -31.90
N ILE A 1068 7.36 40.94 -32.08
CA ILE A 1068 7.06 40.41 -33.41
C ILE A 1068 6.67 41.53 -34.37
N ASN A 1069 6.28 42.69 -33.85
CA ASN A 1069 5.93 43.81 -34.71
C ASN A 1069 7.19 44.52 -35.22
N GLU A 1070 8.14 44.81 -34.34
CA GLU A 1070 9.29 45.63 -34.71
C GLU A 1070 10.62 44.89 -34.56
N SER A 1071 10.60 43.56 -34.74
CA SER A 1071 11.86 42.82 -34.75
C SER A 1071 12.71 43.14 -35.97
N ALA A 1072 12.11 43.63 -37.06
CA ALA A 1072 12.88 43.96 -38.25
C ALA A 1072 13.89 45.07 -37.97
N ASP A 1073 13.62 45.91 -36.97
CA ASP A 1073 14.54 47.00 -36.65
C ASP A 1073 15.87 46.47 -36.14
N LEU A 1074 15.85 45.53 -35.18
CA LEU A 1074 17.07 45.01 -34.60
C LEU A 1074 17.54 43.72 -35.28
N ASN A 1075 16.70 42.68 -35.26
CA ASN A 1075 17.06 41.39 -35.83
C ASN A 1075 15.84 40.50 -35.87
N LEU A 1076 15.74 39.70 -36.94
CA LEU A 1076 14.65 38.73 -37.12
C LEU A 1076 15.29 37.35 -37.37
N SER A 1077 15.60 36.66 -36.28
CA SER A 1077 16.19 35.32 -36.34
C SER A 1077 16.29 34.79 -34.92
N HIS A 1078 16.69 33.52 -34.81
CA HIS A 1078 17.01 32.91 -33.53
C HIS A 1078 18.52 32.83 -33.29
N TYR A 1079 19.32 33.43 -34.18
CA TYR A 1079 20.76 33.44 -33.99
C TYR A 1079 21.16 34.22 -32.73
N GLU A 1080 20.36 35.21 -32.34
CA GLU A 1080 20.62 36.00 -31.15
C GLU A 1080 20.09 35.25 -29.93
N ASP A 1081 20.86 34.24 -29.50
CA ASP A 1081 20.55 33.47 -28.31
C ASP A 1081 21.52 33.71 -27.16
N GLU A 1082 22.57 34.49 -27.38
CA GLU A 1082 23.55 34.79 -26.34
C GLU A 1082 23.11 36.04 -25.57
N LYS A 1083 24.01 36.58 -24.75
CA LYS A 1083 23.71 37.77 -23.98
C LYS A 1083 23.56 39.02 -24.83
N GLU A 1084 23.98 38.98 -26.11
CA GLU A 1084 23.81 40.13 -26.98
C GLU A 1084 22.34 40.45 -27.19
N ALA A 1085 21.51 39.41 -27.37
CA ALA A 1085 20.07 39.63 -27.49
C ALA A 1085 19.49 40.23 -26.22
N GLY A 1086 19.95 39.74 -25.06
CA GLY A 1086 19.48 40.31 -23.80
C GLY A 1086 19.85 41.78 -23.67
N ARG A 1087 21.09 42.13 -24.04
CA ARG A 1087 21.51 43.52 -23.96
C ARG A 1087 20.71 44.40 -24.93
N ILE A 1088 20.52 43.93 -26.16
CA ILE A 1088 19.81 44.75 -27.14
C ILE A 1088 18.33 44.87 -26.80
N LEU A 1089 17.77 43.89 -26.07
CA LEU A 1089 16.39 44.00 -25.63
C LEU A 1089 16.26 44.90 -24.41
N SER A 1090 17.23 44.83 -23.49
CA SER A 1090 17.24 45.72 -22.34
C SER A 1090 17.51 47.16 -22.74
N GLU A 1091 18.16 47.38 -23.88
CA GLU A 1091 18.31 48.74 -24.40
C GLU A 1091 16.95 49.35 -24.69
N HIS A 1092 16.04 48.58 -25.27
CA HIS A 1092 14.66 49.00 -25.48
C HIS A 1092 13.86 48.74 -24.21
N GLY A 1093 12.55 48.94 -24.28
CA GLY A 1093 11.69 48.72 -23.13
C GLY A 1093 11.19 47.29 -23.00
N PHE A 1094 12.11 46.33 -23.06
CA PHE A 1094 11.74 44.93 -22.93
C PHE A 1094 12.11 44.44 -21.54
N PRO A 1095 11.14 44.17 -20.67
CA PRO A 1095 11.47 43.69 -19.32
C PRO A 1095 11.76 42.21 -19.32
N PRO A 1096 12.64 41.75 -18.43
CA PRO A 1096 12.89 40.30 -18.31
C PRO A 1096 11.83 39.66 -17.41
N LEU A 1097 11.11 38.69 -17.97
CA LEU A 1097 9.97 38.09 -17.31
C LEU A 1097 10.18 36.60 -17.15
N ASN A 1098 9.78 36.07 -15.99
CA ASN A 1098 9.88 34.65 -15.72
C ASN A 1098 8.81 33.91 -16.54
N GLN A 1099 9.21 33.41 -17.71
CA GLN A 1099 8.25 32.78 -18.61
C GLN A 1099 7.60 31.55 -17.98
N SER A 1100 8.41 30.71 -17.33
CA SER A 1100 7.87 29.49 -16.75
C SER A 1100 6.88 29.79 -15.64
N LEU A 1101 7.20 30.77 -14.77
CA LEU A 1101 6.30 31.11 -13.67
C LEU A 1101 5.00 31.72 -14.19
N ILE A 1102 5.09 32.60 -15.18
CA ILE A 1102 3.89 33.28 -15.68
C ILE A 1102 3.00 32.30 -16.45
N THR A 1103 3.60 31.46 -17.29
CA THR A 1103 2.81 30.56 -18.12
C THR A 1103 2.11 29.48 -17.32
N SER A 1104 2.59 29.18 -16.11
CA SER A 1104 1.95 28.15 -15.28
C SER A 1104 2.37 28.30 -13.83
N PRO A 1105 1.79 29.24 -13.08
CA PRO A 1105 2.09 29.36 -11.65
C PRO A 1105 1.27 28.36 -10.84
N GLU A 1106 1.95 27.35 -10.30
CA GLU A 1106 1.25 26.29 -9.57
C GLU A 1106 0.77 26.78 -8.21
N PHE A 1107 1.69 27.16 -7.33
CA PHE A 1107 1.34 27.59 -5.99
C PHE A 1107 2.00 28.92 -5.64
N ALA A 1108 2.25 29.75 -6.63
CA ALA A 1108 2.89 31.05 -6.41
C ALA A 1108 1.85 32.04 -5.90
N THR A 1109 1.90 32.35 -4.61
CA THR A 1109 0.99 33.34 -4.06
C THR A 1109 1.34 34.72 -4.57
N ILE A 1110 0.48 35.69 -4.23
CA ILE A 1110 0.53 37.00 -4.88
C ILE A 1110 1.89 37.66 -4.71
N GLU A 1111 2.41 37.68 -3.48
CA GLU A 1111 3.64 38.42 -3.23
C GLU A 1111 4.89 38.00 -3.99
N GLU A 1112 5.28 36.72 -3.89
CA GLU A 1112 6.43 36.28 -4.70
C GLU A 1112 6.12 36.03 -6.21
N LEU A 1113 4.82 35.95 -6.51
CA LEU A 1113 4.40 35.84 -7.90
C LEU A 1113 4.86 37.18 -8.48
N ASN A 1114 4.44 38.29 -7.87
CA ASN A 1114 4.84 39.59 -8.39
C ASN A 1114 6.31 39.89 -8.13
N GLN A 1115 6.92 39.25 -7.12
CA GLN A 1115 8.34 39.46 -6.90
C GLN A 1115 9.19 38.73 -7.94
N LYS A 1116 8.81 37.50 -8.28
CA LYS A 1116 9.57 36.69 -9.22
C LYS A 1116 9.14 36.89 -10.66
N ALA A 1117 8.09 37.67 -10.92
CA ALA A 1117 7.68 37.91 -12.30
C ALA A 1117 8.78 38.61 -13.10
N LEU A 1118 9.41 39.63 -12.52
CA LEU A 1118 10.39 40.44 -13.23
C LEU A 1118 11.82 39.98 -13.00
N GLN A 1119 12.03 38.88 -12.28
CA GLN A 1119 13.35 38.35 -12.01
C GLN A 1119 13.72 37.18 -12.91
N GLY A 1120 12.95 36.94 -13.97
CA GLY A 1120 13.25 35.85 -14.88
C GLY A 1120 14.31 36.21 -15.90
N CYS A 1121 14.09 35.80 -17.15
CA CYS A 1121 15.04 36.06 -18.22
C CYS A 1121 14.25 36.48 -19.46
N TYR A 1122 14.95 36.56 -20.59
CA TYR A 1122 14.33 36.91 -21.86
C TYR A 1122 13.93 35.69 -22.68
N THR A 1123 13.77 34.53 -22.03
CA THR A 1123 13.39 33.33 -22.76
C THR A 1123 12.00 33.44 -23.37
N TYR A 1124 11.16 34.32 -22.83
CA TYR A 1124 9.81 34.47 -23.37
C TYR A 1124 9.82 34.98 -24.81
N ILE A 1125 10.91 35.59 -25.25
CA ILE A 1125 11.05 36.03 -26.63
C ILE A 1125 11.97 35.10 -27.41
N LEU A 1126 13.07 34.67 -26.79
CA LEU A 1126 14.04 33.81 -27.48
C LEU A 1126 13.48 32.43 -27.80
N SER A 1127 12.41 32.01 -27.12
CA SER A 1127 11.80 30.70 -27.36
C SER A 1127 10.69 30.76 -28.40
N LEU A 1128 10.74 31.73 -29.31
CA LEU A 1128 9.72 31.89 -30.33
C LEU A 1128 10.11 31.09 -31.57
N GLN A 1129 9.29 30.09 -31.90
CA GLN A 1129 9.55 29.29 -33.09
C GLN A 1129 9.24 30.08 -34.35
N ALA A 1130 9.72 29.57 -35.49
CA ALA A 1130 9.46 30.24 -36.76
C ALA A 1130 7.97 30.34 -37.06
N ARG A 1131 7.19 29.36 -36.59
CA ARG A 1131 5.75 29.39 -36.77
C ARG A 1131 5.17 30.70 -36.23
N GLU A 1132 5.64 31.13 -35.06
CA GLU A 1132 5.16 32.36 -34.43
C GLU A 1132 5.86 33.61 -34.95
N LEU A 1133 6.55 33.54 -36.10
CA LEU A 1133 7.29 34.69 -36.62
C LEU A 1133 6.60 35.33 -37.83
N LEU A 1134 5.28 35.27 -37.89
CA LEU A 1134 4.54 35.90 -38.98
C LEU A 1134 3.13 36.21 -38.52
N ILE A 1135 2.30 36.73 -39.44
CA ILE A 1135 0.98 37.23 -39.09
C ILE A 1135 0.03 36.09 -38.73
N ALA A 1136 0.21 34.91 -39.32
CA ALA A 1136 -0.71 33.80 -39.08
C ALA A 1136 -0.78 33.45 -37.59
N ALA A 1137 0.31 33.66 -36.85
CA ALA A 1137 0.28 33.55 -35.40
C ALA A 1137 -0.07 34.87 -34.73
N LYS A 1138 0.13 36.00 -35.41
CA LYS A 1138 -0.20 37.29 -34.83
C LYS A 1138 -1.70 37.43 -34.61
N THR A 1139 -2.51 36.92 -35.56
CA THR A 1139 -3.97 36.96 -35.37
C THR A 1139 -4.39 36.14 -34.15
N ARG A 1140 -3.82 34.95 -34.00
CA ARG A 1140 -4.12 34.15 -32.81
C ARG A 1140 -3.68 34.87 -31.54
N ARG A 1141 -2.52 35.52 -31.59
CA ARG A 1141 -2.03 36.25 -30.43
C ARG A 1141 -2.97 37.39 -30.04
N VAL A 1142 -3.44 38.17 -31.02
CA VAL A 1142 -4.30 39.30 -30.69
C VAL A 1142 -5.67 38.80 -30.22
N GLU A 1143 -6.16 37.71 -30.80
CA GLU A 1143 -7.41 37.14 -30.28
C GLU A 1143 -7.25 36.67 -28.85
N LYS A 1144 -6.10 36.05 -28.53
CA LYS A 1144 -5.85 35.62 -27.16
C LYS A 1144 -5.78 36.79 -26.20
N ILE A 1145 -5.08 37.86 -26.59
CA ILE A 1145 -4.96 39.01 -25.70
C ILE A 1145 -6.30 39.69 -25.53
N LYS A 1146 -7.14 39.72 -26.57
CA LYS A 1146 -8.47 40.28 -26.43
C LYS A 1146 -9.31 39.46 -25.46
N LYS A 1147 -9.27 38.13 -25.59
CA LYS A 1147 -10.03 37.28 -24.69
C LYS A 1147 -9.59 37.45 -23.24
N MET A 1148 -8.28 37.47 -23.02
CA MET A 1148 -7.79 37.57 -21.65
C MET A 1148 -7.95 38.98 -21.09
N GLN A 1149 -7.95 40.01 -21.93
CA GLN A 1149 -8.28 41.35 -21.47
C GLN A 1149 -9.74 41.44 -21.06
N ALA A 1150 -10.63 40.80 -21.82
CA ALA A 1150 -12.04 40.74 -21.43
C ALA A 1150 -12.20 40.01 -20.11
N ARG A 1151 -11.50 38.89 -19.93
CA ARG A 1151 -11.49 38.22 -18.63
C ARG A 1151 -10.92 39.14 -17.55
N LEU A 1152 -9.97 39.99 -17.90
CA LEU A 1152 -9.35 40.87 -16.92
C LEU A 1152 -10.34 41.90 -16.39
N ASP A 1153 -11.04 42.60 -17.28
CA ASP A 1153 -11.99 43.58 -16.73
C ASP A 1153 -13.23 42.89 -16.16
N LYS A 1154 -13.53 41.67 -16.60
CA LYS A 1154 -14.58 40.89 -15.94
C LYS A 1154 -14.20 40.60 -14.49
N VAL A 1155 -12.95 40.22 -14.26
CA VAL A 1155 -12.46 40.09 -12.89
C VAL A 1155 -12.47 41.43 -12.18
N GLU A 1156 -12.16 42.50 -12.90
CA GLU A 1156 -12.05 43.82 -12.29
C GLU A 1156 -13.38 44.29 -11.70
N GLN A 1157 -14.45 44.26 -12.49
CA GLN A 1157 -15.71 44.70 -11.93
C GLN A 1157 -16.48 43.56 -11.26
N LEU A 1158 -15.96 42.32 -11.34
CA LEU A 1158 -16.42 41.29 -10.43
C LEU A 1158 -16.08 41.63 -9.00
N LEU A 1159 -14.94 42.28 -8.78
CA LEU A 1159 -14.57 42.76 -7.46
C LEU A 1159 -15.49 43.91 -7.05
N GLN A 1160 -15.20 44.46 -5.86
CA GLN A 1160 -15.94 45.56 -5.24
C GLN A 1160 -17.46 45.39 -5.35
N GLU A 1161 -17.92 44.14 -5.32
CA GLU A 1161 -19.35 43.86 -5.28
C GLU A 1161 -19.90 44.21 -3.89
N SER A 1162 -21.20 44.49 -3.84
CA SER A 1162 -21.79 44.98 -2.60
C SER A 1162 -21.68 43.98 -1.45
N PRO A 1163 -22.00 42.67 -1.61
CA PRO A 1163 -21.80 41.77 -0.47
C PRO A 1163 -20.33 41.46 -0.21
N PHE A 1164 -19.61 41.11 -1.27
CA PHE A 1164 -18.18 40.83 -1.28
C PHE A 1164 -17.75 40.53 -2.71
N PRO A 1165 -16.47 40.70 -3.05
CA PRO A 1165 -16.04 40.39 -4.42
C PRO A 1165 -16.25 38.92 -4.76
N GLY A 1166 -16.62 38.66 -6.00
CA GLY A 1166 -16.81 37.30 -6.46
C GLY A 1166 -18.11 36.65 -6.03
N ALA A 1167 -19.16 37.43 -5.83
CA ALA A 1167 -20.44 36.86 -5.40
C ALA A 1167 -21.09 36.06 -6.52
N SER A 1168 -21.06 36.57 -7.75
CA SER A 1168 -21.73 35.89 -8.86
C SER A 1168 -21.03 34.58 -9.20
N VAL A 1169 -19.69 34.55 -9.10
CA VAL A 1169 -18.96 33.31 -9.32
C VAL A 1169 -19.36 32.26 -8.29
N TRP A 1170 -19.49 32.68 -7.03
CA TRP A 1170 -19.95 31.76 -5.99
C TRP A 1170 -21.36 31.27 -6.29
N LEU A 1171 -22.24 32.17 -6.75
CA LEU A 1171 -23.62 31.78 -7.05
C LEU A 1171 -23.66 30.74 -8.17
N GLU A 1172 -22.89 30.97 -9.24
CA GLU A 1172 -22.92 30.03 -10.36
C GLU A 1172 -22.26 28.70 -9.98
N GLU A 1173 -21.22 28.74 -9.14
CA GLU A 1173 -20.65 27.50 -8.64
C GLU A 1173 -21.65 26.74 -7.77
N ILE A 1174 -22.43 27.46 -6.97
CA ILE A 1174 -23.48 26.83 -6.17
C ILE A 1174 -24.51 26.17 -7.07
N ASP A 1175 -24.91 26.86 -8.13
CA ASP A 1175 -25.87 26.28 -9.07
C ASP A 1175 -25.31 25.03 -9.73
N ALA A 1176 -24.04 25.08 -10.14
CA ALA A 1176 -23.42 23.93 -10.79
C ALA A 1176 -23.34 22.74 -9.84
N VAL A 1177 -22.95 22.99 -8.58
CA VAL A 1177 -22.84 21.88 -7.63
C VAL A 1177 -24.22 21.33 -7.28
N GLU A 1178 -25.25 22.19 -7.23
CA GLU A 1178 -26.59 21.70 -7.00
C GLU A 1178 -27.06 20.82 -8.16
N LYS A 1179 -26.76 21.23 -9.39
CA LYS A 1179 -27.12 20.42 -10.55
C LYS A 1179 -26.39 19.08 -10.52
N ALA A 1180 -25.11 19.08 -10.16
CA ALA A 1180 -24.35 17.84 -10.07
C ALA A 1180 -24.92 16.93 -8.99
N ILE A 1181 -25.29 17.49 -7.84
CA ILE A 1181 -25.87 16.70 -6.76
C ILE A 1181 -27.21 16.10 -7.21
N ILE A 1182 -28.02 16.89 -7.90
CA ILE A 1182 -29.30 16.39 -8.39
C ILE A 1182 -29.10 15.25 -9.37
N LYS A 1183 -28.14 15.40 -10.29
CA LYS A 1183 -27.86 14.34 -11.24
C LYS A 1183 -27.38 13.08 -10.55
N GLY A 1184 -26.49 13.23 -9.57
CA GLY A 1184 -26.01 12.07 -8.84
C GLY A 1184 -27.11 11.35 -8.07
N ARG A 1185 -28.00 12.14 -7.44
CA ARG A 1185 -29.12 11.54 -6.72
C ARG A 1185 -30.06 10.82 -7.68
N ASN A 1186 -30.28 11.38 -8.86
CA ASN A 1186 -31.13 10.72 -9.84
C ASN A 1186 -30.50 9.45 -10.38
N THR A 1187 -29.18 9.41 -10.50
CA THR A 1187 -28.47 8.24 -11.04
C THR A 1187 -27.90 7.35 -9.94
N GLN A 1188 -28.41 7.48 -8.71
CA GLN A 1188 -27.95 6.65 -7.58
C GLN A 1188 -26.44 6.80 -7.37
N TRP A 1189 -25.93 8.00 -7.60
CA TRP A 1189 -24.50 8.30 -7.52
C TRP A 1189 -23.68 7.35 -8.37
N LYS A 1190 -24.19 7.06 -9.57
CA LYS A 1190 -23.45 6.30 -10.56
C LYS A 1190 -23.08 7.11 -11.79
N PHE A 1191 -23.89 8.11 -12.14
CA PHE A 1191 -23.64 8.99 -13.29
C PHE A 1191 -23.52 8.19 -14.59
N HIS A 1192 -24.25 7.08 -14.68
CA HIS A 1192 -24.24 6.20 -15.85
C HIS A 1192 -22.83 5.75 -16.22
N ASP B 414 -29.93 -21.55 15.50
CA ASP B 414 -28.65 -21.51 14.80
C ASP B 414 -28.13 -20.09 14.69
N VAL B 415 -27.12 -19.89 13.82
CA VAL B 415 -26.58 -18.55 13.62
C VAL B 415 -27.62 -17.67 12.93
N ASP B 416 -27.46 -16.36 13.11
CA ASP B 416 -28.37 -15.39 12.53
C ASP B 416 -28.10 -15.12 11.05
N LYS B 417 -27.02 -15.67 10.50
CA LYS B 417 -26.72 -15.49 9.08
C LYS B 417 -27.68 -16.26 8.17
N TYR B 418 -28.51 -17.13 8.73
CA TYR B 418 -29.44 -17.93 7.95
C TYR B 418 -30.72 -17.14 7.71
N THR B 419 -31.10 -17.00 6.45
CA THR B 419 -32.35 -16.35 6.06
C THR B 419 -33.27 -17.43 5.50
N ARG B 420 -34.27 -17.83 6.27
CA ARG B 420 -35.14 -18.93 5.87
C ARG B 420 -36.00 -18.56 4.68
N ALA B 421 -36.21 -19.53 3.80
CA ALA B 421 -37.16 -19.36 2.71
C ALA B 421 -38.59 -19.48 3.22
N ARG B 422 -39.53 -18.90 2.48
CA ARG B 422 -40.92 -18.93 2.89
C ARG B 422 -41.48 -20.35 2.88
N ASN B 423 -41.12 -21.15 1.88
CA ASN B 423 -41.61 -22.51 1.76
C ASN B 423 -40.60 -23.54 2.22
N ALA B 424 -39.53 -23.11 2.90
CA ALA B 424 -38.52 -24.04 3.36
C ALA B 424 -39.09 -24.95 4.44
N GLY B 425 -38.88 -26.26 4.28
CA GLY B 425 -39.38 -27.23 5.22
C GLY B 425 -40.86 -27.55 5.10
N GLY B 426 -41.54 -26.97 4.12
CA GLY B 426 -42.96 -27.19 3.94
C GLY B 426 -43.25 -28.28 2.92
N LYS B 427 -44.47 -28.26 2.40
CA LYS B 427 -44.89 -29.23 1.40
C LYS B 427 -44.12 -29.10 0.09
N LYS B 428 -43.65 -27.90 -0.23
CA LYS B 428 -42.90 -27.64 -1.46
C LYS B 428 -41.42 -27.42 -1.18
N ALA B 429 -40.89 -28.15 -0.18
CA ALA B 429 -39.48 -28.02 0.18
C ALA B 429 -38.55 -28.51 -0.93
N GLN B 430 -39.04 -29.40 -1.81
CA GLN B 430 -38.20 -29.88 -2.90
C GLN B 430 -37.87 -28.79 -3.90
N ASP B 431 -38.79 -27.83 -4.10
CA ASP B 431 -38.54 -26.71 -5.00
C ASP B 431 -37.67 -25.64 -4.37
N CYS B 432 -37.43 -25.70 -3.07
CA CYS B 432 -36.61 -24.71 -2.39
C CYS B 432 -35.13 -25.06 -2.51
N MET B 433 -34.30 -24.03 -2.59
CA MET B 433 -32.86 -24.19 -2.65
C MET B 433 -32.21 -23.27 -1.62
N LEU B 434 -31.07 -23.71 -1.10
CA LEU B 434 -30.35 -22.99 -0.05
C LEU B 434 -29.03 -22.48 -0.61
N LEU B 435 -28.94 -21.17 -0.82
CA LEU B 435 -27.73 -20.55 -1.32
C LEU B 435 -26.76 -20.33 -0.16
N ALA B 436 -25.60 -20.99 -0.23
CA ALA B 436 -24.58 -20.90 0.81
C ALA B 436 -23.49 -19.95 0.32
N ALA B 437 -23.65 -18.67 0.66
CA ALA B 437 -22.67 -17.67 0.28
C ALA B 437 -21.40 -17.83 1.12
N GLU B 438 -20.27 -17.40 0.55
CA GLU B 438 -19.00 -17.56 1.24
C GLU B 438 -18.86 -16.59 2.41
N GLY B 439 -19.22 -15.34 2.19
CA GLY B 439 -19.02 -14.30 3.20
C GLY B 439 -20.12 -13.28 3.19
N ASP B 440 -19.82 -12.10 3.75
CA ASP B 440 -20.84 -11.06 3.87
C ASP B 440 -21.14 -10.40 2.54
N SER B 441 -20.11 -10.18 1.72
CA SER B 441 -20.34 -9.55 0.41
C SER B 441 -21.18 -10.44 -0.49
N ALA B 442 -20.87 -11.74 -0.52
CA ALA B 442 -21.68 -12.68 -1.31
C ALA B 442 -23.10 -12.76 -0.77
N LEU B 443 -23.25 -12.74 0.55
CA LEU B 443 -24.58 -12.73 1.14
C LEU B 443 -25.37 -11.51 0.72
N SER B 444 -24.73 -10.34 0.74
CA SER B 444 -25.41 -9.12 0.33
C SER B 444 -25.79 -9.16 -1.14
N LEU B 445 -24.89 -9.66 -1.98
CA LEU B 445 -25.20 -9.77 -3.41
C LEU B 445 -26.38 -10.71 -3.64
N LEU B 446 -26.39 -11.85 -2.95
CA LEU B 446 -27.51 -12.79 -3.09
C LEU B 446 -28.81 -12.17 -2.61
N ARG B 447 -28.76 -11.44 -1.50
CA ARG B 447 -29.95 -10.77 -0.99
C ARG B 447 -30.47 -9.75 -1.99
N ALA B 448 -29.57 -8.94 -2.56
CA ALA B 448 -29.98 -7.94 -3.53
C ALA B 448 -30.59 -8.59 -4.76
N GLY B 449 -29.98 -9.66 -5.26
CA GLY B 449 -30.54 -10.34 -6.42
C GLY B 449 -31.90 -10.95 -6.14
N LEU B 450 -32.02 -11.64 -5.01
CA LEU B 450 -33.30 -12.26 -4.66
C LEU B 450 -34.39 -11.24 -4.49
N THR B 451 -34.09 -10.09 -3.89
CA THR B 451 -35.10 -9.07 -3.69
C THR B 451 -35.45 -8.30 -4.95
N LEU B 452 -34.47 -8.05 -5.83
CA LEU B 452 -34.79 -7.41 -7.10
C LEU B 452 -35.54 -8.36 -8.02
N GLY B 453 -35.38 -9.67 -7.85
CA GLY B 453 -36.16 -10.61 -8.63
C GLY B 453 -37.63 -10.64 -8.28
N LYS B 454 -38.04 -9.97 -7.20
CA LYS B 454 -39.43 -9.98 -6.76
C LYS B 454 -40.31 -9.00 -7.53
N SER B 455 -39.72 -8.05 -8.25
CA SER B 455 -40.50 -6.98 -8.88
C SER B 455 -40.45 -7.04 -10.39
N ASN B 456 -39.27 -6.96 -11.00
CA ASN B 456 -39.19 -6.92 -12.45
C ASN B 456 -39.36 -8.31 -13.07
N PRO B 457 -38.54 -9.32 -12.71
CA PRO B 457 -38.70 -10.63 -13.34
C PRO B 457 -39.59 -11.56 -12.55
N SER B 458 -39.83 -12.75 -13.08
CA SER B 458 -40.48 -13.84 -12.35
C SER B 458 -39.49 -14.98 -12.23
N GLY B 459 -39.10 -15.30 -10.99
CA GLY B 459 -38.07 -16.28 -10.77
C GLY B 459 -37.62 -16.33 -9.32
N PRO B 460 -36.30 -16.25 -9.12
CA PRO B 460 -35.75 -16.40 -7.76
C PRO B 460 -36.28 -15.33 -6.82
N SER B 461 -36.54 -15.75 -5.59
CA SER B 461 -37.03 -14.89 -4.52
C SER B 461 -36.92 -15.65 -3.22
N PHE B 462 -37.24 -14.98 -2.11
CA PHE B 462 -37.21 -15.63 -0.81
C PHE B 462 -38.32 -16.66 -0.64
N ASP B 463 -39.28 -16.71 -1.55
CA ASP B 463 -40.33 -17.72 -1.48
C ASP B 463 -39.74 -19.13 -1.63
N PHE B 464 -38.78 -19.30 -2.55
CA PHE B 464 -38.22 -20.60 -2.84
C PHE B 464 -36.70 -20.64 -2.71
N CYS B 465 -36.08 -19.64 -2.10
CA CYS B 465 -34.63 -19.60 -1.97
C CYS B 465 -34.27 -19.08 -0.58
N GLY B 466 -33.68 -19.96 0.24
CA GLY B 466 -33.12 -19.53 1.50
C GLY B 466 -31.65 -19.18 1.37
N MET B 467 -31.14 -18.47 2.37
CA MET B 467 -29.78 -17.96 2.34
C MET B 467 -29.04 -18.33 3.62
N ILE B 468 -27.78 -18.74 3.47
CA ILE B 468 -26.92 -19.05 4.60
C ILE B 468 -25.50 -18.62 4.25
N SER B 469 -24.65 -18.52 5.27
CA SER B 469 -23.28 -18.09 5.11
C SER B 469 -22.32 -19.12 5.70
N LEU B 470 -21.13 -19.20 5.11
CA LEU B 470 -20.10 -20.13 5.55
C LEU B 470 -19.02 -19.41 6.35
N GLY B 471 -18.44 -20.12 7.31
CA GLY B 471 -17.40 -19.57 8.15
C GLY B 471 -16.28 -20.54 8.44
N ASN B 496 -14.62 -37.00 9.79
CA ASN B 496 -13.27 -36.85 10.30
C ASN B 496 -13.27 -36.80 11.82
N GLU B 497 -12.42 -35.95 12.39
CA GLU B 497 -12.32 -35.80 13.83
C GLU B 497 -12.58 -34.37 14.31
N GLN B 498 -12.24 -33.35 13.52
CA GLN B 498 -12.47 -31.97 13.89
C GLN B 498 -13.51 -31.29 13.00
N LEU B 499 -13.90 -31.90 11.89
CA LEU B 499 -14.87 -31.31 10.99
C LEU B 499 -16.31 -31.47 11.47
N THR B 500 -16.55 -32.30 12.48
CA THR B 500 -17.90 -32.51 13.00
C THR B 500 -18.28 -31.51 14.08
N ASN B 501 -17.31 -30.93 14.77
CA ASN B 501 -17.58 -29.98 15.84
C ASN B 501 -17.59 -28.52 15.37
N ASN B 502 -17.36 -28.29 14.08
CA ASN B 502 -17.36 -26.93 13.56
C ASN B 502 -18.78 -26.37 13.58
N LYS B 503 -18.90 -25.09 13.94
CA LYS B 503 -20.22 -24.51 14.15
C LYS B 503 -20.97 -24.30 12.83
N VAL B 504 -20.25 -23.98 11.76
CA VAL B 504 -20.92 -23.68 10.49
C VAL B 504 -21.54 -24.94 9.89
N LEU B 505 -20.81 -26.06 9.92
CA LEU B 505 -21.38 -27.31 9.43
C LEU B 505 -22.51 -27.79 10.33
N GLN B 506 -22.41 -27.53 11.64
CA GLN B 506 -23.51 -27.85 12.54
C GLN B 506 -24.77 -27.06 12.18
N GLY B 507 -24.61 -25.77 11.91
CA GLY B 507 -25.75 -24.97 11.48
C GLY B 507 -26.33 -25.45 10.17
N ILE B 508 -25.47 -25.82 9.22
CA ILE B 508 -25.93 -26.30 7.92
C ILE B 508 -26.71 -27.60 8.08
N VAL B 509 -26.18 -28.54 8.86
CA VAL B 509 -26.87 -29.81 9.06
C VAL B 509 -28.15 -29.60 9.85
N GLN B 510 -28.21 -28.56 10.69
CA GLN B 510 -29.43 -28.28 11.43
C GLN B 510 -30.51 -27.71 10.51
N VAL B 511 -30.15 -26.76 9.65
CA VAL B 511 -31.15 -26.14 8.79
C VAL B 511 -31.62 -27.12 7.72
N LEU B 512 -30.68 -27.86 7.11
CA LEU B 512 -31.04 -28.78 6.04
C LEU B 512 -31.81 -29.99 6.55
N GLY B 513 -31.85 -30.22 7.85
CA GLY B 513 -32.49 -31.41 8.37
C GLY B 513 -31.76 -32.69 8.05
N LEU B 514 -30.47 -32.61 7.75
CA LEU B 514 -29.71 -33.78 7.35
C LEU B 514 -29.53 -34.74 8.52
N ASP B 515 -29.68 -36.02 8.25
CA ASP B 515 -29.46 -37.07 9.24
C ASP B 515 -28.19 -37.83 8.89
N PHE B 516 -27.31 -37.99 9.88
CA PHE B 516 -26.03 -38.66 9.63
C PHE B 516 -26.23 -40.11 9.23
N ASN B 517 -27.11 -40.83 9.93
CA ASN B 517 -27.33 -42.25 9.66
C ASN B 517 -28.56 -42.46 8.79
N CYS B 518 -28.51 -41.91 7.59
CA CYS B 518 -29.59 -42.12 6.62
C CYS B 518 -29.10 -42.60 5.27
N HIS B 519 -27.96 -42.08 4.79
CA HIS B 519 -27.32 -42.47 3.53
C HIS B 519 -28.14 -42.04 2.32
N TYR B 520 -29.36 -41.54 2.56
CA TYR B 520 -30.24 -40.96 1.54
C TYR B 520 -30.19 -41.74 0.22
N LYS B 521 -30.29 -43.06 0.33
CA LYS B 521 -30.25 -43.91 -0.86
C LYS B 521 -31.53 -43.79 -1.67
N THR B 522 -32.68 -43.81 -0.99
CA THR B 522 -33.97 -43.80 -1.66
C THR B 522 -34.46 -42.38 -1.90
N GLN B 523 -35.42 -42.25 -2.82
CA GLN B 523 -36.00 -40.94 -3.12
C GLN B 523 -36.79 -40.39 -1.93
N GLU B 524 -37.54 -41.25 -1.25
CA GLU B 524 -38.34 -40.80 -0.11
C GLU B 524 -37.46 -40.35 1.05
N GLU B 525 -36.31 -41.01 1.25
CA GLU B 525 -35.37 -40.55 2.26
C GLU B 525 -34.83 -39.16 1.94
N ARG B 526 -34.53 -38.91 0.66
CA ARG B 526 -34.05 -37.60 0.27
C ARG B 526 -35.16 -36.55 0.35
N ALA B 527 -36.42 -36.97 0.20
CA ALA B 527 -37.53 -36.02 0.23
C ALA B 527 -37.77 -35.45 1.63
N LYS B 528 -37.27 -36.11 2.67
CA LYS B 528 -37.46 -35.61 4.03
C LYS B 528 -36.62 -34.37 4.32
N LEU B 529 -35.71 -34.00 3.43
CA LEU B 529 -34.86 -32.84 3.65
C LEU B 529 -35.66 -31.54 3.58
N ARG B 530 -35.22 -30.56 4.35
CA ARG B 530 -35.91 -29.27 4.39
C ARG B 530 -35.69 -28.44 3.14
N TYR B 531 -34.68 -28.76 2.34
CA TYR B 531 -34.39 -28.03 1.12
C TYR B 531 -34.19 -29.01 -0.02
N GLY B 532 -34.59 -28.60 -1.22
CA GLY B 532 -34.40 -29.44 -2.39
C GLY B 532 -32.94 -29.63 -2.76
N CYS B 533 -32.15 -28.57 -2.64
CA CYS B 533 -30.73 -28.65 -2.94
C CYS B 533 -30.01 -27.51 -2.24
N ILE B 534 -28.70 -27.67 -2.05
CA ILE B 534 -27.85 -26.65 -1.47
C ILE B 534 -26.93 -26.13 -2.56
N VAL B 535 -26.96 -24.82 -2.80
CA VAL B 535 -26.20 -24.18 -3.86
C VAL B 535 -25.09 -23.37 -3.22
N ALA B 536 -23.85 -23.65 -3.62
CA ALA B 536 -22.69 -22.91 -3.14
C ALA B 536 -22.43 -21.72 -4.05
N CYS B 537 -22.47 -20.52 -3.47
CA CYS B 537 -22.18 -19.27 -4.19
C CYS B 537 -20.87 -18.73 -3.62
N VAL B 538 -19.77 -19.02 -4.30
CA VAL B 538 -18.44 -18.66 -3.84
C VAL B 538 -17.71 -17.88 -4.93
N ASP B 539 -16.69 -17.14 -4.51
CA ASP B 539 -15.89 -16.37 -5.46
C ASP B 539 -15.11 -17.30 -6.38
N GLN B 540 -14.91 -16.85 -7.62
CA GLN B 540 -14.23 -17.66 -8.62
C GLN B 540 -12.74 -17.79 -8.37
N ASP B 541 -12.18 -17.04 -7.43
CA ASP B 541 -10.75 -17.08 -7.16
C ASP B 541 -10.38 -18.38 -6.45
N LEU B 542 -9.10 -18.48 -6.10
CA LEU B 542 -8.58 -19.68 -5.43
C LEU B 542 -9.10 -19.86 -4.01
N ASP B 543 -9.75 -18.83 -3.45
CA ASP B 543 -10.27 -18.93 -2.09
C ASP B 543 -11.69 -19.50 -2.07
N GLY B 544 -12.61 -18.88 -2.80
CA GLY B 544 -13.97 -19.39 -2.88
C GLY B 544 -14.02 -20.74 -3.55
N CYS B 545 -13.76 -20.78 -4.85
CA CYS B 545 -13.52 -22.04 -5.53
C CYS B 545 -12.21 -22.64 -5.05
N GLY B 546 -12.16 -23.96 -4.97
CA GLY B 546 -10.98 -24.59 -4.43
C GLY B 546 -11.09 -24.91 -2.95
N LYS B 547 -10.59 -24.01 -2.10
CA LYS B 547 -10.54 -24.29 -0.67
C LYS B 547 -11.93 -24.53 -0.09
N ILE B 548 -12.85 -23.59 -0.32
CA ILE B 548 -14.12 -23.63 0.41
C ILE B 548 -15.13 -24.53 -0.31
N LEU B 549 -15.26 -24.36 -1.63
CA LEU B 549 -16.12 -25.27 -2.38
C LEU B 549 -15.61 -26.71 -2.29
N GLY B 550 -14.29 -26.90 -2.40
CA GLY B 550 -13.71 -28.21 -2.24
C GLY B 550 -13.92 -28.78 -0.85
N LEU B 551 -13.82 -27.93 0.17
CA LEU B 551 -14.06 -28.39 1.54
C LEU B 551 -15.50 -28.84 1.71
N LEU B 552 -16.45 -28.07 1.17
CA LEU B 552 -17.86 -28.46 1.26
C LEU B 552 -18.11 -29.77 0.52
N LEU B 553 -17.52 -29.93 -0.67
CA LEU B 553 -17.69 -31.16 -1.42
C LEU B 553 -17.09 -32.35 -0.68
N ALA B 554 -15.91 -32.16 -0.08
CA ALA B 554 -15.28 -33.24 0.67
C ALA B 554 -16.11 -33.62 1.89
N TYR B 555 -16.64 -32.62 2.60
CA TYR B 555 -17.50 -32.89 3.75
C TYR B 555 -18.72 -33.70 3.34
N PHE B 556 -19.39 -33.27 2.25
CA PHE B 556 -20.58 -33.98 1.80
C PHE B 556 -20.25 -35.39 1.36
N HIS B 557 -19.16 -35.56 0.60
CA HIS B 557 -18.78 -36.90 0.15
C HIS B 557 -18.43 -37.81 1.31
N LEU B 558 -17.71 -37.29 2.30
CA LEU B 558 -17.31 -38.09 3.44
C LEU B 558 -18.51 -38.51 4.27
N PHE B 559 -19.47 -37.60 4.48
CA PHE B 559 -20.58 -37.94 5.37
C PHE B 559 -21.78 -38.50 4.63
N TRP B 560 -22.17 -37.90 3.51
CA TRP B 560 -23.31 -38.37 2.72
C TRP B 560 -22.91 -38.47 1.26
N PRO B 561 -22.14 -39.49 0.89
CA PRO B 561 -21.67 -39.60 -0.50
C PRO B 561 -22.80 -39.70 -1.51
N GLN B 562 -23.93 -40.30 -1.13
CA GLN B 562 -25.06 -40.43 -2.04
C GLN B 562 -25.76 -39.10 -2.31
N LEU B 563 -25.43 -38.04 -1.56
CA LEU B 563 -26.04 -36.75 -1.80
C LEU B 563 -25.45 -36.06 -3.04
N ILE B 564 -24.14 -36.21 -3.27
CA ILE B 564 -23.54 -35.60 -4.44
C ILE B 564 -24.12 -36.22 -5.71
N VAL B 565 -24.26 -37.54 -5.73
CA VAL B 565 -25.05 -38.16 -6.79
C VAL B 565 -26.53 -37.86 -6.55
N HIS B 566 -27.33 -38.06 -7.60
CA HIS B 566 -28.74 -37.68 -7.69
C HIS B 566 -28.93 -36.16 -7.73
N GLY B 567 -27.86 -35.38 -7.71
CA GLY B 567 -27.95 -33.95 -7.86
C GLY B 567 -28.55 -33.18 -6.70
N PHE B 568 -27.84 -33.15 -5.57
CA PHE B 568 -28.27 -32.36 -4.43
C PHE B 568 -27.36 -31.19 -4.11
N VAL B 569 -26.06 -31.36 -4.37
CA VAL B 569 -25.10 -30.29 -4.12
C VAL B 569 -24.88 -29.59 -5.42
N LYS B 570 -25.08 -28.29 -5.44
CA LYS B 570 -24.99 -27.54 -6.68
C LYS B 570 -24.13 -26.32 -6.47
N ARG B 571 -23.70 -25.70 -7.55
CA ARG B 571 -22.91 -24.49 -7.44
C ARG B 571 -23.38 -23.37 -8.33
N LEU B 572 -22.92 -22.16 -8.07
CA LEU B 572 -23.28 -21.00 -8.88
C LEU B 572 -22.08 -20.63 -9.74
N LEU B 573 -22.23 -20.78 -11.06
CA LEU B 573 -21.17 -20.44 -12.02
C LEU B 573 -21.48 -19.07 -12.58
N THR B 574 -20.76 -18.08 -12.11
CA THR B 574 -20.89 -16.71 -12.56
C THR B 574 -19.96 -16.43 -13.73
N PRO B 575 -20.31 -15.47 -14.60
CA PRO B 575 -19.39 -15.09 -15.67
C PRO B 575 -18.04 -14.63 -15.14
N LEU B 576 -16.99 -15.39 -15.42
CA LEU B 576 -15.67 -15.04 -14.93
C LEU B 576 -15.13 -13.81 -15.65
N ILE B 577 -15.34 -13.72 -16.96
CA ILE B 577 -14.84 -12.63 -17.78
C ILE B 577 -15.99 -12.06 -18.59
N ARG B 578 -16.09 -10.74 -18.64
CA ARG B 578 -17.10 -10.08 -19.46
C ARG B 578 -16.43 -9.06 -20.35
N VAL B 579 -16.69 -9.12 -21.65
CA VAL B 579 -16.16 -8.17 -22.61
C VAL B 579 -17.31 -7.28 -23.09
N TYR B 580 -17.12 -5.98 -22.97
CA TYR B 580 -18.10 -4.98 -23.37
C TYR B 580 -17.64 -4.31 -24.65
N GLU B 581 -18.52 -4.25 -25.65
CA GLU B 581 -18.25 -3.53 -26.88
C GLU B 581 -18.78 -2.11 -26.74
N LYS B 582 -17.94 -1.13 -27.09
CA LYS B 582 -18.33 0.26 -26.96
C LYS B 582 -19.54 0.56 -27.84
N GLY B 583 -20.52 1.24 -27.27
CA GLY B 583 -21.74 1.55 -28.00
C GLY B 583 -22.66 0.37 -28.21
N ASN B 584 -22.50 -0.70 -27.43
CA ASN B 584 -23.32 -1.89 -27.56
C ASN B 584 -24.14 -2.21 -26.32
N THR B 585 -23.70 -1.78 -25.13
CA THR B 585 -24.38 -1.94 -23.84
C THR B 585 -24.92 -3.35 -23.60
N VAL B 586 -24.29 -4.35 -24.20
CA VAL B 586 -24.58 -5.75 -23.89
C VAL B 586 -23.27 -6.53 -23.94
N PRO B 587 -22.79 -7.05 -22.82
CA PRO B 587 -21.50 -7.75 -22.82
C PRO B 587 -21.63 -9.19 -23.30
N VAL B 588 -20.48 -9.79 -23.57
CA VAL B 588 -20.37 -11.21 -23.87
C VAL B 588 -19.55 -11.84 -22.76
N GLU B 589 -20.05 -12.94 -22.19
CA GLU B 589 -19.53 -13.51 -20.97
C GLU B 589 -18.92 -14.88 -21.21
N PHE B 590 -17.81 -15.14 -20.53
CA PHE B 590 -17.15 -16.44 -20.52
C PHE B 590 -16.97 -16.88 -19.07
N TYR B 591 -17.35 -18.12 -18.77
CA TYR B 591 -17.20 -18.67 -17.43
C TYR B 591 -15.82 -19.25 -17.17
N TYR B 592 -15.00 -19.42 -18.20
CA TYR B 592 -13.65 -19.95 -18.06
C TYR B 592 -12.69 -19.10 -18.88
N GLU B 593 -11.43 -19.08 -18.43
CA GLU B 593 -10.42 -18.29 -19.13
C GLU B 593 -10.09 -18.86 -20.50
N GLN B 594 -10.18 -20.18 -20.66
CA GLN B 594 -9.86 -20.80 -21.93
C GLN B 594 -10.82 -20.34 -23.03
N GLU B 595 -12.11 -20.25 -22.71
CA GLU B 595 -13.09 -19.78 -23.69
C GLU B 595 -12.80 -18.34 -24.10
N PHE B 596 -12.45 -17.48 -23.12
CA PHE B 596 -12.13 -16.10 -23.45
C PHE B 596 -10.88 -16.01 -24.32
N ASP B 597 -9.87 -16.83 -24.02
CA ASP B 597 -8.65 -16.83 -24.83
C ASP B 597 -8.94 -17.27 -26.25
N ALA B 598 -9.76 -18.32 -26.41
CA ALA B 598 -10.12 -18.78 -27.74
C ALA B 598 -10.90 -17.71 -28.51
N TRP B 599 -11.83 -17.05 -27.83
CA TRP B 599 -12.59 -15.99 -28.49
C TRP B 599 -11.69 -14.82 -28.89
N ALA B 600 -10.76 -14.45 -28.01
CA ALA B 600 -9.86 -13.34 -28.29
C ALA B 600 -8.94 -13.65 -29.46
N LYS B 601 -8.37 -14.86 -29.50
CA LYS B 601 -7.53 -15.22 -30.63
C LYS B 601 -8.35 -15.38 -31.90
N LYS B 602 -9.66 -15.68 -31.76
CA LYS B 602 -10.54 -15.68 -32.92
C LYS B 602 -10.84 -14.27 -33.39
N GLN B 603 -10.86 -13.29 -32.47
CA GLN B 603 -11.14 -11.92 -32.82
C GLN B 603 -10.00 -11.29 -33.60
N THR B 604 -10.32 -10.26 -34.36
CA THR B 604 -9.31 -9.53 -35.12
C THR B 604 -8.56 -8.55 -34.23
N SER B 605 -9.29 -7.72 -33.49
CA SER B 605 -8.68 -6.75 -32.60
C SER B 605 -9.63 -6.44 -31.46
N LEU B 606 -9.09 -5.91 -30.38
CA LEU B 606 -9.85 -5.56 -29.18
C LEU B 606 -9.68 -4.08 -28.83
N ALA B 607 -9.59 -3.24 -29.86
CA ALA B 607 -9.41 -1.81 -29.62
C ALA B 607 -10.62 -1.20 -28.94
N ASN B 608 -11.83 -1.58 -29.37
CA ASN B 608 -13.06 -1.02 -28.83
C ASN B 608 -13.75 -1.95 -27.83
N HIS B 609 -13.04 -2.99 -27.39
CA HIS B 609 -13.58 -3.95 -26.42
C HIS B 609 -12.88 -3.75 -25.08
N THR B 610 -13.67 -3.65 -24.02
CA THR B 610 -13.16 -3.53 -22.66
C THR B 610 -13.42 -4.84 -21.93
N VAL B 611 -12.36 -5.45 -21.41
CA VAL B 611 -12.44 -6.75 -20.75
C VAL B 611 -12.38 -6.55 -19.26
N LYS B 612 -13.37 -7.10 -18.55
CA LYS B 612 -13.45 -7.02 -17.09
C LYS B 612 -13.42 -8.43 -16.52
N TYR B 613 -12.52 -8.64 -15.57
CA TYR B 613 -12.40 -9.92 -14.88
C TYR B 613 -13.14 -9.85 -13.55
N TYR B 614 -13.98 -10.85 -13.29
CA TYR B 614 -14.72 -10.94 -12.04
C TYR B 614 -14.27 -12.21 -11.33
N LYS B 615 -13.15 -12.12 -10.61
CA LYS B 615 -12.69 -13.25 -9.83
C LYS B 615 -13.49 -13.41 -8.54
N GLY B 616 -14.00 -12.30 -8.02
CA GLY B 616 -14.81 -12.34 -6.82
C GLY B 616 -16.25 -11.94 -7.06
N LEU B 617 -17.16 -12.41 -6.21
CA LEU B 617 -18.57 -12.06 -6.35
C LEU B 617 -18.81 -10.57 -6.16
N ALA B 618 -18.02 -9.92 -5.31
CA ALA B 618 -18.21 -8.50 -5.04
C ALA B 618 -17.88 -7.61 -6.23
N ALA B 619 -17.25 -8.15 -7.27
CA ALA B 619 -16.86 -7.35 -8.43
C ALA B 619 -18.02 -7.07 -9.38
N HIS B 620 -19.16 -7.74 -9.21
CA HIS B 620 -20.28 -7.55 -10.11
C HIS B 620 -21.04 -6.27 -9.77
N ASP B 621 -21.35 -5.48 -10.79
CA ASP B 621 -22.13 -4.27 -10.60
C ASP B 621 -23.61 -4.59 -10.49
N THR B 622 -24.39 -3.59 -10.08
CA THR B 622 -25.82 -3.80 -9.84
C THR B 622 -26.54 -4.22 -11.12
N HIS B 623 -26.27 -3.53 -12.23
CA HIS B 623 -26.86 -3.94 -13.50
C HIS B 623 -26.37 -5.32 -13.91
N GLU B 624 -25.09 -5.60 -13.68
CA GLU B 624 -24.59 -6.94 -13.93
C GLU B 624 -25.30 -7.96 -13.06
N VAL B 625 -25.52 -7.63 -11.78
CA VAL B 625 -26.16 -8.59 -10.87
C VAL B 625 -27.59 -8.88 -11.33
N LYS B 626 -28.32 -7.84 -11.74
CA LYS B 626 -29.67 -8.08 -12.24
C LYS B 626 -29.65 -8.87 -13.55
N SER B 627 -28.60 -8.68 -14.36
CA SER B 627 -28.46 -9.48 -15.56
C SER B 627 -28.26 -10.96 -15.22
N MET B 628 -27.45 -11.24 -14.19
CA MET B 628 -27.32 -12.63 -13.74
C MET B 628 -28.66 -13.17 -13.25
N PHE B 629 -29.34 -12.41 -12.39
CA PHE B 629 -30.56 -12.94 -11.77
C PHE B 629 -31.73 -13.00 -12.75
N LYS B 630 -31.60 -12.41 -13.94
CA LYS B 630 -32.59 -12.66 -14.98
C LYS B 630 -32.63 -14.14 -15.37
N HIS B 631 -31.48 -14.77 -15.53
CA HIS B 631 -31.38 -16.17 -15.96
C HIS B 631 -30.63 -16.99 -14.91
N PHE B 632 -30.78 -16.59 -13.64
CA PHE B 632 -30.25 -17.34 -12.51
C PHE B 632 -30.40 -18.86 -12.69
N ASP B 633 -31.52 -19.30 -13.26
CA ASP B 633 -31.72 -20.74 -13.45
C ASP B 633 -30.65 -21.35 -14.36
N LYS B 634 -30.00 -20.55 -15.19
CA LYS B 634 -28.95 -21.04 -16.08
C LYS B 634 -27.58 -21.05 -15.43
N MET B 635 -27.44 -20.49 -14.23
CA MET B 635 -26.15 -20.42 -13.55
C MET B 635 -25.99 -21.48 -12.47
N VAL B 636 -26.91 -22.45 -12.40
CA VAL B 636 -26.85 -23.51 -11.40
C VAL B 636 -26.27 -24.75 -12.05
N TYR B 637 -25.12 -25.20 -11.56
CA TYR B 637 -24.43 -26.36 -12.10
C TYR B 637 -24.39 -27.48 -11.07
N THR B 638 -24.51 -28.70 -11.54
CA THR B 638 -24.63 -29.87 -10.67
C THR B 638 -23.32 -30.64 -10.60
N PHE B 639 -23.12 -31.33 -9.48
CA PHE B 639 -21.96 -32.19 -9.29
C PHE B 639 -22.38 -33.64 -9.46
N THR B 640 -21.57 -34.40 -10.21
CA THR B 640 -21.92 -35.76 -10.59
C THR B 640 -21.26 -36.84 -9.75
N LEU B 641 -20.08 -36.55 -9.18
CA LEU B 641 -19.34 -37.51 -8.34
C LEU B 641 -19.05 -38.80 -9.11
N ASP B 642 -18.21 -38.64 -10.13
CA ASP B 642 -17.77 -39.79 -10.91
C ASP B 642 -16.92 -40.73 -10.05
N ASP B 643 -16.57 -41.88 -10.64
CA ASP B 643 -15.84 -42.91 -9.90
C ASP B 643 -14.47 -42.42 -9.43
N SER B 644 -13.76 -41.69 -10.29
CA SER B 644 -12.41 -41.24 -9.97
C SER B 644 -12.39 -40.18 -8.87
N ALA B 645 -13.53 -39.56 -8.56
CA ALA B 645 -13.53 -38.49 -7.57
C ALA B 645 -13.19 -39.00 -6.18
N LYS B 646 -13.70 -40.18 -5.81
CA LYS B 646 -13.55 -40.68 -4.44
C LYS B 646 -12.09 -40.72 -4.02
N GLU B 647 -11.24 -41.35 -4.82
CA GLU B 647 -9.82 -41.41 -4.50
C GLU B 647 -9.24 -40.00 -4.38
N LEU B 648 -9.64 -39.10 -5.29
CA LEU B 648 -9.17 -37.71 -5.21
C LEU B 648 -9.59 -37.08 -3.89
N PHE B 649 -10.79 -37.40 -3.40
CA PHE B 649 -11.22 -36.87 -2.11
C PHE B 649 -10.32 -37.35 -0.98
N HIS B 650 -9.73 -38.54 -1.13
CA HIS B 650 -8.78 -39.02 -0.14
C HIS B 650 -7.42 -38.34 -0.26
N ILE B 651 -7.13 -37.72 -1.40
CA ILE B 651 -5.81 -37.15 -1.61
C ILE B 651 -5.76 -35.69 -1.14
N TYR B 652 -6.63 -34.84 -1.71
CA TYR B 652 -6.55 -33.42 -1.42
C TYR B 652 -7.01 -33.09 0.00
N PHE B 653 -7.96 -33.86 0.54
CA PHE B 653 -8.55 -33.54 1.83
C PHE B 653 -8.37 -34.63 2.88
N GLY B 654 -7.89 -35.81 2.51
CA GLY B 654 -7.67 -36.86 3.49
C GLY B 654 -6.45 -36.61 4.33
N GLY B 655 -6.30 -37.43 5.38
CA GLY B 655 -5.16 -37.31 6.26
C GLY B 655 -3.87 -37.86 5.68
N GLU B 656 -3.94 -38.54 4.54
CA GLU B 656 -2.76 -39.08 3.87
C GLU B 656 -1.98 -37.93 3.22
N SER B 657 -0.80 -37.64 3.76
CA SER B 657 0.02 -36.52 3.29
C SER B 657 1.16 -36.96 2.38
N GLU B 658 1.20 -38.23 1.99
CA GLU B 658 2.26 -38.72 1.13
C GLU B 658 1.86 -38.64 -0.35
N LEU B 659 0.75 -39.29 -0.70
CA LEU B 659 0.26 -39.21 -2.09
C LEU B 659 -0.20 -37.81 -2.45
N ARG B 660 -0.51 -36.97 -1.47
CA ARG B 660 -0.86 -35.58 -1.75
C ARG B 660 0.30 -34.85 -2.39
N LYS B 661 1.52 -35.06 -1.88
CA LYS B 661 2.69 -34.43 -2.47
C LYS B 661 2.96 -34.97 -3.87
N ARG B 662 2.74 -36.27 -4.08
CA ARG B 662 2.89 -36.84 -5.41
C ARG B 662 1.90 -36.21 -6.40
N GLU B 663 0.67 -35.99 -5.95
CA GLU B 663 -0.32 -35.34 -6.80
C GLU B 663 0.06 -33.89 -7.08
N LEU B 664 0.59 -33.19 -6.07
CA LEU B 664 0.92 -31.78 -6.22
C LEU B 664 2.21 -31.54 -7.00
N CYS B 665 3.07 -32.55 -7.13
CA CYS B 665 4.37 -32.37 -7.75
C CYS B 665 4.33 -32.38 -9.28
N THR B 666 3.16 -32.22 -9.89
CA THR B 666 3.07 -32.21 -11.35
C THR B 666 2.42 -30.98 -11.94
N GLY B 667 1.89 -30.06 -11.13
CA GLY B 667 1.27 -28.86 -11.64
C GLY B 667 -0.18 -29.08 -12.03
N VAL B 668 -0.88 -27.97 -12.24
CA VAL B 668 -2.30 -27.98 -12.57
C VAL B 668 -2.47 -27.84 -14.07
N VAL B 669 -3.24 -28.74 -14.66
CA VAL B 669 -3.54 -28.73 -16.10
C VAL B 669 -4.88 -28.03 -16.29
N PRO B 670 -4.95 -26.97 -17.09
CA PRO B 670 -6.23 -26.29 -17.29
C PRO B 670 -7.23 -27.18 -18.01
N LEU B 671 -8.51 -26.93 -17.73
CA LEU B 671 -9.58 -27.71 -18.34
C LEU B 671 -9.59 -27.52 -19.85
N THR B 672 -9.70 -28.64 -20.57
CA THR B 672 -9.71 -28.58 -22.02
C THR B 672 -11.06 -28.07 -22.54
N GLU B 673 -11.07 -27.67 -23.80
CA GLU B 673 -12.27 -27.07 -24.38
C GLU B 673 -13.42 -28.07 -24.42
N THR B 674 -13.14 -29.33 -24.77
CA THR B 674 -14.20 -30.32 -24.84
C THR B 674 -14.83 -30.56 -23.47
N GLN B 675 -14.01 -30.58 -22.42
CA GLN B 675 -14.55 -30.75 -21.07
C GLN B 675 -15.46 -29.59 -20.69
N THR B 676 -15.06 -28.36 -21.01
CA THR B 676 -15.91 -27.21 -20.71
C THR B 676 -17.20 -27.25 -21.51
N GLN B 677 -17.13 -27.66 -22.78
CA GLN B 677 -18.34 -27.79 -23.59
C GLN B 677 -19.28 -28.84 -23.01
N SER B 678 -18.74 -29.98 -22.59
CA SER B 678 -19.56 -31.02 -21.98
C SER B 678 -20.19 -30.54 -20.68
N ILE B 679 -19.42 -29.77 -19.90
CA ILE B 679 -19.96 -29.22 -18.64
C ILE B 679 -21.10 -28.26 -18.93
N HIS B 680 -20.92 -27.37 -19.91
CA HIS B 680 -21.94 -26.39 -20.24
C HIS B 680 -23.16 -27.01 -20.91
N SER B 681 -23.01 -28.17 -21.55
CA SER B 681 -24.13 -28.81 -22.22
C SER B 681 -25.24 -29.16 -21.24
N VAL B 682 -24.93 -30.01 -20.26
CA VAL B 682 -25.93 -30.46 -19.29
C VAL B 682 -25.84 -29.73 -17.97
N ARG B 683 -24.98 -28.71 -17.87
CA ARG B 683 -24.80 -27.94 -16.64
C ARG B 683 -24.46 -28.84 -15.46
N ARG B 684 -23.57 -29.80 -15.70
CA ARG B 684 -23.10 -30.71 -14.67
C ARG B 684 -21.58 -30.66 -14.66
N ILE B 685 -21.00 -30.48 -13.47
CA ILE B 685 -19.56 -30.39 -13.28
C ILE B 685 -19.10 -31.63 -12.54
N PRO B 686 -18.25 -32.50 -13.17
CA PRO B 686 -17.79 -33.63 -12.35
C PRO B 686 -16.91 -33.18 -11.21
N CYS B 687 -17.02 -33.86 -10.08
CA CYS B 687 -16.23 -33.49 -8.93
C CYS B 687 -14.75 -33.64 -9.22
N SER B 688 -14.38 -34.70 -9.91
CA SER B 688 -13.00 -34.93 -10.23
C SER B 688 -12.36 -33.70 -10.87
N LEU B 689 -12.96 -33.18 -11.93
CA LEU B 689 -12.40 -32.01 -12.60
C LEU B 689 -12.24 -30.85 -11.64
N HIS B 690 -13.24 -30.61 -10.78
CA HIS B 690 -13.15 -29.53 -9.81
C HIS B 690 -11.99 -29.75 -8.86
N LEU B 691 -11.85 -30.98 -8.35
CA LEU B 691 -10.75 -31.29 -7.43
C LEU B 691 -9.40 -31.14 -8.12
N GLN B 692 -9.29 -31.58 -9.37
CA GLN B 692 -8.02 -31.53 -10.08
C GLN B 692 -7.67 -30.13 -10.54
N VAL B 693 -8.63 -29.21 -10.62
CA VAL B 693 -8.32 -27.87 -11.11
C VAL B 693 -8.32 -26.87 -9.97
N ASP B 694 -9.48 -26.64 -9.35
CA ASP B 694 -9.63 -25.51 -8.44
C ASP B 694 -8.86 -25.73 -7.14
N THR B 695 -9.14 -26.85 -6.46
CA THR B 695 -8.45 -27.12 -5.21
C THR B 695 -6.95 -27.33 -5.42
N LYS B 696 -6.57 -27.98 -6.52
CA LYS B 696 -5.15 -28.17 -6.80
C LYS B 696 -4.45 -26.83 -7.04
N ALA B 697 -5.10 -25.92 -7.77
CA ALA B 697 -4.53 -24.59 -7.97
C ALA B 697 -4.43 -23.83 -6.67
N TYR B 698 -5.43 -23.96 -5.79
CA TYR B 698 -5.36 -23.32 -4.49
C TYR B 698 -4.18 -23.84 -3.68
N LYS B 699 -4.00 -25.16 -3.66
CA LYS B 699 -2.89 -25.75 -2.92
C LYS B 699 -1.55 -25.31 -3.50
N LEU B 700 -1.45 -25.27 -4.83
CA LEU B 700 -0.21 -24.83 -5.46
C LEU B 700 0.09 -23.37 -5.14
N ASP B 701 -0.94 -22.52 -5.16
CA ASP B 701 -0.76 -21.12 -4.81
C ASP B 701 -0.30 -20.99 -3.36
N ALA B 702 -0.91 -21.75 -2.46
CA ALA B 702 -0.50 -21.71 -1.05
C ALA B 702 0.95 -22.15 -0.89
N ILE B 703 1.36 -23.18 -1.62
CA ILE B 703 2.75 -23.65 -1.54
C ILE B 703 3.70 -22.59 -2.09
N GLU B 704 3.35 -21.98 -3.21
CA GLU B 704 4.23 -21.02 -3.86
C GLU B 704 4.46 -19.77 -3.02
N ARG B 705 3.58 -19.47 -2.08
CA ARG B 705 3.77 -18.32 -1.22
C ARG B 705 4.88 -18.52 -0.21
N GLN B 706 5.35 -19.76 -0.01
CA GLN B 706 6.43 -20.06 0.90
C GLN B 706 7.65 -20.62 0.20
N ILE B 707 7.47 -21.61 -0.66
CA ILE B 707 8.58 -22.27 -1.35
C ILE B 707 8.88 -21.51 -2.64
N PRO B 708 10.12 -21.07 -2.86
CA PRO B 708 10.44 -20.29 -4.07
C PRO B 708 10.80 -21.18 -5.26
N ASN B 709 10.75 -20.57 -6.43
CA ASN B 709 11.19 -21.23 -7.65
C ASN B 709 12.70 -21.45 -7.61
N PHE B 710 13.14 -22.54 -8.23
CA PHE B 710 14.56 -22.87 -8.23
C PHE B 710 15.34 -22.14 -9.31
N LEU B 711 14.67 -21.39 -10.18
CA LEU B 711 15.39 -20.67 -11.23
C LEU B 711 15.95 -19.34 -10.71
N ASP B 712 15.15 -18.61 -9.93
CA ASP B 712 15.59 -17.33 -9.38
C ASP B 712 15.67 -17.34 -7.86
N GLY B 713 15.20 -18.40 -7.19
CA GLY B 713 15.27 -18.45 -5.75
C GLY B 713 14.37 -17.50 -5.02
N MET B 714 13.30 -17.02 -5.68
CA MET B 714 12.39 -16.06 -5.08
C MET B 714 10.95 -16.48 -5.33
N THR B 715 10.09 -16.15 -4.37
CA THR B 715 8.68 -16.50 -4.45
C THR B 715 7.94 -15.49 -5.33
N ARG B 716 6.62 -15.66 -5.42
CA ARG B 716 5.82 -14.74 -6.22
C ARG B 716 5.86 -13.33 -5.65
N ALA B 717 5.79 -13.20 -4.32
CA ALA B 717 5.85 -11.88 -3.70
C ALA B 717 7.20 -11.22 -3.95
N ARG B 718 8.29 -11.97 -3.79
CA ARG B 718 9.61 -11.39 -4.02
C ARG B 718 9.84 -11.10 -5.49
N ARG B 719 9.30 -11.92 -6.40
CA ARG B 719 9.37 -11.61 -7.82
C ARG B 719 8.62 -10.32 -8.13
N LYS B 720 7.44 -10.14 -7.51
CA LYS B 720 6.70 -8.90 -7.69
C LYS B 720 7.50 -7.71 -7.18
N ILE B 721 8.16 -7.86 -6.03
CA ILE B 721 8.96 -6.79 -5.47
C ILE B 721 10.11 -6.44 -6.41
N LEU B 722 10.81 -7.45 -6.93
CA LEU B 722 11.92 -7.21 -7.83
C LEU B 722 11.46 -6.52 -9.11
N ALA B 723 10.34 -6.97 -9.67
CA ALA B 723 9.83 -6.35 -10.89
C ALA B 723 9.39 -4.91 -10.64
N GLY B 724 8.77 -4.65 -9.49
CA GLY B 724 8.40 -3.29 -9.15
C GLY B 724 9.59 -2.39 -8.94
N GLY B 725 10.66 -2.93 -8.34
CA GLY B 725 11.88 -2.15 -8.20
C GLY B 725 12.52 -1.86 -9.54
N LEU B 726 12.50 -2.82 -10.45
CA LEU B 726 13.02 -2.59 -11.80
C LEU B 726 12.19 -1.53 -12.53
N LYS B 727 10.87 -1.57 -12.36
CA LYS B 727 10.00 -0.61 -13.05
C LYS B 727 10.10 0.79 -12.46
N CYS B 728 10.28 0.88 -11.15
CA CYS B 728 10.27 2.19 -10.48
C CYS B 728 11.59 2.93 -10.67
N PHE B 729 12.70 2.27 -10.35
CA PHE B 729 14.03 2.87 -10.46
C PHE B 729 14.67 2.65 -11.82
N ALA B 730 13.86 2.45 -12.86
CA ALA B 730 14.42 2.20 -14.19
C ALA B 730 15.19 3.41 -14.71
N SER B 731 14.64 4.61 -14.53
CA SER B 731 15.24 5.82 -15.07
C SER B 731 15.56 6.89 -14.03
N ASN B 732 15.13 6.72 -12.78
CA ASN B 732 15.35 7.72 -11.74
C ASN B 732 16.31 7.22 -10.67
N ASN B 733 16.01 6.08 -10.05
CA ASN B 733 16.90 5.45 -9.06
C ASN B 733 17.25 6.39 -7.92
N ARG B 734 16.25 7.14 -7.43
CA ARG B 734 16.40 7.93 -6.23
C ARG B 734 15.81 7.16 -5.05
N GLU B 735 16.41 7.37 -3.87
CA GLU B 735 15.97 6.64 -2.69
C GLU B 735 14.51 6.97 -2.38
N ARG B 736 13.73 5.92 -2.12
CA ARG B 736 12.31 6.05 -1.81
C ARG B 736 12.02 5.35 -0.49
N LYS B 737 11.05 5.87 0.24
CA LYS B 737 10.65 5.27 1.50
C LYS B 737 10.08 3.88 1.26
N VAL B 738 10.23 3.01 2.26
CA VAL B 738 9.81 1.63 2.11
C VAL B 738 8.30 1.55 1.87
N PHE B 739 7.52 2.33 2.62
CA PHE B 739 6.07 2.31 2.42
C PHE B 739 5.69 2.88 1.06
N GLN B 740 6.41 3.90 0.59
CA GLN B 740 6.13 4.46 -0.73
C GLN B 740 6.41 3.43 -1.83
N PHE B 741 7.53 2.71 -1.72
CA PHE B 741 7.85 1.69 -2.71
C PHE B 741 6.85 0.53 -2.63
N GLY B 742 6.40 0.18 -1.42
CA GLY B 742 5.37 -0.84 -1.30
C GLY B 742 4.06 -0.42 -1.94
N GLY B 743 3.68 0.85 -1.76
CA GLY B 743 2.49 1.35 -2.45
C GLY B 743 2.64 1.32 -3.95
N TYR B 744 3.83 1.67 -4.44
CA TYR B 744 4.08 1.59 -5.89
C TYR B 744 3.96 0.15 -6.38
N VAL B 745 4.51 -0.80 -5.63
CA VAL B 745 4.44 -2.21 -6.02
C VAL B 745 3.00 -2.68 -6.03
N ALA B 746 2.21 -2.32 -5.01
CA ALA B 746 0.82 -2.71 -4.97
C ALA B 746 0.04 -2.10 -6.13
N ASP B 747 0.31 -0.84 -6.45
CA ASP B 747 -0.39 -0.18 -7.54
C ASP B 747 -0.05 -0.81 -8.89
N HIS B 748 1.22 -1.12 -9.12
CA HIS B 748 1.66 -1.52 -10.46
C HIS B 748 1.86 -3.01 -10.62
N MET B 749 2.24 -3.74 -9.57
CA MET B 749 2.54 -5.16 -9.69
C MET B 749 1.43 -6.04 -9.14
N PHE B 750 0.26 -5.46 -8.85
CA PHE B 750 -0.92 -6.22 -8.41
C PHE B 750 -0.62 -7.04 -7.15
N TYR B 751 0.07 -6.44 -6.19
CA TYR B 751 0.31 -7.07 -4.90
C TYR B 751 -0.90 -6.80 -4.01
N HIS B 752 -1.83 -7.75 -3.99
CA HIS B 752 -3.08 -7.58 -3.29
C HIS B 752 -3.06 -8.11 -1.86
N HIS B 753 -1.91 -8.61 -1.40
CA HIS B 753 -1.80 -9.09 -0.03
C HIS B 753 -1.60 -7.92 0.93
N GLY B 754 -1.44 -8.23 2.21
CA GLY B 754 -1.29 -7.18 3.20
C GLY B 754 0.01 -6.41 3.00
N ASP B 755 -0.05 -5.11 3.33
CA ASP B 755 1.11 -4.26 3.15
C ASP B 755 2.19 -4.52 4.19
N MET B 756 1.84 -5.08 5.35
CA MET B 756 2.86 -5.40 6.34
C MET B 756 3.79 -6.50 5.82
N SER B 757 3.23 -7.51 5.16
CA SER B 757 4.07 -8.54 4.56
C SER B 757 4.92 -7.98 3.43
N LEU B 758 4.34 -7.07 2.64
CA LEU B 758 5.09 -6.45 1.55
C LEU B 758 6.28 -5.65 2.09
N ASN B 759 6.05 -4.87 3.14
CA ASN B 759 7.13 -4.10 3.74
C ASN B 759 8.18 -5.01 4.36
N THR B 760 7.75 -6.07 5.04
CA THR B 760 8.70 -7.00 5.62
C THR B 760 9.56 -7.66 4.55
N SER B 761 8.95 -8.05 3.43
CA SER B 761 9.72 -8.68 2.36
C SER B 761 10.66 -7.67 1.68
N ILE B 762 10.23 -6.42 1.55
CA ILE B 762 11.10 -5.39 0.99
C ILE B 762 12.32 -5.20 1.89
N ILE B 763 12.08 -5.12 3.20
CA ILE B 763 13.18 -4.97 4.15
C ILE B 763 14.11 -6.17 4.07
N LYS B 764 13.55 -7.38 3.99
CA LYS B 764 14.37 -8.58 3.87
C LYS B 764 15.23 -8.54 2.60
N ALA B 765 14.65 -8.07 1.49
CA ALA B 765 15.40 -7.95 0.25
C ALA B 765 16.49 -6.89 0.36
N ALA B 766 16.29 -5.87 1.18
CA ALA B 766 17.26 -4.79 1.32
C ALA B 766 18.25 -5.02 2.47
N GLN B 767 18.13 -6.11 3.21
CA GLN B 767 19.02 -6.37 4.34
C GLN B 767 20.34 -6.95 3.87
N TYR B 768 21.44 -6.46 4.44
CA TYR B 768 22.78 -6.97 4.14
C TYR B 768 23.60 -6.92 5.42
N TYR B 769 23.89 -8.09 5.97
CA TYR B 769 24.70 -8.21 7.18
C TYR B 769 25.19 -9.65 7.28
N PRO B 770 26.20 -9.92 8.11
CA PRO B 770 26.63 -11.31 8.31
C PRO B 770 25.47 -12.18 8.80
N GLY B 771 25.24 -13.28 8.09
CA GLY B 771 24.13 -14.15 8.40
C GLY B 771 22.79 -13.73 7.83
N SER B 772 22.77 -12.71 6.96
CA SER B 772 21.52 -12.28 6.36
C SER B 772 21.02 -13.31 5.34
N SER B 773 19.72 -13.28 5.09
CA SER B 773 19.11 -14.19 4.14
C SER B 773 19.50 -13.87 2.70
N HIS B 774 20.00 -12.67 2.43
CA HIS B 774 20.39 -12.25 1.09
C HIS B 774 21.88 -11.98 1.08
N LEU B 775 22.63 -12.87 0.42
CA LEU B 775 24.07 -12.65 0.27
C LEU B 775 24.35 -11.57 -0.76
N TYR B 776 23.48 -11.44 -1.77
CA TYR B 776 23.58 -10.40 -2.79
C TYR B 776 22.24 -9.69 -2.87
N PRO B 777 21.96 -8.79 -1.94
CA PRO B 777 20.64 -8.14 -1.91
C PRO B 777 20.37 -7.35 -3.18
N VAL B 778 19.11 -7.38 -3.61
CA VAL B 778 18.69 -6.64 -4.80
C VAL B 778 18.42 -5.17 -4.50
N PHE B 779 18.45 -4.77 -3.24
CA PHE B 779 18.14 -3.41 -2.84
C PHE B 779 19.22 -2.87 -1.91
N ILE B 780 19.52 -1.59 -2.06
CA ILE B 780 20.41 -0.87 -1.14
C ILE B 780 19.54 -0.16 -0.12
N GLY B 781 19.78 -0.46 1.15
CA GLY B 781 18.97 0.11 2.21
C GLY B 781 19.57 1.34 2.87
N ILE B 782 19.05 2.52 2.55
CA ILE B 782 19.52 3.76 3.16
C ILE B 782 18.78 3.91 4.48
N GLY B 783 19.47 3.63 5.59
CA GLY B 783 18.92 3.66 6.93
C GLY B 783 19.27 2.40 7.67
N SER B 784 18.70 2.26 8.87
CA SER B 784 18.93 1.10 9.72
C SER B 784 17.92 0.02 9.34
N PHE B 785 18.38 -1.00 8.62
CA PHE B 785 17.54 -2.09 8.16
C PHE B 785 17.66 -3.34 9.00
N GLY B 786 18.28 -3.26 10.17
CA GLY B 786 18.42 -4.39 11.05
C GLY B 786 19.84 -4.92 11.10
N SER B 787 20.09 -5.75 12.11
CA SER B 787 21.40 -6.33 12.35
C SER B 787 21.27 -7.82 12.56
N ARG B 788 22.42 -8.51 12.59
CA ARG B 788 22.44 -9.95 12.78
C ARG B 788 21.96 -10.38 14.16
N HIS B 789 21.99 -9.48 15.14
CA HIS B 789 21.65 -9.87 16.50
C HIS B 789 20.20 -10.31 16.64
N LEU B 790 19.27 -9.59 16.01
CA LEU B 790 17.87 -9.94 16.04
C LEU B 790 17.42 -10.69 14.80
N GLY B 791 18.35 -11.08 13.94
CA GLY B 791 17.99 -11.77 12.72
C GLY B 791 17.19 -10.93 11.75
N GLY B 792 17.50 -9.65 11.66
CA GLY B 792 16.77 -8.74 10.80
C GLY B 792 15.47 -8.21 11.35
N LYS B 793 15.11 -8.57 12.60
CA LYS B 793 13.88 -8.09 13.19
C LYS B 793 14.03 -6.71 13.82
N ASP B 794 15.25 -6.17 13.91
CA ASP B 794 15.48 -4.85 14.47
C ASP B 794 15.50 -3.76 13.42
N ALA B 795 14.83 -3.98 12.30
CA ALA B 795 14.78 -2.98 11.24
C ALA B 795 13.89 -1.81 11.64
N GLY B 796 14.16 -0.65 11.05
CA GLY B 796 13.36 0.52 11.31
C GLY B 796 11.99 0.44 10.66
N SER B 797 11.13 1.38 11.03
CA SER B 797 9.79 1.42 10.48
C SER B 797 9.84 1.75 9.00
N PRO B 798 8.88 1.26 8.22
CA PRO B 798 8.90 1.52 6.77
C PRO B 798 8.81 2.99 6.41
N ARG B 799 8.29 3.84 7.30
CA ARG B 799 8.12 5.25 7.00
C ARG B 799 9.41 6.05 7.18
N TYR B 800 10.44 5.48 7.81
CA TYR B 800 11.69 6.19 8.03
C TYR B 800 12.80 5.72 7.11
N ILE B 801 13.06 4.41 7.09
CA ILE B 801 14.15 3.88 6.27
C ILE B 801 13.75 3.95 4.80
N SER B 802 14.72 4.23 3.94
CA SER B 802 14.49 4.34 2.52
C SER B 802 15.22 3.22 1.77
N VAL B 803 14.76 2.95 0.55
CA VAL B 803 15.30 1.87 -0.25
C VAL B 803 15.69 2.42 -1.61
N GLN B 804 16.64 1.74 -2.25
CA GLN B 804 17.09 2.09 -3.59
C GLN B 804 17.41 0.80 -4.34
N LEU B 805 17.42 0.89 -5.66
CA LEU B 805 17.72 -0.27 -6.49
C LEU B 805 19.24 -0.38 -6.68
N ALA B 806 19.76 -1.58 -6.44
CA ALA B 806 21.17 -1.87 -6.73
C ALA B 806 21.30 -2.02 -8.24
N SER B 807 21.40 -0.87 -8.91
CA SER B 807 21.27 -0.84 -10.37
C SER B 807 22.35 -1.68 -11.04
N GLU B 808 23.60 -1.54 -10.60
CA GLU B 808 24.69 -2.24 -11.26
C GLU B 808 24.53 -3.75 -11.14
N PHE B 809 24.35 -4.25 -9.90
CA PHE B 809 24.25 -5.68 -9.68
C PHE B 809 23.02 -6.26 -10.37
N ILE B 810 21.88 -5.57 -10.28
CA ILE B 810 20.65 -6.07 -10.88
C ILE B 810 20.78 -6.11 -12.40
N LYS B 811 21.33 -5.05 -13.00
CA LYS B 811 21.49 -5.01 -14.44
C LYS B 811 22.46 -6.08 -14.92
N THR B 812 23.53 -6.33 -14.16
CA THR B 812 24.49 -7.35 -14.57
C THR B 812 23.94 -8.75 -14.37
N MET B 813 23.06 -8.95 -13.39
CA MET B 813 22.50 -10.27 -13.10
C MET B 813 21.15 -10.50 -13.77
N PHE B 814 20.28 -9.50 -13.78
CA PHE B 814 18.98 -9.58 -14.45
C PHE B 814 19.00 -8.62 -15.63
N PRO B 815 19.50 -9.04 -16.80
CA PRO B 815 19.60 -8.11 -17.93
C PRO B 815 18.22 -7.62 -18.38
N THR B 816 18.18 -6.36 -18.81
CA THR B 816 16.93 -5.80 -19.31
C THR B 816 16.51 -6.45 -20.61
N GLU B 817 17.47 -6.91 -21.41
CA GLU B 817 17.15 -7.59 -22.67
C GLU B 817 16.38 -8.87 -22.41
N ASP B 818 16.78 -9.63 -21.39
CA ASP B 818 16.15 -10.92 -21.12
C ASP B 818 14.76 -10.76 -20.49
N SER B 819 14.46 -9.60 -19.92
CA SER B 819 13.16 -9.42 -19.26
C SER B 819 12.02 -9.51 -20.25
N TRP B 820 12.25 -9.14 -21.52
CA TRP B 820 11.19 -9.17 -22.51
C TRP B 820 10.77 -10.60 -22.85
N LEU B 821 11.71 -11.53 -22.87
CA LEU B 821 11.45 -12.89 -23.34
C LEU B 821 10.91 -13.82 -22.26
N LEU B 822 10.90 -13.40 -21.00
CA LEU B 822 10.39 -14.25 -19.94
C LEU B 822 8.87 -14.39 -20.05
N PRO B 823 8.31 -15.52 -19.60
CA PRO B 823 6.86 -15.62 -19.49
C PRO B 823 6.35 -14.83 -18.31
N TYR B 824 5.26 -14.11 -18.52
CA TYR B 824 4.69 -13.22 -17.51
C TYR B 824 3.36 -13.76 -17.02
N VAL B 825 3.05 -13.45 -15.77
CA VAL B 825 1.73 -13.73 -15.21
C VAL B 825 0.82 -12.54 -15.50
N PHE B 826 -0.47 -12.80 -15.64
CA PHE B 826 -1.44 -11.77 -15.96
C PHE B 826 -2.53 -11.77 -14.90
N GLU B 827 -2.64 -10.65 -14.17
CA GLU B 827 -3.65 -10.48 -13.13
C GLU B 827 -4.81 -9.68 -13.72
N ASP B 828 -5.95 -10.34 -13.88
CA ASP B 828 -7.15 -9.70 -14.44
C ASP B 828 -6.86 -9.07 -15.79
N GLY B 829 -6.11 -9.78 -16.63
CA GLY B 829 -5.80 -9.31 -17.96
C GLY B 829 -4.75 -8.23 -18.05
N GLN B 830 -4.05 -7.94 -16.96
CA GLN B 830 -3.01 -6.92 -16.93
C GLN B 830 -1.67 -7.57 -16.64
N ARG B 831 -0.62 -7.09 -17.31
CA ARG B 831 0.71 -7.65 -17.11
C ARG B 831 1.19 -7.41 -15.70
N ALA B 832 1.94 -8.38 -15.18
CA ALA B 832 2.45 -8.35 -13.82
C ALA B 832 3.87 -8.89 -13.85
N GLU B 833 4.38 -9.28 -12.68
CA GLU B 833 5.73 -9.80 -12.60
C GLU B 833 5.86 -11.08 -13.42
N PRO B 834 7.06 -11.39 -13.92
CA PRO B 834 7.22 -12.59 -14.74
C PRO B 834 6.93 -13.86 -13.94
N GLU B 835 6.67 -14.95 -14.68
CA GLU B 835 6.47 -16.24 -14.03
C GLU B 835 7.71 -16.66 -13.27
N TYR B 836 8.89 -16.46 -13.86
CA TYR B 836 10.14 -16.76 -13.20
C TYR B 836 11.24 -15.90 -13.83
N TYR B 837 12.24 -15.56 -13.03
CA TYR B 837 13.42 -14.87 -13.50
C TYR B 837 14.54 -15.88 -13.73
N VAL B 838 15.34 -15.64 -14.77
CA VAL B 838 16.46 -16.52 -15.09
C VAL B 838 17.74 -15.71 -15.01
N PRO B 839 18.37 -15.61 -13.84
CA PRO B 839 19.58 -14.80 -13.71
C PRO B 839 20.78 -15.47 -14.38
N VAL B 840 21.86 -14.68 -14.50
CA VAL B 840 23.08 -15.18 -15.12
C VAL B 840 23.70 -16.29 -14.29
N LEU B 841 23.50 -16.27 -12.99
CA LEU B 841 24.01 -17.28 -12.08
C LEU B 841 22.86 -17.83 -11.25
N PRO B 842 22.96 -19.09 -10.79
CA PRO B 842 21.82 -19.67 -10.06
C PRO B 842 21.62 -19.02 -8.70
N LEU B 843 20.58 -18.19 -8.59
CA LEU B 843 20.35 -17.46 -7.36
C LEU B 843 19.77 -18.32 -6.26
N ALA B 844 19.04 -19.38 -6.63
CA ALA B 844 18.46 -20.28 -5.63
C ALA B 844 19.51 -21.04 -4.84
N ILE B 845 20.76 -21.04 -5.29
CA ILE B 845 21.82 -21.78 -4.64
C ILE B 845 22.75 -20.85 -3.85
N MET B 846 23.13 -19.72 -4.45
CA MET B 846 24.13 -18.83 -3.87
C MET B 846 23.58 -17.89 -2.81
N GLU B 847 22.36 -18.11 -2.32
CA GLU B 847 21.78 -17.26 -1.29
C GLU B 847 21.09 -18.12 -0.25
N TYR B 848 21.05 -17.62 0.99
CA TYR B 848 20.37 -18.32 2.06
C TYR B 848 18.86 -18.20 1.90
N GLY B 849 18.14 -19.17 2.47
CA GLY B 849 16.70 -19.16 2.40
C GLY B 849 16.06 -20.19 3.30
N ALA B 850 15.05 -19.78 4.06
CA ALA B 850 14.33 -20.68 4.96
C ALA B 850 12.86 -20.29 4.97
N ASN B 851 12.01 -21.28 5.23
CA ASN B 851 10.57 -21.05 5.32
C ASN B 851 10.14 -21.15 6.78
N PRO B 852 9.80 -20.04 7.43
CA PRO B 852 9.41 -20.11 8.85
C PRO B 852 8.02 -20.70 9.05
N SER B 853 7.17 -20.57 8.04
CA SER B 853 5.80 -21.06 8.14
C SER B 853 5.78 -22.58 8.02
N GLU B 854 5.29 -23.25 9.06
CA GLU B 854 5.22 -24.70 9.04
C GLU B 854 4.18 -25.18 8.03
N GLY B 855 4.47 -26.32 7.41
CA GLY B 855 3.60 -26.87 6.39
C GLY B 855 4.38 -27.42 5.21
N TRP B 856 5.55 -26.84 4.96
CA TRP B 856 6.44 -27.31 3.91
C TRP B 856 7.85 -26.89 4.26
N LYS B 857 8.77 -27.87 4.29
CA LYS B 857 10.13 -27.62 4.73
C LYS B 857 10.97 -27.12 3.55
N TYR B 858 11.68 -26.01 3.77
CA TYR B 858 12.57 -25.46 2.76
C TYR B 858 13.69 -24.72 3.47
N THR B 859 14.93 -25.18 3.26
CA THR B 859 16.10 -24.55 3.85
C THR B 859 17.25 -24.65 2.86
N THR B 860 17.86 -23.51 2.55
CA THR B 860 18.94 -23.44 1.58
C THR B 860 20.12 -22.70 2.19
N TRP B 861 21.30 -23.30 2.12
CA TRP B 861 22.53 -22.68 2.57
C TRP B 861 23.35 -22.27 1.37
N ALA B 862 23.77 -21.01 1.33
CA ALA B 862 24.46 -20.48 0.16
C ALA B 862 25.78 -21.20 -0.07
N ARG B 863 26.00 -21.61 -1.31
CA ARG B 863 27.26 -22.23 -1.69
C ARG B 863 28.31 -21.17 -2.00
N GLN B 864 29.57 -21.60 -2.02
CA GLN B 864 30.67 -20.68 -2.30
C GLN B 864 30.51 -20.08 -3.68
N LEU B 865 30.70 -18.76 -3.77
CA LEU B 865 30.58 -18.07 -5.05
C LEU B 865 31.67 -18.52 -6.02
N GLU B 866 32.88 -18.76 -5.51
CA GLU B 866 33.97 -19.19 -6.37
C GLU B 866 33.67 -20.54 -7.02
N ASP B 867 33.11 -21.48 -6.25
CA ASP B 867 32.77 -22.78 -6.80
C ASP B 867 31.70 -22.67 -7.87
N ILE B 868 30.68 -21.84 -7.63
CA ILE B 868 29.61 -21.65 -8.61
C ILE B 868 30.18 -21.03 -9.89
N LEU B 869 31.03 -20.02 -9.74
CA LEU B 869 31.63 -19.38 -10.90
C LEU B 869 32.48 -20.37 -11.69
N ALA B 870 33.28 -21.18 -10.99
CA ALA B 870 34.11 -22.18 -11.66
C ALA B 870 33.25 -23.20 -12.40
N LEU B 871 32.16 -23.66 -11.78
CA LEU B 871 31.30 -24.64 -12.42
C LEU B 871 30.66 -24.07 -13.68
N VAL B 872 30.09 -22.87 -13.58
CA VAL B 872 29.42 -22.29 -14.75
C VAL B 872 30.43 -21.96 -15.85
N ARG B 873 31.61 -21.47 -15.47
CA ARG B 873 32.64 -21.18 -16.47
C ARG B 873 33.14 -22.46 -17.14
N ALA B 874 33.24 -23.56 -16.39
CA ALA B 874 33.58 -24.84 -17.02
C ALA B 874 32.50 -25.27 -17.99
N TYR B 875 31.23 -25.06 -17.61
CA TYR B 875 30.12 -25.48 -18.48
C TYR B 875 30.08 -24.67 -19.77
N VAL B 876 30.34 -23.37 -19.71
CA VAL B 876 30.08 -22.48 -20.84
C VAL B 876 31.33 -22.21 -21.66
N ASP B 877 32.50 -22.23 -21.01
CA ASP B 877 33.72 -21.71 -21.63
C ASP B 877 34.13 -22.51 -22.86
N LYS B 878 34.03 -23.85 -22.77
CA LYS B 878 34.44 -24.78 -23.84
C LYS B 878 35.96 -24.83 -23.93
N ASN B 879 36.65 -23.95 -23.21
CA ASN B 879 38.10 -23.98 -23.12
C ASN B 879 38.61 -24.44 -21.77
N ASN B 880 37.74 -24.49 -20.76
CA ASN B 880 38.13 -25.04 -19.47
C ASN B 880 38.43 -26.52 -19.61
N PRO B 881 39.48 -27.03 -18.96
CA PRO B 881 39.79 -28.46 -19.09
C PRO B 881 38.69 -29.38 -18.55
N LYS B 882 37.82 -28.87 -17.69
CA LYS B 882 36.74 -29.68 -17.15
C LYS B 882 35.44 -29.55 -17.95
N HIS B 883 35.46 -28.84 -19.08
CA HIS B 883 34.24 -28.64 -19.85
C HIS B 883 33.65 -29.96 -20.32
N GLU B 884 34.46 -30.79 -20.97
CA GLU B 884 34.00 -32.11 -21.37
C GLU B 884 33.68 -32.97 -20.16
N LEU B 885 34.49 -32.87 -19.11
CA LEU B 885 34.22 -33.60 -17.87
C LEU B 885 32.91 -33.13 -17.24
N LEU B 886 32.64 -31.83 -17.30
CA LEU B 886 31.39 -31.32 -16.74
C LEU B 886 30.19 -31.80 -17.56
N HIS B 887 30.31 -31.83 -18.88
CA HIS B 887 29.23 -32.38 -19.70
C HIS B 887 29.01 -33.85 -19.40
N TYR B 888 30.09 -34.60 -19.19
CA TYR B 888 29.98 -35.99 -18.78
C TYR B 888 29.27 -36.11 -17.44
N ALA B 889 29.58 -35.21 -16.51
CA ALA B 889 28.90 -35.21 -15.21
C ALA B 889 27.45 -34.78 -15.34
N ILE B 890 27.10 -34.06 -16.39
CA ILE B 890 25.72 -33.60 -16.55
C ILE B 890 24.86 -34.69 -17.16
N ASP B 891 25.34 -35.35 -18.22
CA ASP B 891 24.52 -36.36 -18.88
C ASP B 891 24.27 -37.55 -17.95
N HIS B 892 25.29 -37.99 -17.23
CA HIS B 892 25.13 -38.98 -16.17
C HIS B 892 25.49 -38.33 -14.83
N LYS B 893 24.55 -38.40 -13.88
CA LYS B 893 24.62 -37.59 -12.67
C LYS B 893 25.69 -38.13 -11.72
N ILE B 894 26.85 -37.47 -11.74
CA ILE B 894 27.86 -37.57 -10.68
C ILE B 894 28.54 -36.20 -10.55
N THR B 895 29.32 -36.05 -9.49
CA THR B 895 29.95 -34.78 -9.16
C THR B 895 31.42 -34.79 -9.57
N VAL B 896 31.85 -33.75 -10.27
CA VAL B 896 33.24 -33.63 -10.69
C VAL B 896 33.91 -32.36 -10.18
N LEU B 897 33.16 -31.35 -9.76
CA LEU B 897 33.73 -30.12 -9.24
C LEU B 897 33.13 -29.82 -7.87
N PRO B 898 33.94 -29.29 -6.95
CA PRO B 898 33.43 -29.05 -5.59
C PRO B 898 32.37 -27.97 -5.54
N LEU B 899 31.44 -28.13 -4.61
CA LEU B 899 30.42 -27.12 -4.31
C LEU B 899 30.36 -27.00 -2.79
N ARG B 900 31.18 -26.12 -2.23
CA ARG B 900 31.27 -25.99 -0.79
C ARG B 900 30.40 -24.84 -0.30
N PRO B 901 29.91 -24.92 0.94
CA PRO B 901 29.13 -23.81 1.50
C PRO B 901 29.97 -22.53 1.57
N SER B 902 29.31 -21.41 1.31
CA SER B 902 30.00 -20.12 1.34
C SER B 902 30.35 -19.74 2.77
N ASN B 903 31.50 -19.10 2.93
CA ASN B 903 31.98 -18.62 4.23
C ASN B 903 32.49 -17.19 4.09
N TYR B 904 31.78 -16.37 3.31
CA TYR B 904 32.23 -15.00 3.07
C TYR B 904 32.20 -14.18 4.34
N ASN B 905 31.01 -14.04 4.95
CA ASN B 905 30.85 -13.27 6.17
C ASN B 905 30.86 -14.15 7.41
N PHE B 906 31.60 -15.25 7.38
CA PHE B 906 31.68 -16.20 8.48
C PHE B 906 33.12 -16.30 8.93
N LYS B 907 33.35 -16.06 10.23
CA LYS B 907 34.68 -16.15 10.81
C LYS B 907 34.93 -17.49 11.49
N GLY B 908 33.97 -18.41 11.45
CA GLY B 908 34.11 -19.71 12.08
C GLY B 908 34.72 -20.73 11.14
N HIS B 909 34.48 -22.00 11.46
CA HIS B 909 35.00 -23.11 10.68
C HIS B 909 33.86 -23.91 10.09
N LEU B 910 34.12 -24.53 8.93
CA LEU B 910 33.16 -25.39 8.25
C LEU B 910 33.77 -26.79 8.15
N LYS B 911 33.23 -27.72 8.91
CA LYS B 911 33.75 -29.08 8.96
C LYS B 911 32.73 -30.05 8.40
N ARG B 912 33.16 -30.91 7.48
CA ARG B 912 32.29 -31.91 6.87
C ARG B 912 32.53 -33.25 7.55
N PHE B 913 31.58 -33.65 8.40
CA PHE B 913 31.65 -34.92 9.11
C PHE B 913 30.45 -35.77 8.72
N GLY B 914 30.72 -37.00 8.28
CA GLY B 914 29.67 -37.93 7.90
C GLY B 914 28.60 -37.32 7.02
N GLN B 915 28.98 -36.85 5.84
CA GLN B 915 28.14 -36.22 4.81
C GLN B 915 27.35 -35.02 5.34
N TYR B 916 27.61 -34.57 6.56
CA TYR B 916 26.91 -33.42 7.14
C TYR B 916 27.89 -32.29 7.39
N TYR B 917 27.53 -31.09 6.96
CA TYR B 917 28.36 -29.92 7.17
C TYR B 917 27.98 -29.24 8.48
N TYR B 918 28.99 -28.83 9.24
CA TYR B 918 28.80 -28.18 10.53
C TYR B 918 29.58 -26.88 10.56
N SER B 919 28.93 -25.84 11.10
CA SER B 919 29.55 -24.54 11.28
C SER B 919 29.88 -24.34 12.75
N TYR B 920 31.13 -23.95 13.01
CA TYR B 920 31.63 -23.78 14.36
C TYR B 920 32.00 -22.32 14.58
N GLY B 921 31.50 -21.75 15.68
CA GLY B 921 31.92 -20.41 16.07
C GLY B 921 33.27 -20.42 16.74
N THR B 922 33.85 -19.23 16.88
CA THR B 922 35.18 -19.07 17.45
C THR B 922 35.07 -18.39 18.81
N TYR B 923 35.94 -18.80 19.73
CA TYR B 923 35.93 -18.29 21.09
C TYR B 923 37.35 -18.26 21.62
N VAL B 924 37.56 -17.49 22.69
CA VAL B 924 38.82 -17.46 23.41
C VAL B 924 38.54 -17.69 24.89
N VAL B 925 39.53 -18.23 25.59
CA VAL B 925 39.42 -18.54 27.01
C VAL B 925 40.55 -17.85 27.75
N SER B 926 40.21 -17.17 28.83
CA SER B 926 41.19 -16.51 29.70
C SER B 926 41.08 -17.14 31.09
N GLU B 927 42.06 -17.97 31.43
CA GLU B 927 42.01 -18.69 32.70
C GLU B 927 42.19 -17.76 33.89
N GLN B 928 43.00 -16.70 33.73
CA GLN B 928 43.31 -15.83 34.86
C GLN B 928 42.06 -15.15 35.40
N ARG B 929 41.17 -14.69 34.53
CA ARG B 929 39.94 -14.04 34.94
C ARG B 929 38.74 -14.99 34.94
N ASN B 930 38.95 -16.27 34.62
CA ASN B 930 37.87 -17.27 34.63
C ASN B 930 36.70 -16.82 33.77
N MET B 931 37.00 -16.55 32.50
CA MET B 931 36.11 -15.83 31.62
C MET B 931 36.23 -16.36 30.19
N ILE B 932 35.15 -16.26 29.43
CA ILE B 932 35.14 -16.67 28.03
C ILE B 932 34.58 -15.53 27.19
N THR B 933 35.15 -15.34 26.00
CA THR B 933 34.72 -14.32 25.06
C THR B 933 34.37 -15.01 23.73
N ILE B 934 33.07 -15.14 23.46
CA ILE B 934 32.64 -15.71 22.19
C ILE B 934 32.84 -14.67 21.09
N THR B 935 33.72 -14.98 20.15
CA THR B 935 34.07 -14.05 19.08
C THR B 935 33.30 -14.29 17.79
N GLU B 936 32.68 -15.46 17.62
CA GLU B 936 31.92 -15.73 16.41
C GLU B 936 30.90 -16.82 16.68
N LEU B 937 29.63 -16.50 16.44
CA LEU B 937 28.54 -17.45 16.54
C LEU B 937 28.47 -18.31 15.28
N PRO B 938 27.82 -19.47 15.35
CA PRO B 938 27.64 -20.30 14.15
C PRO B 938 26.85 -19.57 13.08
N LEU B 939 26.81 -20.18 11.90
CA LEU B 939 26.19 -19.55 10.74
C LEU B 939 24.70 -19.32 10.97
N ARG B 940 24.24 -18.12 10.61
CA ARG B 940 22.82 -17.76 10.63
C ARG B 940 22.19 -17.99 12.01
N VAL B 941 22.93 -17.66 13.06
CA VAL B 941 22.46 -17.77 14.43
C VAL B 941 22.31 -16.36 15.00
N PRO B 942 21.09 -15.90 15.28
CA PRO B 942 20.92 -14.58 15.88
C PRO B 942 21.56 -14.53 17.26
N THR B 943 22.07 -13.34 17.61
CA THR B 943 22.78 -13.18 18.88
C THR B 943 21.84 -13.30 20.06
N VAL B 944 20.70 -12.60 20.02
CA VAL B 944 19.77 -12.63 21.14
C VAL B 944 19.14 -14.01 21.27
N ALA B 945 18.84 -14.66 20.14
CA ALA B 945 18.31 -16.02 20.19
C ALA B 945 19.33 -16.97 20.81
N TYR B 946 20.59 -16.84 20.43
CA TYR B 946 21.62 -17.69 21.03
C TYR B 946 21.76 -17.44 22.52
N ILE B 947 21.72 -16.16 22.93
CA ILE B 947 21.87 -15.83 24.35
C ILE B 947 20.71 -16.39 25.15
N GLU B 948 19.48 -16.25 24.65
CA GLU B 948 18.35 -16.77 25.39
C GLU B 948 18.34 -18.30 25.39
N SER B 949 18.81 -18.93 24.31
CA SER B 949 18.92 -20.38 24.30
C SER B 949 19.93 -20.86 25.34
N ILE B 950 21.05 -20.15 25.47
CA ILE B 950 22.03 -20.49 26.50
C ILE B 950 21.43 -20.30 27.89
N LYS B 951 20.70 -19.19 28.09
CA LYS B 951 20.14 -18.90 29.40
C LYS B 951 19.05 -19.88 29.80
N LYS B 952 18.30 -20.41 28.82
CA LYS B 952 17.21 -21.32 29.15
C LYS B 952 17.73 -22.61 29.78
N SER B 953 18.84 -23.14 29.27
CA SER B 953 19.39 -24.39 29.77
C SER B 953 19.94 -24.19 31.19
N SER B 954 19.31 -24.86 32.16
CA SER B 954 19.72 -24.69 33.56
C SER B 954 21.12 -25.24 33.81
N ASN B 955 21.46 -26.36 33.15
CA ASN B 955 22.79 -26.95 33.36
C ASN B 955 23.90 -26.00 32.92
N ARG B 956 23.69 -25.31 31.79
CA ARG B 956 24.68 -24.34 31.34
C ARG B 956 24.84 -23.20 32.33
N MET B 957 23.74 -22.70 32.88
CA MET B 957 23.79 -21.60 33.83
C MET B 957 24.32 -22.03 35.19
N ALA B 958 24.46 -23.33 35.44
CA ALA B 958 25.03 -23.79 36.71
C ALA B 958 26.46 -23.33 36.89
N PHE B 959 27.18 -23.07 35.79
CA PHE B 959 28.55 -22.58 35.85
C PHE B 959 28.71 -21.15 35.38
N ILE B 960 27.77 -20.64 34.59
CA ILE B 960 27.85 -19.29 34.04
C ILE B 960 27.34 -18.30 35.07
N GLU B 961 28.22 -17.42 35.55
CA GLU B 961 27.80 -16.40 36.50
C GLU B 961 27.00 -15.30 35.81
N GLU B 962 27.46 -14.84 34.64
CA GLU B 962 26.77 -13.77 33.95
C GLU B 962 27.14 -13.77 32.47
N ILE B 963 26.29 -13.14 31.66
CA ILE B 963 26.52 -12.97 30.23
C ILE B 963 26.14 -11.54 29.86
N VAL B 964 27.02 -10.88 29.09
CA VAL B 964 26.71 -9.58 28.50
C VAL B 964 27.07 -9.64 27.03
N ASP B 965 26.54 -8.69 26.26
CA ASP B 965 26.69 -8.66 24.81
C ASP B 965 27.29 -7.31 24.41
N TYR B 966 28.61 -7.27 24.24
CA TYR B 966 29.31 -6.08 23.78
C TYR B 966 29.70 -6.18 22.31
N SER B 967 28.96 -6.97 21.55
CA SER B 967 29.28 -7.15 20.14
C SER B 967 29.06 -5.87 19.34
N SER B 968 29.82 -5.71 18.27
CA SER B 968 29.66 -4.57 17.39
C SER B 968 28.44 -4.78 16.49
N SER B 969 28.26 -3.86 15.53
CA SER B 969 27.11 -3.94 14.65
C SER B 969 27.15 -5.17 13.76
N GLU B 970 28.35 -5.62 13.37
CA GLU B 970 28.48 -6.77 12.49
C GLU B 970 29.34 -7.89 13.03
N THR B 971 30.20 -7.62 14.02
CA THR B 971 31.02 -8.66 14.64
C THR B 971 30.32 -9.17 15.89
N ILE B 972 30.85 -10.27 16.42
CA ILE B 972 30.30 -10.93 17.60
C ILE B 972 31.32 -10.86 18.71
N GLU B 973 30.89 -10.37 19.88
CA GLU B 973 31.73 -10.36 21.07
C GLU B 973 30.80 -10.52 22.28
N ILE B 974 30.63 -11.77 22.72
CA ILE B 974 29.75 -12.11 23.83
C ILE B 974 30.63 -12.41 25.03
N LEU B 975 30.46 -11.63 26.10
CA LEU B 975 31.33 -11.68 27.26
C LEU B 975 30.64 -12.50 28.33
N VAL B 976 31.11 -13.73 28.57
CA VAL B 976 30.51 -14.59 29.58
C VAL B 976 31.51 -14.79 30.71
N LYS B 977 31.03 -14.62 31.93
CA LYS B 977 31.84 -14.80 33.14
C LYS B 977 31.29 -15.98 33.90
N LEU B 978 32.17 -16.92 34.23
CA LEU B 978 31.79 -18.17 34.89
C LEU B 978 32.08 -18.10 36.39
N LYS B 979 31.47 -19.02 37.13
CA LYS B 979 31.72 -19.14 38.55
C LYS B 979 33.14 -19.66 38.80
N PRO B 980 33.67 -19.44 40.00
CA PRO B 980 35.03 -19.90 40.29
C PRO B 980 35.17 -21.41 40.13
N ASN B 981 36.37 -21.82 39.69
CA ASN B 981 36.73 -23.22 39.46
C ASN B 981 35.63 -23.99 38.72
N SER B 982 35.10 -23.38 37.67
CA SER B 982 34.07 -24.01 36.86
C SER B 982 34.59 -24.61 35.55
N LEU B 983 35.80 -24.22 35.12
CA LEU B 983 36.33 -24.73 33.86
C LEU B 983 36.56 -26.23 33.93
N SER B 984 37.11 -26.71 35.05
CA SER B 984 37.32 -28.15 35.21
C SER B 984 36.00 -28.89 35.23
N ARG B 985 34.99 -28.33 35.91
CA ARG B 985 33.67 -28.95 35.92
C ARG B 985 33.05 -28.98 34.53
N ILE B 986 33.25 -27.91 33.75
CA ILE B 986 32.77 -27.89 32.38
C ILE B 986 33.46 -28.96 31.56
N MET B 987 34.78 -29.10 31.72
CA MET B 987 35.54 -30.10 30.98
C MET B 987 35.06 -31.52 31.32
N GLU B 988 34.85 -31.80 32.60
CA GLU B 988 34.46 -33.15 33.01
C GLU B 988 33.00 -33.46 32.70
N GLU B 989 32.13 -32.45 32.70
CA GLU B 989 30.72 -32.68 32.44
C GLU B 989 30.43 -32.80 30.95
N PHE B 990 30.72 -31.74 30.20
CA PHE B 990 30.55 -31.75 28.75
C PHE B 990 31.76 -32.41 28.12
N LYS B 991 31.53 -33.44 27.30
CA LYS B 991 32.60 -34.24 26.73
C LYS B 991 32.71 -33.98 25.23
N GLU B 992 33.96 -33.98 24.75
CA GLU B 992 34.20 -33.80 23.32
C GLU B 992 33.85 -35.07 22.56
N THR B 993 33.31 -34.89 21.36
CA THR B 993 32.93 -36.01 20.50
C THR B 993 33.77 -36.07 19.23
N GLU B 994 34.98 -35.51 19.26
CA GLU B 994 35.93 -35.52 18.15
C GLU B 994 35.46 -34.59 17.05
N GLU B 995 34.23 -34.07 17.17
CA GLU B 995 33.69 -33.08 16.26
C GLU B 995 33.62 -31.70 16.89
N GLN B 996 33.10 -31.62 18.12
CA GLN B 996 33.10 -30.40 18.89
C GLN B 996 33.77 -30.67 20.23
N ASN B 997 34.58 -29.71 20.69
CA ASN B 997 35.26 -29.88 21.97
C ASN B 997 34.28 -29.62 23.11
N SER B 998 34.80 -29.69 24.34
CA SER B 998 33.95 -29.54 25.51
C SER B 998 33.31 -28.15 25.56
N ILE B 999 34.09 -27.12 25.26
CA ILE B 999 33.57 -25.76 25.36
C ILE B 999 32.49 -25.51 24.31
N GLU B 1000 32.72 -25.95 23.07
CA GLU B 1000 31.72 -25.73 22.02
C GLU B 1000 30.44 -26.48 22.33
N ASN B 1001 30.54 -27.71 22.83
CA ASN B 1001 29.35 -28.44 23.22
C ASN B 1001 28.63 -27.74 24.37
N PHE B 1002 29.39 -27.23 25.34
CA PHE B 1002 28.80 -26.51 26.46
C PHE B 1002 28.19 -25.18 26.01
N LEU B 1003 28.86 -24.47 25.11
CA LEU B 1003 28.41 -23.16 24.66
C LEU B 1003 27.53 -23.21 23.43
N ARG B 1004 27.19 -24.41 22.95
CA ARG B 1004 26.31 -24.57 21.77
C ARG B 1004 26.86 -23.82 20.56
N LEU B 1005 28.18 -23.91 20.36
CA LEU B 1005 28.85 -23.20 19.28
C LEU B 1005 28.95 -24.02 18.00
N ARG B 1006 28.06 -25.01 17.82
CA ARG B 1006 28.03 -25.82 16.62
C ARG B 1006 26.64 -25.79 16.02
N ASN B 1007 26.57 -25.68 14.70
CA ASN B 1007 25.31 -25.68 13.97
C ASN B 1007 25.39 -26.67 12.82
N CYS B 1008 24.28 -27.38 12.58
CA CYS B 1008 24.20 -28.36 11.51
C CYS B 1008 23.55 -27.71 10.29
N LEU B 1009 24.19 -27.87 9.13
CA LEU B 1009 23.70 -27.26 7.89
C LEU B 1009 22.73 -28.21 7.20
N HIS B 1010 21.59 -28.45 7.87
CA HIS B 1010 20.52 -29.24 7.29
C HIS B 1010 19.78 -28.41 6.26
N SER B 1011 19.75 -28.89 5.02
CA SER B 1011 19.15 -28.16 3.92
C SER B 1011 18.03 -28.98 3.30
N HIS B 1012 16.87 -28.36 3.14
CA HIS B 1012 15.73 -28.97 2.45
C HIS B 1012 15.58 -28.26 1.10
N LEU B 1013 15.69 -29.04 0.01
CA LEU B 1013 15.79 -28.49 -1.33
C LEU B 1013 14.50 -28.64 -2.12
N ASN B 1014 13.36 -28.44 -1.48
CA ASN B 1014 12.07 -28.45 -2.18
C ASN B 1014 11.86 -27.10 -2.85
N PHE B 1015 11.61 -27.11 -4.16
CA PHE B 1015 11.43 -25.90 -4.94
C PHE B 1015 10.18 -26.03 -5.80
N VAL B 1016 9.78 -24.92 -6.40
CA VAL B 1016 8.60 -24.85 -7.25
C VAL B 1016 9.05 -24.91 -8.71
N LYS B 1017 8.47 -25.83 -9.47
CA LYS B 1017 8.79 -25.92 -10.88
C LYS B 1017 8.28 -24.68 -11.62
N PRO B 1018 8.96 -24.26 -12.69
CA PRO B 1018 8.49 -23.11 -13.45
C PRO B 1018 7.10 -23.32 -14.06
N LYS B 1019 6.75 -24.55 -14.41
CA LYS B 1019 5.43 -24.83 -14.97
C LYS B 1019 4.34 -24.92 -13.90
N GLY B 1020 4.71 -25.10 -12.64
CA GLY B 1020 3.72 -25.12 -11.58
C GLY B 1020 3.95 -26.19 -10.52
N GLY B 1021 4.66 -27.26 -10.87
CA GLY B 1021 4.83 -28.38 -9.97
C GLY B 1021 5.84 -28.11 -8.87
N ILE B 1022 6.02 -29.12 -8.02
CA ILE B 1022 6.97 -29.08 -6.92
C ILE B 1022 8.03 -30.16 -7.18
N ILE B 1023 9.29 -29.77 -7.06
CA ILE B 1023 10.41 -30.69 -7.30
C ILE B 1023 11.30 -30.69 -6.07
N GLU B 1024 11.62 -31.88 -5.58
CA GLU B 1024 12.44 -32.04 -4.38
C GLU B 1024 13.82 -32.56 -4.80
N PHE B 1025 14.81 -31.70 -4.72
CA PHE B 1025 16.19 -32.08 -4.99
C PHE B 1025 16.84 -32.65 -3.74
N ASN B 1026 17.97 -33.33 -3.94
CA ASN B 1026 18.75 -33.86 -2.84
C ASN B 1026 20.17 -33.31 -2.79
N SER B 1027 20.55 -32.46 -3.74
CA SER B 1027 21.87 -31.84 -3.74
C SER B 1027 21.80 -30.56 -4.57
N TYR B 1028 22.76 -29.66 -4.32
CA TYR B 1028 22.83 -28.43 -5.10
C TYR B 1028 23.33 -28.68 -6.51
N TYR B 1029 24.07 -29.77 -6.73
CA TYR B 1029 24.59 -30.08 -8.05
C TYR B 1029 23.46 -30.26 -9.05
N GLU B 1030 22.42 -31.01 -8.67
CA GLU B 1030 21.30 -31.21 -9.59
C GLU B 1030 20.47 -29.95 -9.74
N ILE B 1031 20.42 -29.09 -8.72
CA ILE B 1031 19.75 -27.81 -8.87
C ILE B 1031 20.44 -26.97 -9.94
N LEU B 1032 21.78 -26.92 -9.88
CA LEU B 1032 22.52 -26.18 -10.90
C LEU B 1032 22.36 -26.83 -12.27
N TYR B 1033 22.37 -28.16 -12.31
CA TYR B 1033 22.20 -28.88 -13.58
C TYR B 1033 20.84 -28.63 -14.19
N ALA B 1034 19.81 -28.46 -13.36
CA ALA B 1034 18.48 -28.14 -13.87
C ALA B 1034 18.36 -26.67 -14.27
N TRP B 1035 19.08 -25.78 -13.58
CA TRP B 1035 19.00 -24.36 -13.92
C TRP B 1035 19.76 -24.05 -15.20
N LEU B 1036 20.83 -24.79 -15.50
CA LEU B 1036 21.64 -24.49 -16.67
C LEU B 1036 20.86 -24.50 -17.99
N PRO B 1037 20.07 -25.54 -18.32
CA PRO B 1037 19.38 -25.52 -19.61
C PRO B 1037 18.41 -24.37 -19.78
N TYR B 1038 17.76 -23.92 -18.70
CA TYR B 1038 16.85 -22.79 -18.82
C TYR B 1038 17.60 -21.53 -19.21
N ARG B 1039 18.75 -21.27 -18.59
CA ARG B 1039 19.55 -20.11 -18.95
C ARG B 1039 20.08 -20.23 -20.38
N ARG B 1040 20.52 -21.42 -20.77
CA ARG B 1040 21.01 -21.60 -22.14
C ARG B 1040 19.91 -21.36 -23.16
N ASP B 1041 18.71 -21.88 -22.90
CA ASP B 1041 17.59 -21.67 -23.81
C ASP B 1041 17.16 -20.22 -23.85
N LEU B 1042 17.22 -19.52 -22.71
CA LEU B 1042 16.91 -18.10 -22.72
C LEU B 1042 17.92 -17.32 -23.54
N TYR B 1043 19.21 -17.67 -23.43
CA TYR B 1043 20.22 -17.01 -24.25
C TYR B 1043 19.98 -17.28 -25.73
N GLN B 1044 19.66 -18.52 -26.08
CA GLN B 1044 19.37 -18.82 -27.48
C GLN B 1044 18.16 -18.06 -27.99
N LYS B 1045 17.09 -18.00 -27.17
CA LYS B 1045 15.89 -17.27 -27.58
C LYS B 1045 16.17 -15.79 -27.76
N ARG B 1046 16.94 -15.20 -26.84
CA ARG B 1046 17.30 -13.79 -26.99
C ARG B 1046 18.13 -13.57 -28.24
N LEU B 1047 19.00 -14.52 -28.58
CA LEU B 1047 19.82 -14.38 -29.78
C LEU B 1047 18.96 -14.42 -31.04
N MET B 1048 18.05 -15.39 -31.14
CA MET B 1048 17.19 -15.45 -32.32
C MET B 1048 16.27 -14.23 -32.41
N ARG B 1049 15.73 -13.78 -31.27
CA ARG B 1049 14.87 -12.61 -31.30
C ARG B 1049 15.65 -11.38 -31.74
N GLU B 1050 16.88 -11.22 -31.23
CA GLU B 1050 17.71 -10.10 -31.65
C GLU B 1050 18.05 -10.18 -33.13
N ARG B 1051 18.34 -11.38 -33.63
CA ARG B 1051 18.62 -11.53 -35.06
C ARG B 1051 17.43 -11.16 -35.91
N ALA B 1052 16.24 -11.61 -35.53
CA ALA B 1052 15.04 -11.27 -36.29
C ALA B 1052 14.75 -9.77 -36.24
N VAL B 1053 14.88 -9.17 -35.06
CA VAL B 1053 14.64 -7.74 -34.93
C VAL B 1053 15.65 -6.95 -35.77
N LEU B 1054 16.91 -7.38 -35.76
CA LEU B 1054 17.93 -6.71 -36.57
C LEU B 1054 17.64 -6.84 -38.05
N LYS B 1055 17.19 -8.02 -38.49
CA LYS B 1055 16.83 -8.20 -39.89
C LYS B 1055 15.68 -7.29 -40.28
N LEU B 1056 14.65 -7.22 -39.43
CA LEU B 1056 13.52 -6.34 -39.71
C LEU B 1056 13.95 -4.87 -39.75
N ARG B 1057 14.79 -4.47 -38.80
CA ARG B 1057 15.24 -3.08 -38.74
C ARG B 1057 16.07 -2.73 -39.95
N LEU B 1058 16.97 -3.61 -40.38
CA LEU B 1058 17.79 -3.31 -41.55
C LEU B 1058 16.93 -3.31 -42.82
N ILE B 1059 15.89 -4.16 -42.87
CA ILE B 1059 14.98 -4.12 -44.00
C ILE B 1059 14.27 -2.78 -44.08
N MET B 1060 13.76 -2.28 -42.95
CA MET B 1060 13.03 -1.01 -42.99
C MET B 1060 13.98 0.16 -43.23
N GLU B 1061 15.23 0.05 -42.74
CA GLU B 1061 16.22 1.08 -43.04
C GLU B 1061 16.58 1.09 -44.51
N THR B 1062 16.74 -0.08 -45.13
CA THR B 1062 16.99 -0.13 -46.57
C THR B 1062 15.82 0.46 -47.34
N ALA B 1063 14.60 0.18 -46.90
CA ALA B 1063 13.44 0.77 -47.55
C ALA B 1063 13.45 2.29 -47.44
N ILE B 1064 13.75 2.83 -46.26
CA ILE B 1064 13.69 4.28 -46.08
C ILE B 1064 14.81 4.96 -46.87
N VAL B 1065 16.00 4.34 -46.91
CA VAL B 1065 17.08 4.96 -47.67
C VAL B 1065 16.82 4.86 -49.17
N ARG B 1066 16.21 3.76 -49.63
CA ARG B 1066 15.92 3.65 -51.05
C ARG B 1066 14.78 4.58 -51.46
N TYR B 1067 13.90 4.93 -50.52
CA TYR B 1067 13.00 6.05 -50.76
C TYR B 1067 13.74 7.38 -50.76
N ILE B 1068 14.76 7.52 -49.91
CA ILE B 1068 15.45 8.79 -49.76
C ILE B 1068 16.21 9.16 -51.04
N ASN B 1069 16.98 8.22 -51.59
CA ASN B 1069 17.82 8.58 -52.73
C ASN B 1069 17.03 8.80 -54.01
N GLU B 1070 15.75 8.41 -54.05
CA GLU B 1070 14.88 8.73 -55.17
C GLU B 1070 13.72 9.63 -54.73
N SER B 1071 13.86 10.34 -53.62
CA SER B 1071 12.82 11.25 -53.17
C SER B 1071 12.56 12.36 -54.20
N ALA B 1072 13.54 12.66 -55.04
CA ALA B 1072 13.35 13.58 -56.14
C ALA B 1072 12.71 12.92 -57.36
N ASP B 1073 12.51 11.61 -57.33
CA ASP B 1073 11.87 10.88 -58.42
C ASP B 1073 10.40 10.59 -58.15
N LEU B 1074 10.05 10.19 -56.93
CA LEU B 1074 8.67 9.90 -56.59
C LEU B 1074 7.96 11.12 -56.01
N ASN B 1075 8.58 11.76 -55.02
CA ASN B 1075 8.10 13.02 -54.44
C ASN B 1075 6.68 12.87 -53.89
N LEU B 1076 6.52 11.98 -52.92
CA LEU B 1076 5.24 11.84 -52.23
C LEU B 1076 5.51 11.33 -50.81
N SER B 1077 5.53 12.26 -49.86
CA SER B 1077 5.48 11.95 -48.44
C SER B 1077 4.24 12.53 -47.78
N HIS B 1078 3.98 13.82 -47.98
CA HIS B 1078 2.72 14.43 -47.57
C HIS B 1078 2.20 15.40 -48.62
N TYR B 1079 2.79 15.45 -49.82
CA TYR B 1079 2.36 16.38 -50.85
C TYR B 1079 0.94 16.10 -51.30
N GLU B 1080 0.59 14.84 -51.51
CA GLU B 1080 -0.74 14.43 -51.92
C GLU B 1080 -1.49 13.82 -50.74
N ASP B 1081 -2.74 13.45 -50.97
CA ASP B 1081 -3.54 12.80 -49.93
C ASP B 1081 -2.92 11.46 -49.57
N GLU B 1082 -2.91 11.15 -48.28
CA GLU B 1082 -2.29 9.93 -47.79
C GLU B 1082 -3.25 8.75 -47.89
N LYS B 1083 -3.90 8.58 -49.04
CA LYS B 1083 -4.71 7.39 -49.29
C LYS B 1083 -4.39 6.81 -50.67
N GLU B 1084 -3.97 7.68 -51.59
CA GLU B 1084 -3.56 7.24 -52.91
C GLU B 1084 -2.07 6.90 -52.98
N ALA B 1085 -1.29 7.30 -51.98
CA ALA B 1085 0.13 6.99 -51.98
C ALA B 1085 0.36 5.48 -51.93
N GLY B 1086 -0.38 4.79 -51.06
CA GLY B 1086 -0.14 3.36 -50.85
C GLY B 1086 -0.14 2.57 -52.15
N ARG B 1087 -0.98 2.97 -53.11
CA ARG B 1087 -0.99 2.32 -54.42
C ARG B 1087 0.38 2.44 -55.09
N ILE B 1088 0.98 3.64 -55.06
CA ILE B 1088 2.23 3.82 -55.79
C ILE B 1088 3.41 3.25 -55.02
N LEU B 1089 3.40 3.28 -53.69
CA LEU B 1089 4.44 2.57 -52.96
C LEU B 1089 4.31 1.05 -53.12
N SER B 1090 3.10 0.54 -53.31
CA SER B 1090 2.95 -0.89 -53.59
C SER B 1090 3.35 -1.24 -55.01
N GLU B 1091 3.17 -0.32 -55.96
CA GLU B 1091 3.61 -0.56 -57.32
C GLU B 1091 5.12 -0.73 -57.40
N HIS B 1092 5.86 -0.12 -56.49
CA HIS B 1092 7.29 -0.31 -56.37
C HIS B 1092 7.57 -1.30 -55.23
N GLY B 1093 8.85 -1.59 -55.01
CA GLY B 1093 9.18 -2.55 -53.97
C GLY B 1093 9.44 -1.93 -52.61
N PHE B 1094 8.36 -1.79 -51.84
CA PHE B 1094 8.29 -1.32 -50.46
C PHE B 1094 7.32 -2.22 -49.70
N PRO B 1095 7.81 -3.19 -48.95
CA PRO B 1095 6.90 -4.12 -48.25
C PRO B 1095 6.20 -3.42 -47.10
N PRO B 1096 4.93 -3.70 -46.86
CA PRO B 1096 4.25 -3.14 -45.69
C PRO B 1096 4.97 -3.56 -44.40
N LEU B 1097 5.09 -2.62 -43.47
CA LEU B 1097 5.76 -2.86 -42.20
C LEU B 1097 4.95 -2.25 -41.07
N ASN B 1098 5.14 -2.80 -39.87
CA ASN B 1098 4.42 -2.38 -38.68
C ASN B 1098 5.37 -1.55 -37.82
N GLN B 1099 5.19 -0.24 -37.83
CA GLN B 1099 5.97 0.62 -36.96
C GLN B 1099 5.52 0.46 -35.51
N SER B 1100 6.41 0.82 -34.59
CA SER B 1100 6.30 0.63 -33.14
C SER B 1100 6.40 -0.84 -32.76
N LEU B 1101 6.48 -1.76 -33.73
CA LEU B 1101 6.79 -3.15 -33.48
C LEU B 1101 8.20 -3.52 -33.91
N ILE B 1102 8.65 -3.03 -35.06
CA ILE B 1102 10.06 -3.15 -35.44
C ILE B 1102 10.89 -2.07 -34.77
N THR B 1103 10.33 -0.87 -34.60
CA THR B 1103 11.05 0.21 -33.93
C THR B 1103 11.33 -0.13 -32.47
N SER B 1104 10.36 -0.73 -31.79
CA SER B 1104 10.53 -1.06 -30.38
C SER B 1104 9.65 -2.24 -29.99
N PRO B 1105 10.08 -3.47 -30.27
CA PRO B 1105 9.29 -4.65 -29.85
C PRO B 1105 9.39 -4.85 -28.35
N GLU B 1106 8.26 -4.75 -27.67
CA GLU B 1106 8.26 -4.87 -26.21
C GLU B 1106 8.28 -6.34 -25.79
N PHE B 1107 7.22 -7.09 -26.13
CA PHE B 1107 7.11 -8.49 -25.76
C PHE B 1107 6.74 -9.34 -26.97
N ALA B 1108 7.16 -8.92 -28.16
CA ALA B 1108 6.81 -9.62 -29.38
C ALA B 1108 7.53 -10.96 -29.45
N THR B 1109 6.78 -12.04 -29.27
CA THR B 1109 7.36 -13.37 -29.43
C THR B 1109 7.74 -13.61 -30.89
N ILE B 1110 8.65 -14.56 -31.09
CA ILE B 1110 9.38 -14.66 -32.37
C ILE B 1110 8.42 -14.92 -33.53
N GLU B 1111 7.52 -15.89 -33.38
CA GLU B 1111 6.63 -16.22 -34.49
C GLU B 1111 5.61 -15.10 -34.74
N GLU B 1112 5.06 -14.51 -33.67
CA GLU B 1112 4.15 -13.39 -33.85
C GLU B 1112 4.90 -12.18 -34.40
N LEU B 1113 6.13 -11.96 -33.92
CA LEU B 1113 6.92 -10.83 -34.41
C LEU B 1113 7.18 -10.94 -35.91
N ASN B 1114 7.55 -12.13 -36.38
CA ASN B 1114 7.78 -12.29 -37.81
C ASN B 1114 6.49 -12.45 -38.61
N GLN B 1115 5.37 -12.69 -37.94
CA GLN B 1115 4.11 -12.80 -38.67
C GLN B 1115 3.46 -11.44 -38.89
N LYS B 1116 3.26 -10.66 -37.83
CA LYS B 1116 2.51 -9.42 -37.91
C LYS B 1116 3.39 -8.20 -38.18
N ALA B 1117 4.69 -8.40 -38.40
CA ALA B 1117 5.54 -7.28 -38.78
C ALA B 1117 5.13 -6.70 -40.13
N LEU B 1118 4.79 -7.57 -41.08
CA LEU B 1118 4.29 -7.13 -42.37
C LEU B 1118 2.83 -6.74 -42.24
N GLN B 1119 2.14 -6.61 -43.38
CA GLN B 1119 0.74 -6.19 -43.49
C GLN B 1119 0.39 -5.04 -42.54
N GLY B 1120 1.30 -4.09 -42.36
CA GLY B 1120 1.03 -2.92 -41.57
C GLY B 1120 0.61 -1.75 -42.41
N CYS B 1121 1.45 -0.71 -42.48
CA CYS B 1121 1.20 0.43 -43.35
C CYS B 1121 2.52 1.14 -43.62
N TYR B 1122 2.45 2.21 -44.41
CA TYR B 1122 3.62 2.92 -44.87
C TYR B 1122 3.94 4.16 -44.02
N THR B 1123 3.60 4.13 -42.73
CA THR B 1123 3.88 5.28 -41.87
C THR B 1123 5.38 5.56 -41.75
N TYR B 1124 6.22 4.54 -41.91
CA TYR B 1124 7.65 4.76 -41.88
C TYR B 1124 8.13 5.58 -43.07
N ILE B 1125 7.36 5.63 -44.16
CA ILE B 1125 7.66 6.48 -45.29
C ILE B 1125 6.67 7.63 -45.44
N LEU B 1126 5.38 7.38 -45.18
CA LEU B 1126 4.39 8.45 -45.34
C LEU B 1126 4.55 9.53 -44.28
N SER B 1127 4.93 9.15 -43.06
CA SER B 1127 4.99 10.07 -41.93
C SER B 1127 6.41 10.36 -41.47
N LEU B 1128 7.35 10.41 -42.40
CA LEU B 1128 8.70 10.83 -42.04
C LEU B 1128 8.79 12.35 -42.04
N GLN B 1129 9.88 12.85 -41.44
CA GLN B 1129 10.11 14.28 -41.35
C GLN B 1129 10.99 14.76 -42.50
N ALA B 1130 10.98 16.07 -42.72
CA ALA B 1130 11.84 16.67 -43.73
C ALA B 1130 13.31 16.58 -43.35
N ARG B 1131 13.61 16.28 -42.09
CA ARG B 1131 15.00 16.18 -41.66
C ARG B 1131 15.75 15.13 -42.45
N GLU B 1132 15.07 14.07 -42.87
CA GLU B 1132 15.66 13.00 -43.65
C GLU B 1132 16.03 13.42 -45.07
N LEU B 1133 15.56 14.58 -45.53
CA LEU B 1133 15.82 15.01 -46.90
C LEU B 1133 17.30 15.25 -47.18
N LEU B 1134 18.02 15.88 -46.25
CA LEU B 1134 19.41 16.24 -46.50
C LEU B 1134 20.34 15.02 -46.41
N ILE B 1135 21.54 15.16 -46.96
CA ILE B 1135 22.45 14.03 -47.16
C ILE B 1135 23.05 13.57 -45.83
N ALA B 1136 23.13 14.46 -44.84
CA ALA B 1136 23.66 14.06 -43.54
C ALA B 1136 22.81 12.97 -42.90
N ALA B 1137 21.49 13.09 -43.02
CA ALA B 1137 20.61 12.03 -42.56
C ALA B 1137 20.86 10.74 -43.31
N LYS B 1138 21.11 10.83 -44.62
CA LYS B 1138 21.38 9.63 -45.41
C LYS B 1138 22.66 8.94 -44.96
N THR B 1139 23.73 9.71 -44.69
CA THR B 1139 24.97 9.08 -44.27
C THR B 1139 24.85 8.54 -42.84
N ARG B 1140 24.07 9.19 -41.98
CA ARG B 1140 23.79 8.62 -40.67
C ARG B 1140 23.03 7.30 -40.81
N ARG B 1141 22.06 7.25 -41.74
CA ARG B 1141 21.34 6.01 -41.98
C ARG B 1141 22.27 4.93 -42.49
N VAL B 1142 23.20 5.26 -43.38
CA VAL B 1142 24.07 4.26 -43.97
C VAL B 1142 25.06 3.73 -42.94
N GLU B 1143 25.58 4.61 -42.06
CA GLU B 1143 26.44 4.10 -41.00
C GLU B 1143 25.64 3.28 -40.00
N LYS B 1144 24.38 3.65 -39.75
CA LYS B 1144 23.54 2.84 -38.88
C LYS B 1144 23.32 1.46 -39.45
N ILE B 1145 23.03 1.37 -40.76
CA ILE B 1145 22.75 0.07 -41.37
C ILE B 1145 24.02 -0.78 -41.41
N LYS B 1146 25.18 -0.16 -41.65
CA LYS B 1146 26.40 -0.96 -41.57
C LYS B 1146 26.67 -1.43 -40.15
N LYS B 1147 26.30 -0.61 -39.15
CA LYS B 1147 26.44 -1.05 -37.76
C LYS B 1147 25.56 -2.24 -37.46
N MET B 1148 24.29 -2.20 -37.89
CA MET B 1148 23.42 -3.34 -37.61
C MET B 1148 23.78 -4.56 -38.46
N GLN B 1149 24.37 -4.35 -39.65
CA GLN B 1149 24.87 -5.49 -40.41
C GLN B 1149 26.03 -6.17 -39.69
N ALA B 1150 26.94 -5.37 -39.12
CA ALA B 1150 28.01 -5.94 -38.32
C ALA B 1150 27.46 -6.66 -37.10
N ARG B 1151 26.46 -6.07 -36.44
CA ARG B 1151 25.84 -6.73 -35.29
C ARG B 1151 25.15 -8.03 -35.71
N LEU B 1152 24.52 -8.04 -36.88
CA LEU B 1152 23.83 -9.23 -37.36
C LEU B 1152 24.82 -10.36 -37.65
N ASP B 1153 25.94 -10.04 -38.29
CA ASP B 1153 26.93 -11.08 -38.53
C ASP B 1153 27.57 -11.55 -37.21
N LYS B 1154 27.75 -10.62 -36.26
CA LYS B 1154 28.29 -11.00 -34.96
C LYS B 1154 27.35 -11.95 -34.23
N VAL B 1155 26.04 -11.69 -34.28
CA VAL B 1155 25.11 -12.59 -33.61
C VAL B 1155 24.89 -13.88 -34.40
N GLU B 1156 25.10 -13.85 -35.72
CA GLU B 1156 25.03 -15.09 -36.49
C GLU B 1156 26.19 -16.01 -36.15
N GLN B 1157 27.40 -15.46 -36.05
CA GLN B 1157 28.53 -16.27 -35.60
C GLN B 1157 28.46 -16.57 -34.11
N LEU B 1158 27.70 -15.77 -33.35
CA LEU B 1158 27.43 -16.11 -31.96
C LEU B 1158 26.59 -17.38 -31.86
N LEU B 1159 25.67 -17.57 -32.80
CA LEU B 1159 24.94 -18.82 -32.89
C LEU B 1159 25.87 -19.94 -33.36
N GLN B 1160 25.34 -21.16 -33.35
CA GLN B 1160 26.05 -22.38 -33.75
C GLN B 1160 27.45 -22.45 -33.15
N GLU B 1161 27.61 -21.91 -31.94
CA GLU B 1161 28.89 -22.01 -31.25
C GLU B 1161 29.10 -23.43 -30.73
N SER B 1162 30.33 -23.71 -30.31
CA SER B 1162 30.69 -25.08 -29.94
C SER B 1162 29.85 -25.64 -28.79
N PRO B 1163 29.72 -24.97 -27.63
CA PRO B 1163 28.86 -25.53 -26.58
C PRO B 1163 27.38 -25.39 -26.92
N PHE B 1164 27.00 -24.18 -27.32
CA PHE B 1164 25.63 -23.81 -27.66
C PHE B 1164 25.64 -22.37 -28.17
N PRO B 1165 24.59 -21.93 -28.87
CA PRO B 1165 24.54 -20.53 -29.27
C PRO B 1165 24.57 -19.59 -28.07
N GLY B 1166 25.23 -18.45 -28.24
CA GLY B 1166 25.29 -17.44 -27.19
C GLY B 1166 26.06 -17.84 -25.95
N ALA B 1167 27.23 -18.46 -26.13
CA ALA B 1167 28.08 -18.81 -24.99
C ALA B 1167 29.05 -17.68 -24.63
N SER B 1168 29.60 -17.00 -25.63
CA SER B 1168 30.53 -15.91 -25.37
C SER B 1168 29.84 -14.76 -24.63
N VAL B 1169 28.62 -14.42 -25.05
CA VAL B 1169 27.87 -13.37 -24.37
C VAL B 1169 27.56 -13.79 -22.93
N TRP B 1170 27.26 -15.08 -22.73
CA TRP B 1170 27.05 -15.58 -21.37
C TRP B 1170 28.31 -15.42 -20.52
N LEU B 1171 29.48 -15.71 -21.10
CA LEU B 1171 30.72 -15.54 -20.36
C LEU B 1171 30.96 -14.06 -20.01
N GLU B 1172 30.67 -13.16 -20.95
CA GLU B 1172 30.83 -11.74 -20.68
C GLU B 1172 29.90 -11.28 -19.56
N GLU B 1173 28.64 -11.75 -19.59
CA GLU B 1173 27.71 -11.40 -18.52
C GLU B 1173 28.15 -11.98 -17.18
N ILE B 1174 28.72 -13.18 -17.20
CA ILE B 1174 29.24 -13.76 -15.96
C ILE B 1174 30.36 -12.90 -15.41
N ASP B 1175 31.28 -12.47 -16.27
CA ASP B 1175 32.37 -11.61 -15.81
C ASP B 1175 31.84 -10.29 -15.27
N ALA B 1176 30.85 -9.70 -15.94
CA ALA B 1176 30.29 -8.43 -15.48
C ALA B 1176 29.60 -8.59 -14.13
N VAL B 1177 28.83 -9.67 -13.94
CA VAL B 1177 28.15 -9.85 -12.67
C VAL B 1177 29.14 -10.19 -11.57
N GLU B 1178 30.23 -10.88 -11.89
CA GLU B 1178 31.28 -11.12 -10.89
C GLU B 1178 31.93 -9.82 -10.46
N LYS B 1179 32.21 -8.93 -11.43
CA LYS B 1179 32.77 -7.63 -11.08
C LYS B 1179 31.79 -6.83 -10.22
N ALA B 1180 30.50 -6.87 -10.56
CA ALA B 1180 29.51 -6.15 -9.76
C ALA B 1180 29.43 -6.71 -8.35
N ILE B 1181 29.47 -8.03 -8.20
CA ILE B 1181 29.42 -8.65 -6.88
C ILE B 1181 30.65 -8.26 -6.06
N ILE B 1182 31.83 -8.27 -6.70
CA ILE B 1182 33.05 -7.88 -5.99
C ILE B 1182 32.97 -6.44 -5.55
N LYS B 1183 32.49 -5.55 -6.43
CA LYS B 1183 32.37 -4.14 -6.07
C LYS B 1183 31.39 -3.94 -4.92
N GLY B 1184 30.27 -4.66 -4.94
CA GLY B 1184 29.32 -4.56 -3.85
C GLY B 1184 29.88 -5.07 -2.54
N ARG B 1185 30.63 -6.17 -2.60
CA ARG B 1185 31.24 -6.71 -1.39
C ARG B 1185 32.30 -5.76 -0.84
N ASN B 1186 33.01 -5.06 -1.71
CA ASN B 1186 34.02 -4.10 -1.24
C ASN B 1186 33.38 -2.95 -0.48
N THR B 1187 32.23 -2.46 -0.95
CA THR B 1187 31.58 -1.29 -0.37
C THR B 1187 30.39 -1.65 0.51
N GLN B 1188 30.38 -2.86 1.09
CA GLN B 1188 29.33 -3.31 1.99
C GLN B 1188 27.94 -3.21 1.32
N TRP B 1189 27.89 -3.54 0.03
CA TRP B 1189 26.66 -3.48 -0.76
C TRP B 1189 26.02 -2.10 -0.70
N LYS B 1190 26.85 -1.07 -0.80
CA LYS B 1190 26.38 0.31 -0.88
C LYS B 1190 26.69 0.98 -2.21
N PHE B 1191 27.77 0.58 -2.88
CA PHE B 1191 28.16 1.16 -4.17
C PHE B 1191 28.32 2.67 -4.09
N HIS B 1192 28.84 3.14 -2.95
CA HIS B 1192 29.04 4.56 -2.68
C HIS B 1192 27.74 5.36 -2.83
#